data_4RZ8
#
_entry.id   4RZ8
#
_cell.length_a   113.621
_cell.length_b   68.842
_cell.length_c   116.192
_cell.angle_alpha   90.00
_cell.angle_beta   110.59
_cell.angle_gamma   90.00
#
_symmetry.space_group_name_H-M   'P 1 21 1'
#
loop_
_entity.id
_entity.type
_entity.pdbx_description
1 polymer 'Envelope glycoprotein gp120'
2 non-polymer 2-acetamido-2-deoxy-beta-D-glucopyranose
3 non-polymer 5-(4-chlorophenyl)-N-{(S)-[5-(hydroxymethyl)-4-methyl-1,3-thiazol-2-yl][(2R)-piperidin-2-yl]methyl}-1H-pyrrole-2-carboxamide
4 non-polymer '4-(2-HYDROXYETHYL)-1-PIPERAZINE ETHANESULFONIC ACID'
5 water water
#
_entity_poly.entity_id   1
_entity_poly.type   'polypeptide(L)'
_entity_poly.pdbx_seq_one_letter_code
;VWKDADTTLFCASDAKAHETEVHNVWATHACVPTDPNPQEIHLENVTENFNMWKNNMVEQMQEDVISLWDQSLQPCVKLT
GGSVIKQACPKISFDPIPIHYCTPAGYVILKCNDKNFNGTGPCKNVSSVQCTHGIKPVVSTQLLLNGSLAEEEIIIRSEN
LTNNAKTIIVHLNKSVEINCTRPSNGGSGSGGDIRKAYCEINGTKWNKVLKQVTEKLKEHFNNKTIIFQPPSGGDLEITM
HSFNCRGEFFYCNTTQLFNNTCIGNETMKGCNGTITLPCKIKQIINMWQGTGQAMYAPPIDGKINCVSNITGILLTRDGG
ANNTSNETFRPGGGNIKDNWRSELYKYKVVQIE
;
_entity_poly.pdbx_strand_id   A,B,C,D
#
loop_
_chem_comp.id
_chem_comp.type
_chem_comp.name
_chem_comp.formula
3ZM non-polymer 5-(4-chlorophenyl)-N-{(S)-[5-(hydroxymethyl)-4-methyl-1,3-thiazol-2-yl][(2R)-piperidin-2-yl]methyl}-1H-pyrrole-2-carboxamide 'C22 H25 Cl N4 O2 S'
EPE non-polymer '4-(2-HYDROXYETHYL)-1-PIPERAZINE ETHANESULFONIC ACID' 'C8 H18 N2 O4 S'
NAG D-saccharide, beta linking 2-acetamido-2-deoxy-beta-D-glucopyranose 'C8 H15 N O6'
#
# COMPACT_ATOMS: atom_id res chain seq x y z
N VAL A 1 7.41 35.33 -56.80
CA VAL A 1 7.45 33.98 -57.32
C VAL A 1 7.72 32.98 -56.21
N TRP A 2 6.82 32.95 -55.22
CA TRP A 2 6.95 32.03 -54.10
C TRP A 2 5.58 31.64 -53.55
N LYS A 3 5.53 30.53 -52.82
CA LYS A 3 4.29 30.03 -52.25
C LYS A 3 4.50 29.53 -50.82
N ASP A 4 3.45 29.57 -50.02
CA ASP A 4 3.51 29.08 -48.64
C ASP A 4 3.73 27.57 -48.63
N ALA A 5 4.71 27.13 -47.86
CA ALA A 5 5.04 25.71 -47.80
C ALA A 5 5.71 25.34 -46.48
N ASP A 6 5.76 24.04 -46.20
CA ASP A 6 6.43 23.53 -45.01
C ASP A 6 7.57 22.60 -45.39
N THR A 7 8.66 22.65 -44.64
CA THR A 7 9.81 21.81 -44.92
C THR A 7 10.66 21.59 -43.68
N THR A 8 11.68 20.74 -43.82
CA THR A 8 12.57 20.42 -42.71
C THR A 8 13.54 21.57 -42.42
N LEU A 9 13.32 22.26 -41.31
CA LEU A 9 14.21 23.35 -40.90
C LEU A 9 15.42 22.81 -40.16
N PHE A 10 16.46 23.63 -40.05
CA PHE A 10 17.62 23.29 -39.24
C PHE A 10 17.92 24.44 -38.27
N CYS A 11 18.58 24.11 -37.17
CA CYS A 11 18.83 25.11 -36.13
C CYS A 11 20.30 25.54 -36.10
N ALA A 12 20.53 26.76 -35.61
CA ALA A 12 21.87 27.29 -35.46
C ALA A 12 22.02 27.97 -34.10
N SER A 13 23.22 27.91 -33.53
CA SER A 13 23.47 28.50 -32.23
C SER A 13 24.95 28.74 -31.99
N ASP A 14 25.27 29.33 -30.84
CA ASP A 14 26.66 29.57 -30.45
C ASP A 14 27.05 28.69 -29.28
N ALA A 15 26.52 27.47 -29.25
CA ALA A 15 26.77 26.54 -28.15
C ALA A 15 28.23 26.12 -28.08
N LYS A 16 28.72 25.89 -26.87
CA LYS A 16 30.08 25.41 -26.67
C LYS A 16 30.11 23.90 -26.57
N ALA A 17 31.06 23.27 -27.24
CA ALA A 17 31.14 21.82 -27.30
C ALA A 17 31.72 21.23 -26.01
N HIS A 18 32.36 22.07 -25.21
CA HIS A 18 33.04 21.61 -24.00
C HIS A 18 32.12 21.63 -22.77
N GLU A 19 31.01 22.37 -22.87
CA GLU A 19 30.11 22.55 -21.74
C GLU A 19 29.30 21.29 -21.43
N THR A 20 28.85 21.18 -20.19
CA THR A 20 28.00 20.09 -19.76
C THR A 20 26.55 20.54 -19.67
N GLU A 21 26.33 21.84 -19.89
CA GLU A 21 24.98 22.40 -19.89
C GLU A 21 24.15 21.76 -20.99
N VAL A 22 22.95 21.30 -20.61
CA VAL A 22 22.13 20.47 -21.50
C VAL A 22 21.77 21.14 -22.82
N HIS A 23 21.44 22.44 -22.78
CA HIS A 23 21.09 23.15 -23.99
C HIS A 23 22.28 23.27 -24.93
N ASN A 24 23.45 23.55 -24.36
CA ASN A 24 24.68 23.60 -25.15
C ASN A 24 25.04 22.24 -25.73
N VAL A 25 24.83 21.20 -24.94
CA VAL A 25 25.13 19.84 -25.38
C VAL A 25 24.25 19.42 -26.55
N TRP A 26 22.94 19.68 -26.43
CA TRP A 26 21.99 19.33 -27.47
C TRP A 26 22.27 20.11 -28.76
N ALA A 27 22.49 21.41 -28.62
CA ALA A 27 22.72 22.27 -29.78
C ALA A 27 24.03 21.94 -30.48
N THR A 28 24.97 21.38 -29.73
CA THR A 28 26.28 21.04 -30.28
C THR A 28 26.19 19.92 -31.33
N HIS A 29 25.28 18.97 -31.11
CA HIS A 29 25.15 17.84 -32.03
C HIS A 29 23.92 17.96 -32.92
N ALA A 30 23.02 18.89 -32.59
CA ALA A 30 21.76 19.02 -33.30
C ALA A 30 21.73 20.26 -34.19
N CYS A 31 22.57 21.25 -33.87
CA CYS A 31 22.57 22.52 -34.59
C CYS A 31 23.92 22.81 -35.24
N VAL A 32 23.92 23.78 -36.16
CA VAL A 32 25.15 24.24 -36.78
C VAL A 32 25.52 25.62 -36.25
N PRO A 33 26.76 26.07 -36.53
CA PRO A 33 27.21 27.39 -36.11
C PRO A 33 26.36 28.51 -36.70
N THR A 34 26.22 29.61 -35.97
CA THR A 34 25.43 30.74 -36.43
C THR A 34 26.17 31.52 -37.53
N ASP A 35 25.41 32.12 -38.44
CA ASP A 35 25.98 32.93 -39.50
C ASP A 35 26.58 34.22 -38.93
N PRO A 36 27.86 34.48 -39.24
CA PRO A 36 28.56 35.68 -38.77
C PRO A 36 27.88 36.97 -39.21
N ASN A 37 27.55 37.06 -40.50
CA ASN A 37 26.87 38.22 -41.03
C ASN A 37 25.67 37.85 -41.90
N PRO A 38 24.52 37.59 -41.26
CA PRO A 38 23.28 37.23 -41.96
C PRO A 38 22.72 38.38 -42.78
N GLN A 39 22.09 38.07 -43.91
CA GLN A 39 21.53 39.08 -44.78
C GLN A 39 20.01 39.17 -44.65
N GLU A 40 19.49 40.38 -44.76
CA GLU A 40 18.05 40.60 -44.74
C GLU A 40 17.63 41.50 -45.89
N ILE A 41 16.66 41.04 -46.67
CA ILE A 41 16.21 41.78 -47.85
C ILE A 41 14.76 42.21 -47.73
N HIS A 42 14.53 43.52 -47.72
CA HIS A 42 13.19 44.07 -47.67
C HIS A 42 12.52 44.04 -49.04
N LEU A 43 11.45 43.26 -49.16
CA LEU A 43 10.75 43.11 -50.42
C LEU A 43 9.96 44.37 -50.76
N GLU A 44 10.17 44.90 -51.95
CA GLU A 44 9.53 46.15 -52.38
C GLU A 44 8.05 45.98 -52.65
N ASN A 45 7.22 46.71 -51.90
CA ASN A 45 5.77 46.73 -52.12
C ASN A 45 5.12 45.36 -51.97
N VAL A 46 5.84 44.41 -51.39
CA VAL A 46 5.32 43.05 -51.23
C VAL A 46 4.45 42.93 -49.99
N THR A 47 3.24 42.40 -50.18
CA THR A 47 2.33 42.16 -49.06
C THR A 47 2.05 40.68 -48.90
N GLU A 48 2.11 40.20 -47.67
CA GLU A 48 1.88 38.79 -47.37
C GLU A 48 0.98 38.61 -46.16
N ASN A 49 0.28 37.48 -46.13
CA ASN A 49 -0.57 37.15 -44.99
C ASN A 49 0.14 36.22 -44.03
N PHE A 50 -0.06 36.43 -42.73
CA PHE A 50 0.57 35.60 -41.71
C PHE A 50 -0.45 34.98 -40.78
N ASN A 51 -0.10 33.84 -40.20
CA ASN A 51 -0.96 33.17 -39.23
C ASN A 51 -0.14 32.43 -38.18
N MET A 52 0.14 33.11 -37.07
CA MET A 52 0.95 32.56 -36.00
C MET A 52 0.31 31.33 -35.36
N TRP A 53 -0.99 31.16 -35.58
CA TRP A 53 -1.72 30.05 -34.99
C TRP A 53 -1.72 28.84 -35.91
N LYS A 54 -1.32 29.05 -37.16
CA LYS A 54 -1.19 27.98 -38.13
C LYS A 54 0.18 28.01 -38.79
N ASN A 55 1.22 27.83 -37.98
CA ASN A 55 2.59 27.89 -38.45
C ASN A 55 3.36 26.63 -38.08
N ASN A 56 3.80 25.90 -39.09
CA ASN A 56 4.51 24.64 -38.89
C ASN A 56 5.86 24.85 -38.17
N MET A 57 6.35 26.08 -38.19
CA MET A 57 7.58 26.42 -37.49
C MET A 57 7.42 26.18 -36.00
N VAL A 58 6.21 26.39 -35.49
CA VAL A 58 5.92 26.19 -34.08
C VAL A 58 6.01 24.72 -33.70
N GLU A 59 5.44 23.86 -34.54
CA GLU A 59 5.48 22.43 -34.30
C GLU A 59 6.91 21.88 -34.33
N GLN A 60 7.73 22.42 -35.23
CA GLN A 60 9.11 21.97 -35.37
C GLN A 60 9.95 22.35 -34.15
N MET A 61 9.73 23.56 -33.64
CA MET A 61 10.43 23.99 -32.42
C MET A 61 9.94 23.17 -31.24
N GLN A 62 8.64 22.89 -31.21
CA GLN A 62 8.05 22.05 -30.17
C GLN A 62 8.73 20.69 -30.11
N GLU A 63 8.95 20.09 -31.28
CA GLU A 63 9.56 18.78 -31.38
C GLU A 63 11.03 18.80 -30.92
N ASP A 64 11.71 19.92 -31.20
CA ASP A 64 13.09 20.08 -30.76
C ASP A 64 13.20 20.17 -29.24
N VAL A 65 12.34 21.00 -28.65
CA VAL A 65 12.35 21.18 -27.20
C VAL A 65 11.99 19.89 -26.48
N ILE A 66 11.01 19.17 -27.03
CA ILE A 66 10.62 17.88 -26.47
C ILE A 66 11.79 16.90 -26.55
N SER A 67 12.52 16.95 -27.66
CA SER A 67 13.69 16.10 -27.85
C SER A 67 14.77 16.42 -26.81
N LEU A 68 15.03 17.71 -26.62
CA LEU A 68 16.05 18.16 -25.67
C LEU A 68 15.68 17.77 -24.24
N TRP A 69 14.42 17.98 -23.89
CA TRP A 69 13.94 17.67 -22.54
C TRP A 69 13.95 16.18 -22.25
N ASP A 70 13.63 15.38 -23.26
CA ASP A 70 13.60 13.92 -23.10
C ASP A 70 15.01 13.35 -22.92
N GLN A 71 16.00 14.06 -23.44
CA GLN A 71 17.38 13.61 -23.36
C GLN A 71 18.10 14.13 -22.11
N SER A 72 17.67 15.30 -21.64
CA SER A 72 18.38 16.00 -20.57
C SER A 72 17.65 15.93 -19.23
N LEU A 73 16.34 16.13 -19.27
CA LEU A 73 15.55 16.19 -18.04
C LEU A 73 14.78 14.89 -17.79
N GLN A 74 15.50 13.85 -17.40
CA GLN A 74 14.91 12.56 -17.11
C GLN A 74 14.62 12.42 -15.61
N PRO A 75 13.36 12.11 -15.27
CA PRO A 75 12.93 12.00 -13.87
C PRO A 75 13.36 10.70 -13.20
N CYS A 76 13.27 10.66 -11.87
CA CYS A 76 13.59 9.45 -11.12
C CYS A 76 12.56 8.37 -11.38
N VAL A 77 11.30 8.77 -11.38
CA VAL A 77 10.20 7.85 -11.64
C VAL A 77 9.29 8.41 -12.73
N LYS A 78 8.91 7.57 -13.69
CA LYS A 78 8.08 8.01 -14.80
C LYS A 78 6.83 7.15 -14.94
N LEU A 79 5.74 7.77 -15.38
CA LEU A 79 4.47 7.09 -15.53
C LEU A 79 3.79 7.43 -16.85
N THR A 80 4.02 6.62 -17.86
CA THR A 80 3.44 6.86 -19.19
C THR A 80 3.06 5.56 -19.88
N GLY A 81 1.82 5.50 -20.37
CA GLY A 81 1.34 4.33 -21.07
C GLY A 81 1.05 3.17 -20.15
N GLY A 82 0.71 3.47 -18.90
CA GLY A 82 0.42 2.45 -17.91
C GLY A 82 1.65 1.62 -17.57
N SER A 83 2.80 2.27 -17.55
CA SER A 83 4.05 1.60 -17.26
C SER A 83 4.95 2.43 -16.35
N VAL A 84 5.18 1.95 -15.14
CA VAL A 84 6.06 2.62 -14.19
C VAL A 84 7.52 2.30 -14.52
N ILE A 85 8.34 3.35 -14.62
CA ILE A 85 9.73 3.17 -14.99
C ILE A 85 10.68 3.92 -14.06
N LYS A 86 11.53 3.17 -13.36
CA LYS A 86 12.56 3.76 -12.53
C LYS A 86 13.86 3.91 -13.30
N GLN A 87 14.64 4.93 -12.96
CA GLN A 87 15.92 5.17 -13.62
C GLN A 87 16.74 6.24 -12.91
N ALA A 88 17.97 6.42 -13.35
CA ALA A 88 18.86 7.42 -12.77
C ALA A 88 18.34 8.83 -13.04
N CYS A 89 18.51 9.71 -12.05
CA CYS A 89 18.03 11.07 -12.17
C CYS A 89 19.01 12.05 -11.53
N PRO A 90 20.22 12.17 -12.11
CA PRO A 90 21.25 13.07 -11.57
C PRO A 90 20.94 14.53 -11.86
N LYS A 91 21.36 15.42 -10.97
CA LYS A 91 21.19 16.85 -11.17
C LYS A 91 21.97 17.31 -12.40
N ILE A 92 21.41 18.28 -13.13
CA ILE A 92 22.02 18.73 -14.37
C ILE A 92 22.26 20.23 -14.40
N SER A 93 23.09 20.67 -15.34
CA SER A 93 23.28 22.09 -15.58
C SER A 93 22.25 22.56 -16.60
N PHE A 94 21.39 23.48 -16.19
CA PHE A 94 20.25 23.88 -17.01
C PHE A 94 20.17 25.39 -17.15
N ASP A 95 20.29 25.87 -18.38
CA ASP A 95 20.16 27.30 -18.68
C ASP A 95 20.01 27.49 -20.18
N PRO A 96 18.78 27.77 -20.64
CA PRO A 96 18.43 27.90 -22.06
C PRO A 96 19.31 28.91 -22.81
N ILE A 97 19.69 28.55 -24.03
CA ILE A 97 20.46 29.45 -24.88
C ILE A 97 19.67 29.76 -26.14
N PRO A 98 19.99 30.90 -26.79
CA PRO A 98 19.30 31.33 -28.01
C PRO A 98 19.46 30.33 -29.15
N ILE A 99 18.33 29.90 -29.73
CA ILE A 99 18.35 28.98 -30.86
C ILE A 99 17.76 29.63 -32.09
N HIS A 100 18.50 29.58 -33.20
CA HIS A 100 18.03 30.11 -34.47
C HIS A 100 17.43 29.01 -35.33
N TYR A 101 16.35 29.32 -36.03
CA TYR A 101 15.73 28.37 -36.95
C TYR A 101 15.82 28.89 -38.38
N CYS A 102 16.39 28.07 -39.26
CA CYS A 102 16.68 28.48 -40.63
C CYS A 102 16.02 27.56 -41.64
N THR A 103 15.93 28.03 -42.88
CA THR A 103 15.38 27.23 -43.97
C THR A 103 16.50 26.70 -44.86
N PRO A 104 16.31 25.50 -45.43
CA PRO A 104 17.27 24.88 -46.33
C PRO A 104 17.29 25.55 -47.71
N ALA A 105 18.03 24.97 -48.65
CA ALA A 105 18.12 25.52 -50.00
C ALA A 105 16.77 25.43 -50.72
N GLY A 106 16.44 26.48 -51.45
CA GLY A 106 15.18 26.54 -52.18
C GLY A 106 14.04 27.05 -51.33
N TYR A 107 14.36 27.45 -50.11
CA TYR A 107 13.35 27.99 -49.19
C TYR A 107 13.88 29.23 -48.48
N VAL A 108 12.96 30.10 -48.08
CA VAL A 108 13.31 31.31 -47.34
C VAL A 108 12.24 31.65 -46.31
N ILE A 109 12.61 32.46 -45.32
CA ILE A 109 11.69 32.85 -44.27
C ILE A 109 11.25 34.31 -44.44
N LEU A 110 9.94 34.52 -44.53
CA LEU A 110 9.40 35.87 -44.64
C LEU A 110 9.14 36.46 -43.27
N LYS A 111 9.63 37.69 -43.05
CA LYS A 111 9.53 38.34 -41.75
C LYS A 111 8.63 39.57 -41.81
N CYS A 112 7.59 39.57 -40.98
CA CYS A 112 6.68 40.70 -40.89
C CYS A 112 7.28 41.80 -40.03
N ASN A 113 7.47 42.97 -40.63
CA ASN A 113 8.11 44.09 -39.95
C ASN A 113 7.13 45.16 -39.50
N ASP A 114 5.83 44.88 -39.63
CA ASP A 114 4.81 45.80 -39.14
C ASP A 114 4.90 45.92 -37.63
N LYS A 115 5.19 47.14 -37.17
CA LYS A 115 5.43 47.38 -35.75
C LYS A 115 4.13 47.32 -34.93
N ASN A 116 3.04 47.00 -35.59
CA ASN A 116 1.75 46.87 -34.91
C ASN A 116 1.01 45.61 -35.35
N PHE A 117 1.77 44.65 -35.89
CA PHE A 117 1.22 43.39 -36.36
C PHE A 117 0.82 42.50 -35.18
N ASN A 118 -0.39 41.95 -35.24
CA ASN A 118 -0.95 41.22 -34.10
C ASN A 118 -0.78 39.70 -34.21
N GLY A 119 -0.30 39.23 -35.35
CA GLY A 119 -0.05 37.81 -35.53
C GLY A 119 -0.78 37.18 -36.70
N THR A 120 -1.97 37.70 -36.99
CA THR A 120 -2.78 37.17 -38.09
C THR A 120 -3.21 38.28 -39.04
N GLY A 121 -3.25 37.97 -40.34
CA GLY A 121 -3.65 38.93 -41.33
C GLY A 121 -2.52 39.32 -42.26
N PRO A 122 -2.71 40.37 -43.06
CA PRO A 122 -1.72 40.87 -44.01
C PRO A 122 -0.59 41.66 -43.34
N CYS A 123 0.55 41.72 -44.00
CA CYS A 123 1.69 42.48 -43.49
C CYS A 123 2.31 43.30 -44.63
N LYS A 124 2.36 44.61 -44.45
CA LYS A 124 2.84 45.51 -45.50
C LYS A 124 4.36 45.60 -45.55
N ASN A 125 5.00 45.48 -44.38
CA ASN A 125 6.45 45.57 -44.30
C ASN A 125 7.09 44.20 -44.14
N VAL A 126 7.44 43.59 -45.27
CA VAL A 126 7.99 42.24 -45.27
C VAL A 126 9.45 42.22 -45.70
N SER A 127 10.22 41.29 -45.14
CA SER A 127 11.62 41.14 -45.49
C SER A 127 12.00 39.66 -45.62
N SER A 128 13.14 39.40 -46.25
CA SER A 128 13.61 38.03 -46.45
C SER A 128 14.80 37.72 -45.55
N VAL A 129 14.73 36.58 -44.87
CA VAL A 129 15.81 36.15 -43.98
C VAL A 129 16.01 34.64 -44.05
N GLN A 130 17.23 34.20 -43.76
CA GLN A 130 17.55 32.78 -43.78
C GLN A 130 17.22 32.12 -42.46
N CYS A 131 17.33 32.88 -41.37
CA CYS A 131 17.08 32.35 -40.03
C CYS A 131 16.22 33.30 -39.21
N THR A 132 15.67 32.78 -38.11
CA THR A 132 14.95 33.62 -37.16
C THR A 132 15.93 34.22 -36.17
N HIS A 133 15.43 35.06 -35.28
CA HIS A 133 16.28 35.63 -34.23
C HIS A 133 16.56 34.55 -33.17
N GLY A 134 17.53 34.83 -32.30
CA GLY A 134 17.89 33.91 -31.25
C GLY A 134 16.75 33.73 -30.25
N ILE A 135 16.14 32.55 -30.26
CA ILE A 135 15.00 32.26 -29.39
C ILE A 135 15.36 31.26 -28.30
N LYS A 136 15.21 31.67 -27.05
CA LYS A 136 15.44 30.76 -25.92
C LYS A 136 14.21 29.92 -25.66
N PRO A 137 14.36 28.59 -25.70
CA PRO A 137 13.26 27.65 -25.47
C PRO A 137 12.84 27.59 -24.00
N VAL A 138 12.38 28.71 -23.46
CA VAL A 138 11.96 28.77 -22.07
C VAL A 138 10.57 28.19 -21.89
N VAL A 139 10.48 27.10 -21.13
CA VAL A 139 9.20 26.45 -20.86
C VAL A 139 8.59 27.00 -19.58
N SER A 140 7.40 27.58 -19.68
CA SER A 140 6.71 28.16 -18.54
C SER A 140 5.22 28.33 -18.80
N THR A 141 4.48 28.68 -17.75
CA THR A 141 3.06 28.94 -17.87
C THR A 141 2.73 30.34 -17.35
N GLN A 142 1.54 30.84 -17.72
CA GLN A 142 1.08 32.15 -17.30
C GLN A 142 1.97 33.28 -17.81
N LEU A 143 3.23 33.29 -17.39
CA LEU A 143 4.15 34.36 -17.76
C LEU A 143 5.22 33.89 -18.73
N LEU A 144 5.44 34.68 -19.77
CA LEU A 144 6.51 34.41 -20.74
C LEU A 144 7.79 35.08 -20.28
N LEU A 145 8.87 34.31 -20.20
CA LEU A 145 10.12 34.80 -19.62
C LEU A 145 11.26 34.86 -20.63
N ASN A 146 12.09 35.88 -20.50
CA ASN A 146 13.31 36.00 -21.29
C ASN A 146 13.06 36.02 -22.80
N GLY A 147 11.92 36.57 -23.20
CA GLY A 147 11.55 36.63 -24.60
C GLY A 147 11.80 38.00 -25.21
N SER A 148 11.21 38.24 -26.38
CA SER A 148 11.33 39.52 -27.05
C SER A 148 10.20 40.46 -26.66
N LEU A 149 10.43 41.76 -26.81
CA LEU A 149 9.42 42.76 -26.45
C LEU A 149 8.78 43.38 -27.67
N ALA A 150 7.56 43.89 -27.50
CA ALA A 150 6.89 44.64 -28.56
C ALA A 150 7.58 45.98 -28.73
N GLU A 151 7.93 46.32 -29.96
CA GLU A 151 8.70 47.53 -30.24
C GLU A 151 7.93 48.81 -29.91
N GLU A 152 6.65 48.85 -30.31
CA GLU A 152 5.83 50.03 -30.05
C GLU A 152 4.81 49.76 -28.95
N GLU A 153 3.53 49.83 -29.29
CA GLU A 153 2.46 49.61 -28.33
C GLU A 153 2.36 48.14 -27.94
N ILE A 154 1.71 47.87 -26.82
CA ILE A 154 1.44 46.50 -26.40
C ILE A 154 0.54 45.83 -27.44
N ILE A 155 0.70 44.52 -27.61
CA ILE A 155 -0.03 43.80 -28.64
C ILE A 155 -0.84 42.64 -28.08
N ILE A 156 -2.09 42.52 -28.54
CA ILE A 156 -2.95 41.42 -28.17
C ILE A 156 -3.01 40.40 -29.30
N ARG A 157 -2.64 39.16 -29.00
CA ARG A 157 -2.58 38.11 -30.01
C ARG A 157 -3.59 36.99 -29.73
N SER A 158 -4.43 36.71 -30.71
CA SER A 158 -5.43 35.65 -30.58
C SER A 158 -5.91 35.17 -31.94
N GLU A 159 -6.15 33.87 -32.05
CA GLU A 159 -6.67 33.28 -33.28
C GLU A 159 -8.11 33.72 -33.50
N ASN A 160 -8.81 33.95 -32.40
CA ASN A 160 -10.20 34.41 -32.43
C ASN A 160 -10.55 35.06 -31.09
N LEU A 161 -10.49 36.39 -31.06
CA LEU A 161 -10.59 37.14 -29.82
C LEU A 161 -11.94 37.01 -29.13
N THR A 162 -12.97 36.64 -29.89
CA THR A 162 -14.31 36.49 -29.32
C THR A 162 -14.47 35.14 -28.64
N ASN A 163 -13.73 34.15 -29.11
CA ASN A 163 -13.79 32.81 -28.54
C ASN A 163 -13.08 32.75 -27.19
N ASN A 164 -13.85 32.52 -26.13
CA ASN A 164 -13.30 32.45 -24.78
C ASN A 164 -12.49 31.18 -24.56
N ALA A 165 -12.54 30.27 -25.52
CA ALA A 165 -11.80 29.02 -25.43
C ALA A 165 -10.41 29.16 -26.05
N LYS A 166 -10.21 30.23 -26.82
CA LYS A 166 -8.92 30.50 -27.44
C LYS A 166 -8.03 31.33 -26.52
N THR A 167 -6.81 30.84 -26.31
CA THR A 167 -5.85 31.52 -25.43
C THR A 167 -5.41 32.85 -26.02
N ILE A 168 -5.12 33.81 -25.15
CA ILE A 168 -4.66 35.13 -25.57
C ILE A 168 -3.20 35.33 -25.19
N ILE A 169 -2.44 35.95 -26.10
CA ILE A 169 -1.03 36.22 -25.85
C ILE A 169 -0.75 37.72 -25.76
N VAL A 170 -0.37 38.16 -24.56
CA VAL A 170 -0.04 39.57 -24.34
C VAL A 170 1.44 39.81 -24.56
N HIS A 171 1.77 40.68 -25.52
CA HIS A 171 3.16 40.99 -25.82
C HIS A 171 3.54 42.35 -25.26
N LEU A 172 4.16 42.35 -24.09
CA LEU A 172 4.56 43.58 -23.41
C LEU A 172 5.65 44.32 -24.19
N ASN A 173 5.70 45.64 -24.00
CA ASN A 173 6.75 46.44 -24.65
C ASN A 173 7.75 46.95 -23.63
N LYS A 174 7.58 46.55 -22.37
CA LYS A 174 8.52 46.87 -21.31
C LYS A 174 8.63 45.71 -20.34
N SER A 175 9.83 45.15 -20.21
CA SER A 175 10.06 43.98 -19.37
C SER A 175 9.94 44.31 -17.89
N VAL A 176 9.30 43.41 -17.14
CA VAL A 176 9.22 43.53 -15.70
C VAL A 176 10.00 42.38 -15.06
N GLU A 177 11.12 42.73 -14.41
CA GLU A 177 11.99 41.72 -13.82
C GLU A 177 11.29 40.91 -12.72
N ILE A 178 11.36 39.59 -12.86
CA ILE A 178 10.89 38.70 -11.81
C ILE A 178 12.10 37.97 -11.20
N ASN A 179 12.36 38.25 -9.94
CA ASN A 179 13.53 37.72 -9.24
C ASN A 179 13.16 36.61 -8.27
N CYS A 180 13.26 35.37 -8.73
CA CYS A 180 12.90 34.22 -7.92
C CYS A 180 14.13 33.63 -7.23
N THR A 181 13.99 33.30 -5.96
CA THR A 181 15.11 32.79 -5.19
C THR A 181 14.71 31.74 -4.16
N ARG A 182 15.43 30.63 -4.15
CA ARG A 182 15.33 29.65 -3.08
C ARG A 182 16.56 29.78 -2.20
N PRO A 183 16.43 30.53 -1.10
CA PRO A 183 17.56 30.86 -0.22
C PRO A 183 18.30 29.63 0.29
N SER A 184 19.60 29.78 0.55
CA SER A 184 20.40 28.68 1.06
C SER A 184 19.88 28.23 2.43
N ASN A 185 19.22 29.15 3.14
CA ASN A 185 18.61 28.84 4.42
C ASN A 185 17.76 30.00 4.92
N GLY A 192 9.89 27.06 6.30
CA GLY A 192 11.31 26.75 6.37
C GLY A 192 11.70 25.55 5.54
N ASP A 193 10.84 25.19 4.59
CA ASP A 193 11.08 24.05 3.72
C ASP A 193 12.12 24.38 2.66
N ILE A 194 12.84 23.35 2.22
CA ILE A 194 13.82 23.51 1.14
C ILE A 194 13.12 23.73 -0.19
N ARG A 195 11.82 23.49 -0.21
CA ARG A 195 11.02 23.68 -1.42
C ARG A 195 10.37 25.06 -1.43
N LYS A 196 10.47 25.76 -0.31
CA LYS A 196 9.91 27.10 -0.19
C LYS A 196 10.79 28.14 -0.88
N ALA A 197 10.24 28.82 -1.86
CA ALA A 197 10.96 29.89 -2.55
C ALA A 197 10.06 31.11 -2.70
N TYR A 198 10.56 32.13 -3.40
CA TYR A 198 9.79 33.36 -3.59
C TYR A 198 10.30 34.16 -4.79
N CYS A 199 9.36 34.81 -5.47
CA CYS A 199 9.70 35.70 -6.57
C CYS A 199 9.38 37.14 -6.20
N GLU A 200 10.38 38.01 -6.29
CA GLU A 200 10.19 39.42 -5.96
C GLU A 200 9.98 40.24 -7.22
N ILE A 201 8.85 40.97 -7.26
CA ILE A 201 8.56 41.86 -8.38
C ILE A 201 8.22 43.25 -7.86
N ASN A 202 8.87 44.26 -8.41
CA ASN A 202 8.61 45.64 -8.01
C ASN A 202 7.18 46.03 -8.37
N GLY A 203 6.33 46.14 -7.36
CA GLY A 203 4.92 46.41 -7.56
C GLY A 203 4.63 47.65 -8.39
N THR A 204 5.53 48.63 -8.33
CA THR A 204 5.37 49.86 -9.08
C THR A 204 5.47 49.60 -10.58
N LYS A 205 6.49 48.86 -10.98
CA LYS A 205 6.70 48.53 -12.38
C LYS A 205 5.62 47.60 -12.92
N TRP A 206 5.24 46.61 -12.12
CA TRP A 206 4.26 45.61 -12.54
C TRP A 206 2.85 46.19 -12.65
N ASN A 207 2.38 46.80 -11.56
CA ASN A 207 1.03 47.35 -11.53
C ASN A 207 0.80 48.42 -12.60
N LYS A 208 1.87 49.07 -13.03
CA LYS A 208 1.78 50.06 -14.10
C LYS A 208 1.58 49.36 -15.44
N VAL A 209 2.35 48.32 -15.68
CA VAL A 209 2.25 47.55 -16.92
C VAL A 209 0.90 46.84 -17.01
N LEU A 210 0.42 46.32 -15.89
CA LEU A 210 -0.84 45.60 -15.86
C LEU A 210 -2.02 46.51 -16.17
N LYS A 211 -1.92 47.77 -15.73
CA LYS A 211 -2.97 48.74 -16.01
C LYS A 211 -3.00 49.09 -17.49
N GLN A 212 -1.81 49.17 -18.10
CA GLN A 212 -1.71 49.38 -19.54
C GLN A 212 -2.32 48.20 -20.29
N VAL A 213 -2.05 46.99 -19.79
CA VAL A 213 -2.62 45.79 -20.36
C VAL A 213 -4.13 45.79 -20.17
N THR A 214 -4.57 46.37 -19.05
CA THR A 214 -6.00 46.50 -18.76
C THR A 214 -6.67 47.48 -19.70
N GLU A 215 -5.96 48.55 -20.05
CA GLU A 215 -6.51 49.58 -20.91
C GLU A 215 -6.61 49.15 -22.37
N LYS A 216 -5.63 48.37 -22.82
CA LYS A 216 -5.62 47.93 -24.21
C LYS A 216 -6.62 46.81 -24.45
N LEU A 217 -6.91 46.02 -23.41
CA LEU A 217 -7.91 44.98 -23.51
C LEU A 217 -9.30 45.58 -23.68
N LYS A 218 -9.51 46.75 -23.07
CA LYS A 218 -10.78 47.45 -23.20
C LYS A 218 -11.02 47.89 -24.64
N GLU A 219 -9.93 48.24 -25.34
CA GLU A 219 -10.02 48.68 -26.72
C GLU A 219 -10.38 47.52 -27.65
N HIS A 220 -10.14 46.30 -27.20
CA HIS A 220 -10.43 45.12 -28.00
C HIS A 220 -11.81 44.54 -27.68
N PHE A 221 -12.36 44.93 -26.54
CA PHE A 221 -13.67 44.43 -26.12
C PHE A 221 -14.69 45.54 -25.98
N ASN A 222 -14.46 46.64 -26.69
CA ASN A 222 -15.40 47.76 -26.75
C ASN A 222 -15.65 48.42 -25.39
N ASN A 223 -14.56 48.82 -24.74
CA ASN A 223 -14.64 49.61 -23.49
C ASN A 223 -15.30 48.88 -22.33
N LYS A 224 -15.46 47.56 -22.45
CA LYS A 224 -16.02 46.77 -21.35
C LYS A 224 -15.06 46.71 -20.17
N THR A 225 -15.62 46.59 -18.96
CA THR A 225 -14.80 46.55 -17.75
C THR A 225 -13.92 45.30 -17.71
N ILE A 226 -12.63 45.52 -17.55
CA ILE A 226 -11.66 44.42 -17.52
C ILE A 226 -11.32 44.03 -16.08
N ILE A 227 -11.50 42.76 -15.76
CA ILE A 227 -11.20 42.25 -14.42
C ILE A 227 -10.22 41.09 -14.47
N PHE A 228 -9.19 41.16 -13.63
CA PHE A 228 -8.21 40.08 -13.53
C PHE A 228 -8.44 39.23 -12.29
N GLN A 229 -8.56 37.92 -12.49
CA GLN A 229 -8.77 37.00 -11.38
C GLN A 229 -7.87 35.77 -11.52
N PRO A 230 -7.53 35.15 -10.39
CA PRO A 230 -6.73 33.92 -10.38
C PRO A 230 -7.43 32.80 -11.14
N PRO A 231 -6.66 31.78 -11.58
CA PRO A 231 -7.19 30.63 -12.32
C PRO A 231 -8.38 29.97 -11.61
N SER A 232 -9.45 29.72 -12.35
CA SER A 232 -10.67 29.16 -11.78
C SER A 232 -10.48 27.71 -11.35
N GLY A 233 -9.55 27.01 -12.02
CA GLY A 233 -9.28 25.63 -11.71
C GLY A 233 -8.28 24.99 -12.65
N GLY A 234 -7.94 23.73 -12.39
CA GLY A 234 -6.99 23.00 -13.21
C GLY A 234 -5.79 22.55 -12.40
N ASP A 235 -4.81 21.94 -13.08
CA ASP A 235 -3.60 21.48 -12.42
C ASP A 235 -2.76 22.65 -11.93
N LEU A 236 -1.82 22.36 -11.04
CA LEU A 236 -0.96 23.39 -10.47
C LEU A 236 -0.06 24.03 -11.53
N GLU A 237 0.20 23.30 -12.61
CA GLU A 237 1.06 23.80 -13.68
C GLU A 237 0.47 25.01 -14.38
N ILE A 238 -0.87 25.11 -14.36
CA ILE A 238 -1.55 26.21 -15.05
C ILE A 238 -2.20 27.17 -14.06
N THR A 239 -2.50 26.69 -12.86
CA THR A 239 -3.07 27.54 -11.83
C THR A 239 -1.98 28.39 -11.18
N MET A 240 -0.72 27.99 -11.37
CA MET A 240 0.41 28.73 -10.84
C MET A 240 1.46 28.96 -11.92
N HIS A 241 2.25 30.02 -11.75
CA HIS A 241 3.35 30.30 -12.66
C HIS A 241 4.44 29.25 -12.49
N SER A 242 4.51 28.31 -13.42
CA SER A 242 5.48 27.22 -13.34
C SER A 242 6.61 27.41 -14.36
N PHE A 243 7.82 27.08 -13.93
CA PHE A 243 9.00 27.22 -14.77
C PHE A 243 10.15 26.42 -14.20
N ASN A 244 11.20 26.22 -15.00
CA ASN A 244 12.36 25.48 -14.54
C ASN A 244 13.53 26.41 -14.23
N CYS A 245 14.06 26.30 -13.02
CA CYS A 245 15.17 27.15 -12.59
C CYS A 245 16.35 26.30 -12.12
N ARG A 246 17.42 26.29 -12.91
CA ARG A 246 18.62 25.53 -12.59
C ARG A 246 18.33 24.03 -12.50
N GLY A 247 17.31 23.58 -13.21
CA GLY A 247 16.93 22.18 -13.21
C GLY A 247 15.80 21.88 -12.25
N GLU A 248 15.43 22.88 -11.45
CA GLU A 248 14.36 22.73 -10.47
C GLU A 248 13.04 23.28 -11.00
N PHE A 249 11.95 22.57 -10.72
CA PHE A 249 10.63 23.01 -11.18
C PHE A 249 9.97 23.91 -10.15
N PHE A 250 9.92 25.20 -10.46
CA PHE A 250 9.34 26.19 -9.57
C PHE A 250 7.84 26.35 -9.78
N TYR A 251 7.10 26.41 -8.68
CA TYR A 251 5.66 26.66 -8.72
C TYR A 251 5.32 27.87 -7.87
N CYS A 252 4.93 28.97 -8.51
CA CYS A 252 4.71 30.22 -7.81
C CYS A 252 3.29 30.74 -7.97
N ASN A 253 2.67 31.07 -6.84
CA ASN A 253 1.33 31.65 -6.83
C ASN A 253 1.36 33.08 -7.35
N THR A 254 0.50 33.39 -8.31
CA THR A 254 0.48 34.69 -8.94
C THR A 254 -0.79 35.48 -8.63
N THR A 255 -1.45 35.13 -7.53
CA THR A 255 -2.67 35.83 -7.14
C THR A 255 -2.39 37.30 -6.86
N GLN A 256 -1.30 37.58 -6.14
CA GLN A 256 -0.93 38.95 -5.83
C GLN A 256 -0.61 39.76 -7.09
N LEU A 257 -0.38 39.05 -8.19
CA LEU A 257 -0.13 39.69 -9.47
C LEU A 257 -1.41 39.92 -10.24
N PHE A 258 -2.36 38.99 -10.09
CA PHE A 258 -3.61 39.07 -10.83
C PHE A 258 -4.80 39.26 -9.89
N ASN A 259 -4.58 39.99 -8.81
CA ASN A 259 -5.66 40.38 -7.91
C ASN A 259 -5.71 41.90 -7.77
N ASN A 260 -6.82 42.49 -8.18
CA ASN A 260 -6.92 43.94 -8.30
C ASN A 260 -6.87 44.66 -6.96
N THR A 261 -5.69 45.14 -6.60
CA THR A 261 -5.51 45.97 -5.41
C THR A 261 -4.87 47.30 -5.79
N CYS A 262 -3.70 47.22 -6.43
CA CYS A 262 -3.01 48.41 -6.91
C CYS A 262 -3.15 48.53 -8.42
N ILE A 263 -4.25 48.00 -8.96
CA ILE A 263 -4.50 48.03 -10.39
C ILE A 263 -5.62 49.01 -10.73
N ASN A 272 2.52 48.92 -3.76
CA ASN A 272 3.45 49.67 -4.59
C ASN A 272 4.90 49.34 -4.25
N GLY A 273 5.10 48.52 -3.22
CA GLY A 273 6.42 48.10 -2.81
C GLY A 273 6.86 46.83 -3.52
N THR A 274 7.61 46.00 -2.82
CA THR A 274 8.07 44.73 -3.37
C THR A 274 7.00 43.65 -3.29
N ILE A 275 6.61 43.12 -4.43
CA ILE A 275 5.63 42.04 -4.48
C ILE A 275 6.32 40.69 -4.34
N THR A 276 6.10 40.03 -3.21
CA THR A 276 6.71 38.74 -2.94
C THR A 276 5.74 37.59 -3.18
N LEU A 277 6.01 36.79 -4.21
CA LEU A 277 5.16 35.67 -4.56
C LEU A 277 5.63 34.39 -3.89
N PRO A 278 4.71 33.68 -3.21
CA PRO A 278 5.02 32.37 -2.61
C PRO A 278 5.31 31.32 -3.67
N CYS A 279 6.43 30.62 -3.53
CA CYS A 279 6.82 29.62 -4.53
C CYS A 279 7.09 28.26 -3.91
N LYS A 280 6.93 27.22 -4.70
CA LYS A 280 7.21 25.86 -4.26
C LYS A 280 8.09 25.14 -5.28
N ILE A 281 9.11 24.43 -4.79
CA ILE A 281 9.92 23.58 -5.66
C ILE A 281 9.42 22.14 -5.58
N LYS A 282 8.57 21.78 -6.53
CA LYS A 282 7.91 20.48 -6.51
C LYS A 282 8.76 19.39 -7.17
N GLN A 283 8.66 18.18 -6.64
CA GLN A 283 9.36 17.03 -7.19
C GLN A 283 8.42 16.22 -8.08
N ILE A 284 7.16 16.13 -7.65
CA ILE A 284 6.13 15.46 -8.43
C ILE A 284 5.50 16.44 -9.40
N ILE A 285 5.64 16.16 -10.69
CA ILE A 285 5.20 17.10 -11.73
C ILE A 285 4.38 16.42 -12.82
N ASN A 286 3.49 17.19 -13.43
CA ASN A 286 2.84 16.76 -14.66
C ASN A 286 3.64 17.27 -15.87
N MET A 287 4.17 16.33 -16.65
CA MET A 287 5.01 16.68 -17.79
C MET A 287 4.23 17.42 -18.87
N TRP A 288 4.77 18.54 -19.33
CA TRP A 288 4.13 19.34 -20.37
C TRP A 288 4.15 18.62 -21.71
N GLN A 289 4.97 17.58 -21.81
CA GLN A 289 5.01 16.76 -23.02
C GLN A 289 3.73 15.95 -23.17
N GLY A 290 3.01 15.80 -22.06
CA GLY A 290 1.76 15.05 -22.04
C GLY A 290 1.99 13.57 -21.81
N THR A 291 3.10 13.24 -21.15
CA THR A 291 3.47 11.84 -20.90
C THR A 291 3.10 11.40 -19.50
N GLY A 292 2.29 12.20 -18.82
CA GLY A 292 1.84 11.88 -17.47
C GLY A 292 2.62 12.61 -16.39
N GLN A 293 2.62 12.05 -15.18
CA GLN A 293 3.33 12.66 -14.06
C GLN A 293 4.71 12.05 -13.88
N ALA A 294 5.59 12.77 -13.20
CA ALA A 294 6.94 12.28 -12.95
C ALA A 294 7.48 12.86 -11.64
N MET A 295 8.45 12.16 -11.05
CA MET A 295 9.02 12.61 -9.78
C MET A 295 10.53 12.80 -9.89
N TYR A 296 11.00 13.95 -9.41
CA TYR A 296 12.42 14.27 -9.42
C TYR A 296 12.97 14.30 -8.00
N ALA A 297 14.29 14.37 -7.88
CA ALA A 297 14.94 14.43 -6.57
C ALA A 297 14.77 15.80 -5.93
N PRO A 298 15.00 15.88 -4.62
CA PRO A 298 14.89 17.14 -3.86
C PRO A 298 15.78 18.24 -4.42
N PRO A 299 15.48 19.51 -4.08
CA PRO A 299 16.23 20.66 -4.58
C PRO A 299 17.71 20.61 -4.23
N ILE A 300 18.55 21.19 -5.09
CA ILE A 300 19.99 21.24 -4.84
C ILE A 300 20.30 22.15 -3.66
N ASP A 301 21.51 22.02 -3.12
CA ASP A 301 21.93 22.83 -1.99
C ASP A 301 22.35 24.23 -2.45
N GLY A 302 22.51 25.13 -1.48
CA GLY A 302 22.94 26.49 -1.77
C GLY A 302 21.82 27.37 -2.28
N LYS A 303 22.17 28.59 -2.67
CA LYS A 303 21.19 29.55 -3.17
C LYS A 303 20.79 29.23 -4.61
N ILE A 304 19.48 29.19 -4.85
CA ILE A 304 18.96 28.97 -6.19
C ILE A 304 18.24 30.22 -6.68
N ASN A 305 18.82 30.89 -7.67
CA ASN A 305 18.28 32.16 -8.13
C ASN A 305 18.09 32.22 -9.65
N CYS A 306 16.94 32.75 -10.06
CA CYS A 306 16.65 32.96 -11.47
C CYS A 306 15.96 34.31 -11.68
N VAL A 307 16.70 35.26 -12.23
CA VAL A 307 16.14 36.57 -12.56
C VAL A 307 15.78 36.62 -14.04
N SER A 308 14.50 36.78 -14.33
CA SER A 308 14.03 36.75 -15.70
C SER A 308 13.26 38.02 -16.07
N ASN A 309 13.15 38.29 -17.37
CA ASN A 309 12.33 39.39 -17.86
C ASN A 309 10.94 38.91 -18.27
N ILE A 310 9.92 39.41 -17.58
CA ILE A 310 8.55 39.11 -17.95
C ILE A 310 8.20 39.88 -19.22
N THR A 311 8.24 39.19 -20.36
CA THR A 311 8.05 39.85 -21.65
C THR A 311 6.68 39.54 -22.25
N GLY A 312 5.98 38.56 -21.67
CA GLY A 312 4.68 38.19 -22.19
C GLY A 312 3.75 37.64 -21.11
N ILE A 313 2.45 37.64 -21.41
CA ILE A 313 1.46 37.14 -20.47
C ILE A 313 0.44 36.24 -21.17
N LEU A 314 0.22 35.05 -20.61
CA LEU A 314 -0.78 34.13 -21.14
C LEU A 314 -2.08 34.25 -20.33
N LEU A 315 -3.17 34.58 -21.01
CA LEU A 315 -4.44 34.78 -20.33
C LEU A 315 -5.58 33.99 -20.98
N THR A 316 -6.58 33.68 -20.17
CA THR A 316 -7.79 33.01 -20.65
C THR A 316 -9.03 33.75 -20.15
N ARG A 317 -9.88 34.19 -21.08
CA ARG A 317 -11.06 34.96 -20.73
C ARG A 317 -12.25 34.08 -20.41
N ASP A 318 -13.05 34.50 -19.43
CA ASP A 318 -14.26 33.77 -19.07
C ASP A 318 -15.34 33.96 -20.12
N GLY A 319 -16.04 32.88 -20.44
CA GLY A 319 -17.09 32.93 -21.44
C GLY A 319 -18.47 32.79 -20.86
N GLY A 320 -18.64 33.22 -19.60
CA GLY A 320 -19.92 33.15 -18.93
C GLY A 320 -20.62 34.49 -18.87
N ALA A 321 -20.23 35.39 -19.77
CA ALA A 321 -20.81 36.74 -19.82
C ALA A 321 -21.07 37.17 -21.25
N ASN A 322 -22.34 37.40 -21.56
CA ASN A 322 -22.74 37.81 -22.92
C ASN A 322 -23.20 39.25 -22.97
N ASN A 323 -24.19 39.59 -22.15
CA ASN A 323 -24.74 40.95 -22.13
C ASN A 323 -24.23 41.76 -20.95
N THR A 324 -23.30 41.19 -20.20
CA THR A 324 -22.74 41.87 -19.03
C THR A 324 -21.86 43.04 -19.42
N SER A 325 -21.41 43.80 -18.42
CA SER A 325 -20.54 44.94 -18.67
C SER A 325 -19.10 44.63 -18.25
N ASN A 326 -18.84 43.36 -17.94
CA ASN A 326 -17.53 42.94 -17.49
C ASN A 326 -16.93 41.82 -18.33
N GLU A 327 -15.61 41.76 -18.35
CA GLU A 327 -14.88 40.68 -19.01
C GLU A 327 -13.73 40.22 -18.14
N THR A 328 -13.85 39.02 -17.57
CA THR A 328 -12.86 38.50 -16.64
C THR A 328 -11.72 37.76 -17.36
N PHE A 329 -10.50 38.01 -16.91
CA PHE A 329 -9.33 37.37 -17.47
C PHE A 329 -8.49 36.70 -16.39
N ARG A 330 -7.96 35.52 -16.71
CA ARG A 330 -7.13 34.77 -15.77
C ARG A 330 -5.87 34.26 -16.45
N PRO A 331 -4.76 34.18 -15.70
CA PRO A 331 -3.50 33.67 -16.24
C PRO A 331 -3.61 32.21 -16.65
N GLY A 332 -3.59 31.94 -17.95
CA GLY A 332 -3.73 30.59 -18.45
C GLY A 332 -2.48 30.08 -19.13
N GLY A 333 -2.66 29.18 -20.10
CA GLY A 333 -1.56 28.58 -20.81
C GLY A 333 -1.63 27.07 -20.80
N GLY A 334 -0.47 26.43 -20.61
CA GLY A 334 -0.40 24.97 -20.61
C GLY A 334 0.12 24.46 -21.93
N ASN A 335 -0.41 25.00 -23.03
CA ASN A 335 0.06 24.66 -24.35
C ASN A 335 1.39 25.36 -24.63
N ILE A 336 2.49 24.63 -24.40
CA ILE A 336 3.83 25.19 -24.53
C ILE A 336 4.09 25.70 -25.95
N LYS A 337 3.32 25.19 -26.91
CA LYS A 337 3.43 25.62 -28.29
C LYS A 337 3.04 27.10 -28.43
N ASP A 338 2.27 27.59 -27.48
CA ASP A 338 1.91 29.00 -27.43
C ASP A 338 3.13 29.85 -27.11
N ASN A 339 4.04 29.32 -26.30
CA ASN A 339 5.28 30.00 -25.97
C ASN A 339 6.14 30.22 -27.20
N TRP A 340 6.16 29.24 -28.09
CA TRP A 340 6.93 29.35 -29.32
C TRP A 340 6.23 30.30 -30.29
N ARG A 341 4.91 30.39 -30.16
CA ARG A 341 4.12 31.28 -31.01
C ARG A 341 4.37 32.74 -30.66
N SER A 342 4.73 33.00 -29.40
CA SER A 342 4.96 34.37 -28.94
C SER A 342 6.26 34.93 -29.50
N GLU A 343 7.08 34.06 -30.09
CA GLU A 343 8.34 34.48 -30.68
C GLU A 343 8.36 34.20 -32.18
N LEU A 344 7.57 33.22 -32.61
CA LEU A 344 7.53 32.82 -34.02
C LEU A 344 6.26 33.32 -34.72
N TYR A 345 5.77 34.47 -34.29
CA TYR A 345 4.53 35.02 -34.84
C TYR A 345 4.81 35.79 -36.13
N LYS A 346 6.03 36.32 -36.25
CA LYS A 346 6.36 37.23 -37.35
C LYS A 346 7.10 36.56 -38.50
N TYR A 347 7.22 35.24 -38.46
CA TYR A 347 7.85 34.51 -39.55
C TYR A 347 6.90 33.53 -40.23
N LYS A 348 7.25 33.13 -41.45
CA LYS A 348 6.54 32.09 -42.16
C LYS A 348 7.43 31.54 -43.28
N VAL A 349 7.36 30.23 -43.50
CA VAL A 349 8.20 29.59 -44.50
C VAL A 349 7.53 29.61 -45.87
N VAL A 350 8.34 29.91 -46.89
CA VAL A 350 7.85 29.92 -48.27
C VAL A 350 8.87 29.28 -49.19
N GLN A 351 8.39 28.53 -50.18
CA GLN A 351 9.25 27.90 -51.16
C GLN A 351 9.39 28.78 -52.39
N ILE A 352 10.62 29.16 -52.71
CA ILE A 352 10.89 29.97 -53.89
C ILE A 352 10.64 29.20 -55.18
N GLU A 353 9.93 29.83 -56.10
CA GLU A 353 9.57 29.19 -57.36
C GLU A 353 10.33 29.80 -58.53
N VAL B 1 25.22 -1.85 5.45
CA VAL B 1 25.21 -1.24 6.77
C VAL B 1 24.38 0.05 6.76
N TRP B 2 23.74 0.35 7.88
CA TRP B 2 22.87 1.53 7.96
C TRP B 2 23.16 2.37 9.20
N LYS B 3 22.55 3.54 9.26
CA LYS B 3 22.70 4.45 10.38
C LYS B 3 21.48 5.35 10.53
N ASP B 4 21.21 5.81 11.75
CA ASP B 4 20.10 6.72 11.98
C ASP B 4 20.33 8.04 11.25
N ALA B 5 19.31 8.50 10.54
CA ALA B 5 19.43 9.73 9.76
C ALA B 5 18.06 10.27 9.34
N ASP B 6 18.04 11.53 8.92
CA ASP B 6 16.82 12.16 8.43
C ASP B 6 16.98 12.51 6.95
N THR B 7 15.87 12.53 6.23
CA THR B 7 15.89 12.86 4.80
C THR B 7 14.52 13.30 4.31
N THR B 8 14.46 13.71 3.04
CA THR B 8 13.22 14.16 2.45
C THR B 8 12.33 12.99 2.05
N LEU B 9 11.31 12.71 2.86
CA LEU B 9 10.37 11.64 2.58
C LEU B 9 9.36 12.07 1.51
N PHE B 10 8.79 11.10 0.82
CA PHE B 10 7.71 11.38 -0.11
C PHE B 10 6.47 10.56 0.29
N CYS B 11 5.30 11.05 -0.09
CA CYS B 11 4.05 10.40 0.30
C CYS B 11 3.41 9.63 -0.84
N ALA B 12 2.66 8.60 -0.49
CA ALA B 12 1.92 7.80 -1.47
C ALA B 12 0.50 7.58 -0.99
N SER B 13 -0.45 7.52 -1.93
CA SER B 13 -1.85 7.33 -1.59
C SER B 13 -2.65 6.81 -2.77
N ASP B 14 -3.94 6.56 -2.53
CA ASP B 14 -4.84 6.10 -3.59
C ASP B 14 -5.86 7.18 -3.93
N ALA B 15 -5.43 8.44 -3.86
CA ALA B 15 -6.31 9.57 -4.11
C ALA B 15 -6.84 9.58 -5.54
N LYS B 16 -8.04 10.10 -5.72
CA LYS B 16 -8.65 10.22 -7.04
C LYS B 16 -8.45 11.63 -7.58
N ALA B 17 -8.14 11.72 -8.88
CA ALA B 17 -7.82 13.00 -9.50
C ALA B 17 -9.09 13.79 -9.86
N HIS B 18 -10.23 13.11 -9.89
CA HIS B 18 -11.48 13.75 -10.30
C HIS B 18 -12.23 14.37 -9.13
N GLU B 19 -11.91 13.93 -7.91
CA GLU B 19 -12.64 14.36 -6.72
C GLU B 19 -12.30 15.78 -6.30
N THR B 20 -13.29 16.47 -5.73
CA THR B 20 -13.09 17.81 -5.22
C THR B 20 -12.75 17.79 -3.74
N GLU B 21 -12.75 16.61 -3.15
CA GLU B 21 -12.39 16.43 -1.75
C GLU B 21 -10.96 16.90 -1.53
N VAL B 22 -10.77 17.75 -0.53
CA VAL B 22 -9.50 18.44 -0.33
C VAL B 22 -8.30 17.51 -0.12
N HIS B 23 -8.50 16.44 0.64
CA HIS B 23 -7.43 15.48 0.89
C HIS B 23 -7.03 14.78 -0.40
N ASN B 24 -8.02 14.40 -1.21
CA ASN B 24 -7.76 13.78 -2.49
C ASN B 24 -7.06 14.73 -3.46
N VAL B 25 -7.49 15.99 -3.45
CA VAL B 25 -6.90 17.02 -4.31
C VAL B 25 -5.43 17.23 -3.98
N TRP B 26 -5.14 17.36 -2.69
CA TRP B 26 -3.77 17.57 -2.23
C TRP B 26 -2.87 16.38 -2.55
N ALA B 27 -3.34 15.19 -2.21
CA ALA B 27 -2.58 13.97 -2.42
C ALA B 27 -2.34 13.70 -3.90
N THR B 28 -3.22 14.23 -4.74
CA THR B 28 -3.13 14.03 -6.19
C THR B 28 -1.92 14.74 -6.79
N HIS B 29 -1.57 15.89 -6.22
CA HIS B 29 -0.46 16.68 -6.74
C HIS B 29 0.77 16.62 -5.83
N ALA B 30 0.59 16.09 -4.63
CA ALA B 30 1.67 16.06 -3.65
C ALA B 30 2.22 14.65 -3.42
N CYS B 31 1.42 13.64 -3.76
CA CYS B 31 1.80 12.25 -3.51
C CYS B 31 1.82 11.43 -4.80
N VAL B 32 2.44 10.25 -4.72
CA VAL B 32 2.46 9.32 -5.84
C VAL B 32 1.54 8.14 -5.53
N PRO B 33 1.22 7.34 -6.57
CA PRO B 33 0.40 6.13 -6.38
C PRO B 33 1.05 5.14 -5.42
N THR B 34 0.23 4.42 -4.65
CA THR B 34 0.75 3.45 -3.70
C THR B 34 1.39 2.26 -4.40
N ASP B 35 2.23 1.54 -3.68
CA ASP B 35 2.89 0.37 -4.24
C ASP B 35 1.96 -0.84 -4.17
N PRO B 36 1.67 -1.45 -5.33
CA PRO B 36 0.80 -2.63 -5.43
C PRO B 36 1.32 -3.79 -4.59
N ASN B 37 2.62 -4.02 -4.65
CA ASN B 37 3.24 -5.10 -3.90
C ASN B 37 4.42 -4.62 -3.05
N PRO B 38 4.10 -4.01 -1.89
CA PRO B 38 5.13 -3.52 -0.97
C PRO B 38 5.91 -4.66 -0.32
N GLN B 39 7.23 -4.54 -0.30
CA GLN B 39 8.08 -5.59 0.27
C GLN B 39 8.48 -5.26 1.71
N GLU B 40 8.57 -6.29 2.53
CA GLU B 40 9.01 -6.14 3.91
C GLU B 40 10.02 -7.23 4.26
N ILE B 41 11.11 -6.84 4.90
CA ILE B 41 12.17 -7.77 5.25
C ILE B 41 12.45 -7.79 6.75
N HIS B 42 12.33 -8.97 7.36
CA HIS B 42 12.63 -9.13 8.78
C HIS B 42 14.14 -9.24 8.99
N LEU B 43 14.67 -8.38 9.86
CA LEU B 43 16.10 -8.38 10.14
C LEU B 43 16.46 -9.40 11.21
N GLU B 44 17.19 -10.44 10.80
CA GLU B 44 17.53 -11.54 11.70
C GLU B 44 18.50 -11.10 12.79
N ASN B 45 18.10 -11.31 14.04
CA ASN B 45 18.93 -10.99 15.20
C ASN B 45 19.29 -9.52 15.30
N VAL B 46 18.51 -8.67 14.65
CA VAL B 46 18.76 -7.23 14.65
C VAL B 46 17.96 -6.53 15.75
N THR B 47 18.66 -5.76 16.58
CA THR B 47 18.01 -4.98 17.63
C THR B 47 18.26 -3.49 17.42
N GLU B 48 17.17 -2.71 17.39
CA GLU B 48 17.26 -1.29 17.13
C GLU B 48 16.60 -0.46 18.23
N ASN B 49 17.18 0.69 18.54
CA ASN B 49 16.61 1.60 19.52
C ASN B 49 15.67 2.61 18.87
N PHE B 50 14.53 2.85 19.52
CA PHE B 50 13.54 3.77 18.98
C PHE B 50 13.20 4.88 19.96
N ASN B 51 12.75 6.02 19.43
CA ASN B 51 12.33 7.16 20.24
C ASN B 51 11.24 7.94 19.51
N MET B 52 9.99 7.59 19.78
CA MET B 52 8.85 8.19 19.11
C MET B 52 8.74 9.69 19.36
N TRP B 53 9.38 10.17 20.43
CA TRP B 53 9.28 11.56 20.83
C TRP B 53 10.34 12.42 20.16
N LYS B 54 11.30 11.78 19.52
CA LYS B 54 12.30 12.48 18.72
C LYS B 54 12.40 11.83 17.35
N ASN B 55 11.34 11.95 16.56
CA ASN B 55 11.28 11.34 15.23
C ASN B 55 10.93 12.38 14.17
N ASN B 56 11.88 12.66 13.29
CA ASN B 56 11.71 13.68 12.25
C ASN B 56 10.55 13.36 11.31
N MET B 57 10.13 12.10 11.28
CA MET B 57 8.99 11.70 10.48
C MET B 57 7.74 12.44 10.91
N VAL B 58 7.65 12.72 12.22
CA VAL B 58 6.52 13.45 12.77
C VAL B 58 6.47 14.88 12.26
N GLU B 59 7.63 15.52 12.23
CA GLU B 59 7.73 16.90 11.75
C GLU B 59 7.33 17.01 10.29
N GLN B 60 7.72 16.03 9.48
CA GLN B 60 7.44 16.06 8.05
C GLN B 60 5.95 15.86 7.76
N MET B 61 5.30 15.00 8.54
CA MET B 61 3.86 14.79 8.38
C MET B 61 3.11 16.03 8.83
N GLN B 62 3.57 16.63 9.94
CA GLN B 62 3.00 17.87 10.44
C GLN B 62 3.03 18.96 9.37
N GLU B 63 4.16 19.07 8.69
CA GLU B 63 4.32 20.08 7.65
C GLU B 63 3.43 19.81 6.46
N ASP B 64 3.14 18.53 6.21
CA ASP B 64 2.22 18.16 5.14
C ASP B 64 0.78 18.55 5.48
N VAL B 65 0.35 18.20 6.69
CA VAL B 65 -1.01 18.50 7.14
C VAL B 65 -1.22 20.01 7.22
N ILE B 66 -0.20 20.74 7.66
CA ILE B 66 -0.26 22.19 7.70
C ILE B 66 -0.44 22.75 6.30
N SER B 67 0.31 22.21 5.35
CA SER B 67 0.21 22.64 3.96
C SER B 67 -1.18 22.37 3.41
N LEU B 68 -1.73 21.21 3.73
CA LEU B 68 -3.06 20.82 3.26
C LEU B 68 -4.14 21.75 3.81
N TRP B 69 -4.07 22.01 5.11
CA TRP B 69 -5.07 22.85 5.78
C TRP B 69 -4.97 24.32 5.34
N ASP B 70 -3.75 24.78 5.09
CA ASP B 70 -3.54 26.16 4.66
C ASP B 70 -4.10 26.39 3.25
N GLN B 71 -4.14 25.33 2.45
CA GLN B 71 -4.61 25.43 1.07
C GLN B 71 -6.10 25.13 0.94
N SER B 72 -6.63 24.35 1.87
CA SER B 72 -8.00 23.84 1.76
C SER B 72 -8.98 24.49 2.72
N LEU B 73 -8.53 24.76 3.94
CA LEU B 73 -9.41 25.31 4.97
C LEU B 73 -9.09 26.76 5.29
N GLN B 74 -9.38 27.65 4.36
CA GLN B 74 -9.16 29.07 4.57
C GLN B 74 -10.38 29.70 5.24
N PRO B 75 -10.16 30.39 6.37
CA PRO B 75 -11.25 31.01 7.13
C PRO B 75 -11.76 32.28 6.46
N CYS B 76 -12.96 32.71 6.86
CA CYS B 76 -13.52 33.95 6.35
C CYS B 76 -12.69 35.14 6.80
N VAL B 77 -12.31 35.13 8.08
CA VAL B 77 -11.48 36.19 8.65
C VAL B 77 -10.28 35.61 9.39
N LYS B 78 -9.13 36.27 9.26
CA LYS B 78 -7.89 35.77 9.84
C LYS B 78 -7.07 36.89 10.46
N LEU B 79 -6.34 36.55 11.52
CA LEU B 79 -5.50 37.51 12.23
C LEU B 79 -4.29 36.83 12.85
N THR B 80 -3.11 37.08 12.27
CA THR B 80 -1.88 36.46 12.76
C THR B 80 -0.71 37.44 12.76
N GLY B 81 -0.82 38.49 13.57
CA GLY B 81 0.24 39.46 13.70
C GLY B 81 -0.12 40.84 13.16
N GLY B 82 -1.13 41.45 13.76
CA GLY B 82 -1.57 42.78 13.36
C GLY B 82 -1.97 42.86 11.90
N SER B 83 -2.48 41.75 11.37
CA SER B 83 -2.88 41.69 9.97
C SER B 83 -4.22 40.99 9.79
N VAL B 84 -5.30 41.77 9.79
CA VAL B 84 -6.64 41.24 9.55
C VAL B 84 -6.84 41.01 8.07
N ILE B 85 -7.38 39.84 7.72
CA ILE B 85 -7.54 39.47 6.32
C ILE B 85 -8.91 38.86 6.03
N LYS B 86 -9.71 39.58 5.25
CA LYS B 86 -10.99 39.04 4.77
C LYS B 86 -10.76 38.24 3.50
N GLN B 87 -11.12 36.97 3.52
CA GLN B 87 -10.92 36.08 2.38
C GLN B 87 -12.15 35.25 2.08
N ALA B 88 -12.27 34.79 0.84
CA ALA B 88 -13.37 33.90 0.46
C ALA B 88 -13.31 32.61 1.26
N CYS B 89 -14.46 32.16 1.74
CA CYS B 89 -14.52 30.96 2.57
C CYS B 89 -15.68 30.05 2.19
N PRO B 90 -15.63 29.51 0.96
CA PRO B 90 -16.67 28.59 0.50
C PRO B 90 -16.61 27.24 1.21
N LYS B 91 -17.75 26.58 1.36
CA LYS B 91 -17.78 25.27 1.98
C LYS B 91 -17.04 24.26 1.11
N ILE B 92 -16.47 23.23 1.74
CA ILE B 92 -15.64 22.27 1.02
C ILE B 92 -16.00 20.83 1.34
N SER B 93 -15.47 19.91 0.54
CA SER B 93 -15.61 18.48 0.80
C SER B 93 -14.41 18.01 1.62
N PHE B 94 -14.68 17.54 2.85
CA PHE B 94 -13.61 17.22 3.79
C PHE B 94 -13.76 15.82 4.36
N ASP B 95 -12.79 14.95 4.07
CA ASP B 95 -12.76 13.60 4.62
C ASP B 95 -11.37 12.99 4.42
N PRO B 96 -10.60 12.89 5.50
CA PRO B 96 -9.21 12.42 5.48
C PRO B 96 -9.06 11.03 4.86
N ILE B 97 -8.03 10.86 4.03
CA ILE B 97 -7.72 9.57 3.43
C ILE B 97 -6.36 9.08 3.91
N PRO B 98 -6.12 7.77 3.80
CA PRO B 98 -4.85 7.17 4.22
C PRO B 98 -3.66 7.71 3.43
N ILE B 99 -2.62 8.14 4.15
CA ILE B 99 -1.41 8.64 3.50
C ILE B 99 -0.20 7.82 3.92
N HIS B 100 0.56 7.34 2.93
CA HIS B 100 1.76 6.57 3.21
C HIS B 100 3.01 7.46 3.10
N TYR B 101 3.95 7.28 4.01
CA TYR B 101 5.22 8.01 3.96
C TYR B 101 6.37 7.06 3.68
N CYS B 102 7.16 7.39 2.66
CA CYS B 102 8.21 6.49 2.20
C CYS B 102 9.57 7.18 2.15
N THR B 103 10.63 6.38 2.08
CA THR B 103 11.98 6.91 1.99
C THR B 103 12.52 6.79 0.58
N PRO B 104 13.33 7.77 0.15
CA PRO B 104 13.93 7.76 -1.18
C PRO B 104 15.06 6.74 -1.31
N ALA B 105 15.74 6.74 -2.44
CA ALA B 105 16.85 5.81 -2.67
C ALA B 105 17.98 6.05 -1.67
N GLY B 106 18.58 4.96 -1.20
CA GLY B 106 19.67 5.06 -0.24
C GLY B 106 19.19 5.08 1.20
N TYR B 107 17.87 5.00 1.37
CA TYR B 107 17.28 5.01 2.70
C TYR B 107 16.23 3.92 2.86
N VAL B 108 15.82 3.66 4.09
CA VAL B 108 14.80 2.66 4.38
C VAL B 108 14.18 2.93 5.75
N ILE B 109 12.97 2.43 5.95
CA ILE B 109 12.27 2.63 7.21
C ILE B 109 12.27 1.38 8.07
N LEU B 110 12.81 1.50 9.29
CA LEU B 110 12.84 0.38 10.22
C LEU B 110 11.56 0.36 11.05
N LYS B 111 10.94 -0.82 11.14
CA LYS B 111 9.67 -0.97 11.82
C LYS B 111 9.77 -1.88 13.03
N CYS B 112 9.41 -1.37 14.20
CA CYS B 112 9.40 -2.16 15.43
C CYS B 112 8.15 -3.02 15.49
N ASN B 113 8.33 -4.32 15.72
CA ASN B 113 7.22 -5.25 15.72
C ASN B 113 6.95 -5.86 17.09
N ASP B 114 7.59 -5.33 18.12
CA ASP B 114 7.30 -5.75 19.48
C ASP B 114 5.87 -5.38 19.85
N LYS B 115 5.04 -6.39 20.10
CA LYS B 115 3.62 -6.19 20.30
C LYS B 115 3.32 -5.45 21.62
N ASN B 116 4.36 -5.19 22.40
CA ASN B 116 4.20 -4.45 23.65
C ASN B 116 5.14 -3.24 23.69
N PHE B 117 5.58 -2.81 22.51
CA PHE B 117 6.47 -1.66 22.38
C PHE B 117 5.77 -0.39 22.81
N ASN B 118 6.41 0.37 23.70
CA ASN B 118 5.78 1.55 24.30
C ASN B 118 6.16 2.86 23.63
N GLY B 119 7.03 2.81 22.64
CA GLY B 119 7.40 3.99 21.89
C GLY B 119 8.86 4.39 22.02
N THR B 120 9.49 3.99 23.12
CA THR B 120 10.89 4.33 23.36
C THR B 120 11.67 3.11 23.83
N GLY B 121 12.97 3.10 23.56
CA GLY B 121 13.82 2.00 23.96
C GLY B 121 14.13 1.05 22.82
N PRO B 122 14.83 -0.05 23.13
CA PRO B 122 15.23 -1.06 22.13
C PRO B 122 14.06 -1.90 21.63
N CYS B 123 14.20 -2.44 20.42
CA CYS B 123 13.18 -3.30 19.82
C CYS B 123 13.83 -4.58 19.31
N LYS B 124 13.31 -5.72 19.77
CA LYS B 124 13.91 -7.02 19.44
C LYS B 124 13.43 -7.55 18.10
N ASN B 125 12.19 -7.23 17.74
CA ASN B 125 11.62 -7.69 16.49
C ASN B 125 11.48 -6.56 15.48
N VAL B 126 12.49 -6.39 14.63
CA VAL B 126 12.53 -5.28 13.69
C VAL B 126 12.50 -5.74 12.24
N SER B 127 11.85 -4.94 11.39
CA SER B 127 11.79 -5.22 9.96
C SER B 127 12.03 -3.94 9.16
N SER B 128 12.35 -4.10 7.88
CA SER B 128 12.59 -2.96 7.00
C SER B 128 11.47 -2.80 5.98
N VAL B 129 11.01 -1.57 5.80
CA VAL B 129 9.93 -1.29 4.86
C VAL B 129 10.22 -0.04 4.03
N GLN B 130 9.56 0.06 2.88
CA GLN B 130 9.71 1.23 2.01
C GLN B 130 8.79 2.36 2.46
N CYS B 131 7.61 2.01 2.94
CA CYS B 131 6.64 2.99 3.37
C CYS B 131 5.99 2.60 4.69
N THR B 132 5.37 3.58 5.35
CA THR B 132 4.58 3.31 6.55
C THR B 132 3.20 2.80 6.13
N HIS B 133 2.38 2.47 7.11
CA HIS B 133 1.00 2.08 6.82
C HIS B 133 0.20 3.32 6.46
N GLY B 134 -1.01 3.11 5.94
CA GLY B 134 -1.88 4.21 5.58
C GLY B 134 -2.37 4.97 6.79
N ILE B 135 -1.93 6.23 6.92
CA ILE B 135 -2.27 7.05 8.07
C ILE B 135 -3.18 8.21 7.68
N LYS B 136 -4.36 8.29 8.30
CA LYS B 136 -5.26 9.40 8.07
C LYS B 136 -4.88 10.59 8.95
N PRO B 137 -4.66 11.75 8.31
CA PRO B 137 -4.27 12.98 9.02
C PRO B 137 -5.42 13.60 9.80
N VAL B 138 -5.99 12.85 10.74
CA VAL B 138 -7.11 13.34 11.54
C VAL B 138 -6.65 14.31 12.62
N VAL B 139 -7.14 15.54 12.55
CA VAL B 139 -6.80 16.56 13.54
C VAL B 139 -7.87 16.61 14.63
N SER B 140 -7.46 16.31 15.86
CA SER B 140 -8.41 16.31 16.99
C SER B 140 -7.68 16.48 18.32
N THR B 141 -8.46 16.74 19.37
CA THR B 141 -7.91 16.84 20.71
C THR B 141 -8.55 15.81 21.64
N GLN B 142 -7.89 15.54 22.76
CA GLN B 142 -8.39 14.60 23.76
C GLN B 142 -8.48 13.17 23.22
N LEU B 143 -9.30 12.96 22.20
CA LEU B 143 -9.51 11.63 21.64
C LEU B 143 -8.86 11.46 20.28
N LEU B 144 -8.14 10.35 20.11
CA LEU B 144 -7.56 10.01 18.81
C LEU B 144 -8.56 9.17 18.02
N LEU B 145 -8.81 9.57 16.78
CA LEU B 145 -9.88 8.98 15.99
C LEU B 145 -9.39 8.33 14.70
N ASN B 146 -10.01 7.22 14.33
CA ASN B 146 -9.76 6.56 13.05
C ASN B 146 -8.31 6.13 12.86
N GLY B 147 -7.63 5.84 13.97
CA GLY B 147 -6.25 5.42 13.92
C GLY B 147 -6.08 3.92 14.04
N SER B 148 -4.86 3.49 14.33
CA SER B 148 -4.58 2.07 14.51
C SER B 148 -4.76 1.67 15.96
N LEU B 149 -4.89 0.36 16.20
CA LEU B 149 -5.09 -0.16 17.54
C LEU B 149 -3.90 -0.98 18.01
N ALA B 150 -3.70 -1.03 19.32
CA ALA B 150 -2.68 -1.90 19.90
C ALA B 150 -3.08 -3.36 19.70
N GLU B 151 -2.19 -4.14 19.11
CA GLU B 151 -2.50 -5.51 18.74
C GLU B 151 -2.78 -6.41 19.94
N GLU B 152 -2.11 -6.15 21.06
CA GLU B 152 -2.31 -6.96 22.26
C GLU B 152 -2.85 -6.14 23.42
N GLU B 153 -1.95 -5.74 24.31
CA GLU B 153 -2.33 -5.02 25.53
C GLU B 153 -2.36 -3.51 25.30
N ILE B 154 -3.15 -2.80 26.10
CA ILE B 154 -3.22 -1.36 26.03
C ILE B 154 -1.87 -0.74 26.35
N ILE B 155 -1.44 0.21 25.52
CA ILE B 155 -0.10 0.78 25.66
C ILE B 155 -0.13 2.22 26.16
N ILE B 156 0.67 2.48 27.20
CA ILE B 156 0.84 3.83 27.72
C ILE B 156 2.12 4.44 27.17
N ARG B 157 2.00 5.57 26.48
CA ARG B 157 3.16 6.19 25.83
C ARG B 157 3.44 7.58 26.40
N SER B 158 4.70 7.82 26.75
CA SER B 158 5.13 9.11 27.27
C SER B 158 6.65 9.22 27.24
N GLU B 159 7.16 10.39 26.88
CA GLU B 159 8.60 10.63 26.82
C GLU B 159 9.23 10.51 28.20
N ASN B 160 8.43 10.78 29.22
CA ASN B 160 8.88 10.68 30.60
C ASN B 160 7.66 10.66 31.53
N LEU B 161 7.19 9.45 31.82
CA LEU B 161 5.93 9.26 32.55
C LEU B 161 5.96 9.85 33.96
N THR B 162 7.17 10.08 34.47
CA THR B 162 7.32 10.70 35.79
C THR B 162 7.14 12.21 35.68
N ASN B 163 7.39 12.75 34.49
CA ASN B 163 7.21 14.18 34.23
C ASN B 163 5.75 14.49 33.93
N ASN B 164 5.09 15.19 34.84
CA ASN B 164 3.68 15.52 34.68
C ASN B 164 3.45 16.53 33.56
N ALA B 165 4.52 17.15 33.09
CA ALA B 165 4.44 18.11 32.00
C ALA B 165 4.39 17.40 30.64
N LYS B 166 4.87 16.16 30.63
CA LYS B 166 4.87 15.36 29.40
C LYS B 166 3.52 14.70 29.17
N THR B 167 2.98 14.86 27.97
CA THR B 167 1.67 14.31 27.64
C THR B 167 1.70 12.78 27.55
N ILE B 168 0.58 12.15 27.88
CA ILE B 168 0.47 10.70 27.84
C ILE B 168 -0.41 10.24 26.70
N ILE B 169 0.09 9.30 25.90
CA ILE B 169 -0.68 8.74 24.80
C ILE B 169 -1.15 7.33 25.12
N VAL B 170 -2.46 7.17 25.28
CA VAL B 170 -3.04 5.85 25.53
C VAL B 170 -3.44 5.19 24.21
N HIS B 171 -2.89 4.02 23.95
CA HIS B 171 -3.19 3.28 22.73
C HIS B 171 -4.12 2.10 23.02
N LEU B 172 -5.40 2.27 22.71
CA LEU B 172 -6.39 1.24 22.98
C LEU B 172 -6.19 0.03 22.08
N ASN B 173 -6.68 -1.13 22.52
CA ASN B 173 -6.60 -2.35 21.73
C ASN B 173 -7.96 -2.74 21.15
N LYS B 174 -8.97 -1.92 21.40
CA LYS B 174 -10.29 -2.12 20.84
C LYS B 174 -11.02 -0.79 20.73
N SER B 175 -11.53 -0.49 19.54
CA SER B 175 -12.13 0.81 19.25
C SER B 175 -13.49 0.99 19.92
N VAL B 176 -13.78 2.23 20.31
CA VAL B 176 -15.08 2.60 20.82
C VAL B 176 -15.71 3.64 19.90
N GLU B 177 -16.77 3.25 19.20
CA GLU B 177 -17.41 4.13 18.23
C GLU B 177 -17.99 5.39 18.87
N ILE B 178 -17.64 6.54 18.31
CA ILE B 178 -18.26 7.79 18.71
C ILE B 178 -19.06 8.35 17.54
N ASN B 179 -20.37 8.43 17.73
CA ASN B 179 -21.29 8.83 16.66
C ASN B 179 -21.83 10.24 16.88
N CYS B 180 -21.20 11.21 16.21
CA CYS B 180 -21.57 12.61 16.34
C CYS B 180 -22.48 13.04 15.20
N THR B 181 -23.51 13.82 15.52
CA THR B 181 -24.46 14.27 14.52
C THR B 181 -25.05 15.64 14.80
N ARG B 182 -25.16 16.44 13.74
CA ARG B 182 -25.92 17.69 13.79
C ARG B 182 -27.19 17.46 12.98
N PRO B 183 -28.31 17.22 13.67
CA PRO B 183 -29.59 16.87 13.03
C PRO B 183 -30.04 17.90 12.00
N SER B 184 -30.85 17.46 11.05
CA SER B 184 -31.30 18.32 9.96
C SER B 184 -32.35 19.33 10.44
N ASN B 185 -32.64 19.32 11.73
CA ASN B 185 -33.62 20.24 12.30
C ASN B 185 -33.15 21.69 12.20
N GLY B 192 -34.78 25.92 15.73
CA GLY B 192 -33.73 25.05 16.21
C GLY B 192 -32.38 25.72 16.25
N ASP B 193 -31.44 25.11 16.94
CA ASP B 193 -30.08 25.65 17.06
C ASP B 193 -29.14 24.93 16.10
N ILE B 194 -28.74 25.63 15.04
CA ILE B 194 -27.93 25.04 13.99
C ILE B 194 -26.52 24.65 14.47
N ARG B 195 -26.06 25.31 15.53
CA ARG B 195 -24.73 25.04 16.05
C ARG B 195 -24.73 23.95 17.12
N LYS B 196 -25.92 23.48 17.48
CA LYS B 196 -26.07 22.44 18.50
C LYS B 196 -25.95 21.04 17.89
N ALA B 197 -25.03 20.25 18.43
CA ALA B 197 -24.84 18.88 17.99
C ALA B 197 -24.62 17.95 19.18
N TYR B 198 -24.42 16.66 18.91
CA TYR B 198 -24.23 15.69 19.97
C TYR B 198 -23.50 14.44 19.49
N CYS B 199 -22.74 13.83 20.39
CA CYS B 199 -22.05 12.58 20.09
C CYS B 199 -22.59 11.46 20.98
N GLU B 200 -22.89 10.32 20.38
CA GLU B 200 -23.40 9.18 21.13
C GLU B 200 -22.33 8.09 21.27
N ILE B 201 -22.21 7.55 22.48
CA ILE B 201 -21.28 6.46 22.74
C ILE B 201 -21.90 5.42 23.66
N ASN B 202 -21.79 4.15 23.27
CA ASN B 202 -22.26 3.05 24.10
C ASN B 202 -21.52 3.04 25.44
N GLY B 203 -22.22 3.44 26.49
CA GLY B 203 -21.62 3.55 27.81
C GLY B 203 -21.01 2.25 28.30
N THR B 204 -21.62 1.13 27.92
CA THR B 204 -21.13 -0.18 28.32
C THR B 204 -19.75 -0.44 27.72
N LYS B 205 -19.56 -0.02 26.46
CA LYS B 205 -18.29 -0.21 25.77
C LYS B 205 -17.23 0.76 26.27
N TRP B 206 -17.63 2.02 26.50
CA TRP B 206 -16.70 3.06 26.94
C TRP B 206 -16.25 2.86 28.37
N ASN B 207 -17.21 2.63 29.27
CA ASN B 207 -16.91 2.44 30.68
C ASN B 207 -16.02 1.23 30.93
N LYS B 208 -16.13 0.23 30.06
CA LYS B 208 -15.31 -0.97 30.16
C LYS B 208 -13.87 -0.68 29.78
N VAL B 209 -13.69 0.01 28.66
CA VAL B 209 -12.37 0.35 28.15
C VAL B 209 -11.63 1.28 29.11
N LEU B 210 -12.35 2.24 29.67
CA LEU B 210 -11.76 3.21 30.59
C LEU B 210 -11.34 2.53 31.89
N LYS B 211 -12.06 1.47 32.26
CA LYS B 211 -11.69 0.68 33.43
C LYS B 211 -10.40 -0.07 33.16
N GLN B 212 -10.25 -0.55 31.93
CA GLN B 212 -9.03 -1.24 31.52
C GLN B 212 -7.87 -0.28 31.46
N VAL B 213 -8.16 0.97 31.08
CA VAL B 213 -7.14 2.01 31.04
C VAL B 213 -6.70 2.38 32.45
N THR B 214 -7.66 2.36 33.39
CA THR B 214 -7.38 2.64 34.78
C THR B 214 -6.46 1.58 35.37
N GLU B 215 -6.65 0.34 34.95
CA GLU B 215 -5.84 -0.77 35.44
C GLU B 215 -4.42 -0.72 34.87
N LYS B 216 -4.30 -0.28 33.63
CA LYS B 216 -3.00 -0.22 32.97
C LYS B 216 -2.15 0.90 33.56
N LEU B 217 -2.79 2.01 33.90
CA LEU B 217 -2.09 3.14 34.52
C LEU B 217 -1.60 2.77 35.91
N LYS B 218 -2.32 1.88 36.57
CA LYS B 218 -1.92 1.40 37.90
C LYS B 218 -0.61 0.64 37.82
N GLU B 219 -0.37 -0.01 36.69
CA GLU B 219 0.84 -0.78 36.49
C GLU B 219 2.07 0.11 36.33
N HIS B 220 1.84 1.34 35.87
CA HIS B 220 2.94 2.27 35.61
C HIS B 220 3.16 3.26 36.75
N PHE B 221 2.22 3.30 37.69
CA PHE B 221 2.31 4.26 38.78
C PHE B 221 2.25 3.61 40.17
N ASN B 222 3.05 2.56 40.35
CA ASN B 222 3.22 1.93 41.66
C ASN B 222 1.90 1.47 42.29
N ASN B 223 0.95 1.08 41.44
CA ASN B 223 -0.35 0.58 41.91
C ASN B 223 -1.14 1.62 42.70
N LYS B 224 -0.92 2.90 42.40
CA LYS B 224 -1.68 3.97 43.04
C LYS B 224 -3.09 4.02 42.47
N THR B 225 -4.00 4.65 43.20
CA THR B 225 -5.38 4.79 42.75
C THR B 225 -5.49 5.82 41.63
N ILE B 226 -6.04 5.41 40.50
CA ILE B 226 -6.15 6.28 39.34
C ILE B 226 -7.49 7.03 39.33
N ILE B 227 -7.42 8.33 39.06
CA ILE B 227 -8.62 9.16 39.04
C ILE B 227 -8.69 10.00 37.76
N PHE B 228 -9.89 10.06 37.17
CA PHE B 228 -10.10 10.86 35.96
C PHE B 228 -10.95 12.08 36.25
N GLN B 229 -10.57 13.22 35.66
CA GLN B 229 -11.32 14.46 35.84
C GLN B 229 -11.19 15.34 34.60
N PRO B 230 -12.22 16.18 34.36
CA PRO B 230 -12.23 17.12 33.23
C PRO B 230 -11.06 18.10 33.30
N PRO B 231 -10.67 18.66 32.15
CA PRO B 231 -9.58 19.65 32.06
C PRO B 231 -9.78 20.81 33.03
N SER B 232 -8.73 21.16 33.76
CA SER B 232 -8.82 22.20 34.79
C SER B 232 -8.96 23.60 34.18
N GLY B 233 -8.38 23.78 33.00
CA GLY B 233 -8.43 25.08 32.34
C GLY B 233 -7.79 25.08 30.97
N GLY B 234 -7.93 26.20 30.26
CA GLY B 234 -7.37 26.34 28.93
C GLY B 234 -8.41 26.69 27.89
N ASP B 235 -8.00 26.75 26.64
CA ASP B 235 -8.92 27.05 25.53
C ASP B 235 -9.91 25.91 25.33
N LEU B 236 -11.01 26.20 24.65
CA LEU B 236 -12.04 25.20 24.40
C LEU B 236 -11.54 24.06 23.52
N GLU B 237 -10.46 24.33 22.78
CA GLU B 237 -9.90 23.32 21.89
C GLU B 237 -9.31 22.14 22.65
N ILE B 238 -8.80 22.39 23.85
CA ILE B 238 -8.19 21.34 24.64
C ILE B 238 -9.04 20.94 25.84
N THR B 239 -9.94 21.82 26.26
CA THR B 239 -10.85 21.52 27.35
C THR B 239 -12.02 20.67 26.85
N MET B 240 -12.20 20.67 25.53
CA MET B 240 -13.26 19.88 24.92
C MET B 240 -12.70 19.02 23.78
N HIS B 241 -13.40 17.95 23.45
CA HIS B 241 -13.03 17.11 22.31
C HIS B 241 -13.34 17.84 21.01
N SER B 242 -12.29 18.38 20.39
CA SER B 242 -12.45 19.15 19.16
C SER B 242 -11.98 18.38 17.94
N PHE B 243 -12.73 18.51 16.85
CA PHE B 243 -12.40 17.83 15.60
C PHE B 243 -13.16 18.47 14.45
N ASN B 244 -12.78 18.13 13.23
CA ASN B 244 -13.46 18.66 12.06
C ASN B 244 -14.34 17.60 11.40
N CYS B 245 -15.61 17.94 11.20
CA CYS B 245 -16.56 17.00 10.62
C CYS B 245 -17.25 17.61 9.40
N ARG B 246 -16.88 17.11 8.22
CA ARG B 246 -17.44 17.60 6.96
C ARG B 246 -17.10 19.07 6.74
N GLY B 247 -15.99 19.51 7.32
CA GLY B 247 -15.55 20.89 7.19
C GLY B 247 -15.93 21.73 8.40
N GLU B 248 -16.88 21.23 9.18
CA GLU B 248 -17.35 21.93 10.37
C GLU B 248 -16.52 21.58 11.60
N PHE B 249 -16.22 22.57 12.42
CA PHE B 249 -15.42 22.35 13.63
C PHE B 249 -16.31 22.04 14.82
N PHE B 250 -16.30 20.78 15.25
CA PHE B 250 -17.11 20.33 16.37
C PHE B 250 -16.39 20.50 17.70
N TYR B 251 -17.11 21.04 18.68
CA TYR B 251 -16.60 21.15 20.05
C TYR B 251 -17.51 20.39 21.00
N CYS B 252 -17.03 19.24 21.47
CA CYS B 252 -17.87 18.34 22.26
C CYS B 252 -17.42 18.21 23.71
N ASN B 253 -18.36 18.43 24.62
CA ASN B 253 -18.12 18.30 26.05
C ASN B 253 -17.95 16.84 26.45
N THR B 254 -16.83 16.50 27.07
CA THR B 254 -16.53 15.12 27.43
C THR B 254 -16.49 14.90 28.93
N THR B 255 -17.20 15.73 29.69
CA THR B 255 -17.24 15.59 31.13
C THR B 255 -17.91 14.28 31.56
N GLN B 256 -18.80 13.77 30.71
CA GLN B 256 -19.51 12.53 31.00
C GLN B 256 -18.62 11.31 30.75
N LEU B 257 -17.58 11.49 29.94
CA LEU B 257 -16.68 10.40 29.61
C LEU B 257 -15.56 10.27 30.63
N PHE B 258 -15.19 11.39 31.24
CA PHE B 258 -14.11 11.40 32.24
C PHE B 258 -14.62 11.88 33.59
N ASN B 272 -24.46 2.62 31.61
CA ASN B 272 -24.72 1.37 30.89
C ASN B 272 -25.39 1.62 29.55
N GLY B 273 -26.23 2.65 29.49
CA GLY B 273 -26.95 2.98 28.28
C GLY B 273 -26.17 3.85 27.32
N THR B 274 -26.83 4.84 26.75
CA THR B 274 -26.20 5.73 25.78
C THR B 274 -25.64 6.98 26.43
N ILE B 275 -24.37 7.27 26.13
CA ILE B 275 -23.73 8.49 26.60
C ILE B 275 -23.82 9.56 25.53
N THR B 276 -24.69 10.55 25.76
CA THR B 276 -24.89 11.63 24.80
C THR B 276 -24.08 12.87 25.18
N LEU B 277 -23.07 13.18 24.39
CA LEU B 277 -22.22 14.34 24.64
C LEU B 277 -22.73 15.56 23.89
N PRO B 278 -23.02 16.64 24.62
CA PRO B 278 -23.46 17.89 23.99
C PRO B 278 -22.33 18.55 23.21
N CYS B 279 -22.58 18.91 21.96
CA CYS B 279 -21.56 19.49 21.11
C CYS B 279 -21.98 20.86 20.56
N LYS B 280 -21.02 21.60 20.05
CA LYS B 280 -21.28 22.89 19.42
C LYS B 280 -20.40 23.07 18.19
N ILE B 281 -21.00 23.55 17.10
CA ILE B 281 -20.24 23.88 15.90
C ILE B 281 -19.81 25.34 15.94
N LYS B 282 -18.54 25.56 16.29
CA LYS B 282 -18.02 26.91 16.45
C LYS B 282 -17.52 27.50 15.14
N GLN B 283 -17.82 28.79 14.94
CA GLN B 283 -17.34 29.52 13.78
C GLN B 283 -16.04 30.24 14.11
N ILE B 284 -15.94 30.74 15.34
CA ILE B 284 -14.73 31.35 15.83
C ILE B 284 -13.84 30.29 16.47
N ILE B 285 -12.59 30.20 16.03
CA ILE B 285 -11.72 29.10 16.44
C ILE B 285 -10.26 29.52 16.56
N ASN B 286 -9.54 28.86 17.47
CA ASN B 286 -8.09 29.02 17.57
C ASN B 286 -7.40 27.97 16.71
N MET B 287 -6.67 28.43 15.70
CA MET B 287 -6.03 27.53 14.75
C MET B 287 -4.90 26.72 15.39
N TRP B 288 -4.94 25.40 15.19
CA TRP B 288 -3.93 24.52 15.74
C TRP B 288 -2.56 24.74 15.10
N GLN B 289 -2.55 25.40 13.95
CA GLN B 289 -1.31 25.76 13.29
C GLN B 289 -0.55 26.79 14.14
N GLY B 290 -1.30 27.64 14.83
CA GLY B 290 -0.72 28.66 15.68
C GLY B 290 -0.81 30.05 15.09
N THR B 291 -1.72 30.23 14.13
CA THR B 291 -1.87 31.51 13.45
C THR B 291 -2.90 32.41 14.15
N GLY B 292 -3.33 32.00 15.34
CA GLY B 292 -4.26 32.80 16.11
C GLY B 292 -5.72 32.46 15.86
N GLN B 293 -6.59 33.45 16.03
CA GLN B 293 -8.01 33.26 15.85
C GLN B 293 -8.42 33.28 14.38
N ALA B 294 -9.58 32.68 14.09
CA ALA B 294 -10.11 32.65 12.75
C ALA B 294 -11.62 32.44 12.77
N MET B 295 -12.32 33.07 11.83
CA MET B 295 -13.77 32.96 11.76
C MET B 295 -14.24 32.27 10.48
N TYR B 296 -15.12 31.29 10.65
CA TYR B 296 -15.70 30.58 9.51
C TYR B 296 -17.18 30.88 9.38
N ALA B 297 -17.78 30.43 8.28
CA ALA B 297 -19.20 30.68 8.03
C ALA B 297 -20.07 29.70 8.80
N PRO B 298 -21.36 30.02 8.95
CA PRO B 298 -22.34 29.17 9.64
C PRO B 298 -22.36 27.74 9.08
N PRO B 299 -22.71 26.75 9.93
CA PRO B 299 -22.72 25.33 9.58
C PRO B 299 -23.54 25.03 8.32
N ILE B 300 -23.23 23.94 7.64
CA ILE B 300 -23.96 23.56 6.44
C ILE B 300 -25.32 22.98 6.80
N ASP B 301 -26.23 23.06 5.84
CA ASP B 301 -27.59 22.55 6.02
C ASP B 301 -27.64 21.03 6.03
N GLY B 302 -28.78 20.47 6.42
CA GLY B 302 -29.01 19.05 6.37
C GLY B 302 -28.34 18.31 7.51
N LYS B 303 -28.40 16.98 7.46
CA LYS B 303 -27.82 16.13 8.50
C LYS B 303 -26.30 16.08 8.38
N ILE B 304 -25.62 16.44 9.47
CA ILE B 304 -24.16 16.35 9.53
C ILE B 304 -23.74 15.25 10.50
N ASN B 305 -23.10 14.22 9.98
CA ASN B 305 -22.76 13.05 10.79
C ASN B 305 -21.33 12.56 10.59
N CYS B 306 -20.68 12.22 11.69
CA CYS B 306 -19.35 11.65 11.66
C CYS B 306 -19.20 10.53 12.69
N VAL B 307 -19.13 9.29 12.21
CA VAL B 307 -18.91 8.15 13.08
C VAL B 307 -17.45 7.73 13.02
N SER B 308 -16.78 7.77 14.16
CA SER B 308 -15.35 7.49 14.23
C SER B 308 -15.03 6.43 15.27
N ASN B 309 -13.87 5.78 15.10
CA ASN B 309 -13.36 4.86 16.11
C ASN B 309 -12.40 5.55 17.06
N ILE B 310 -12.73 5.54 18.34
CA ILE B 310 -11.81 6.05 19.36
C ILE B 310 -10.71 5.02 19.59
N THR B 311 -9.54 5.27 19.01
CA THR B 311 -8.45 4.31 19.07
C THR B 311 -7.34 4.75 20.01
N GLY B 312 -7.44 5.99 20.50
CA GLY B 312 -6.44 6.52 21.40
C GLY B 312 -6.98 7.63 22.28
N ILE B 313 -6.26 7.92 23.36
CA ILE B 313 -6.64 8.99 24.27
C ILE B 313 -5.43 9.80 24.71
N LEU B 314 -5.55 11.12 24.65
CA LEU B 314 -4.49 12.01 25.10
C LEU B 314 -4.75 12.47 26.52
N LEU B 315 -3.80 12.21 27.42
CA LEU B 315 -3.98 12.52 28.84
C LEU B 315 -2.86 13.39 29.39
N THR B 316 -3.18 14.13 30.45
CA THR B 316 -2.19 14.93 31.17
C THR B 316 -2.33 14.70 32.67
N ARG B 317 -1.28 14.15 33.28
CA ARG B 317 -1.30 13.84 34.70
C ARG B 317 -1.04 15.09 35.55
N ASP B 318 -1.76 15.20 36.67
CA ASP B 318 -1.61 16.34 37.56
C ASP B 318 -0.28 16.30 38.32
N GLY B 319 0.30 17.48 38.53
CA GLY B 319 1.51 17.60 39.31
C GLY B 319 1.23 18.12 40.70
N GLY B 320 2.25 18.17 41.54
CA GLY B 320 2.10 18.65 42.90
C GLY B 320 1.28 17.70 43.76
N ALA B 321 1.33 16.42 43.42
CA ALA B 321 0.61 15.41 44.18
C ALA B 321 1.48 14.17 44.39
N ASN B 322 2.79 14.37 44.40
CA ASN B 322 3.74 13.28 44.57
C ASN B 322 3.67 12.65 45.96
N ASN B 323 3.17 13.43 46.92
CA ASN B 323 3.04 12.94 48.29
C ASN B 323 1.66 12.38 48.57
N THR B 324 0.78 12.43 47.57
CA THR B 324 -0.58 11.90 47.71
C THR B 324 -0.65 10.45 47.24
N SER B 325 -1.68 9.75 47.68
CA SER B 325 -1.86 8.35 47.33
C SER B 325 -2.64 8.20 46.03
N ASN B 326 -2.91 9.32 45.37
CA ASN B 326 -3.68 9.32 44.13
C ASN B 326 -2.92 9.94 42.96
N GLU B 327 -3.29 9.55 41.75
CA GLU B 327 -2.74 10.14 40.53
C GLU B 327 -3.87 10.50 39.58
N THR B 328 -4.16 11.80 39.47
CA THR B 328 -5.28 12.26 38.66
C THR B 328 -4.88 12.48 37.21
N PHE B 329 -5.76 12.09 36.29
CA PHE B 329 -5.52 12.25 34.87
C PHE B 329 -6.67 13.01 34.20
N ARG B 330 -6.33 13.88 33.26
CA ARG B 330 -7.32 14.66 32.54
C ARG B 330 -7.08 14.61 31.04
N PRO B 331 -8.14 14.59 30.24
CA PRO B 331 -8.02 14.56 28.78
C PRO B 331 -7.34 15.83 28.25
N GLY B 332 -6.17 15.65 27.65
CA GLY B 332 -5.39 16.79 27.18
C GLY B 332 -5.26 16.83 25.67
N GLY B 333 -4.10 17.28 25.20
CA GLY B 333 -3.86 17.41 23.77
C GLY B 333 -3.51 18.84 23.39
N GLY B 334 -3.72 19.17 22.13
CA GLY B 334 -3.41 20.51 21.64
C GLY B 334 -2.25 20.48 20.65
N ASN B 335 -1.21 19.73 21.01
CA ASN B 335 -0.07 19.53 20.11
C ASN B 335 -0.38 18.45 19.09
N ILE B 336 -0.79 18.87 17.89
CA ILE B 336 -1.22 17.94 16.85
C ILE B 336 -0.11 16.99 16.43
N LYS B 337 1.13 17.37 16.70
CA LYS B 337 2.27 16.53 16.36
C LYS B 337 2.24 15.23 17.17
N ASP B 338 1.58 15.28 18.33
CA ASP B 338 1.41 14.09 19.15
C ASP B 338 0.47 13.09 18.48
N ASN B 339 -0.47 13.61 17.70
CA ASN B 339 -1.39 12.74 16.96
C ASN B 339 -0.66 11.89 15.93
N TRP B 340 0.34 12.49 15.28
CA TRP B 340 1.13 11.78 14.30
C TRP B 340 2.04 10.77 14.98
N ARG B 341 2.46 11.09 16.20
CA ARG B 341 3.31 10.21 16.99
C ARG B 341 2.58 8.92 17.38
N SER B 342 1.26 9.02 17.51
CA SER B 342 0.45 7.88 17.90
C SER B 342 0.42 6.82 16.81
N GLU B 343 0.88 7.18 15.62
CA GLU B 343 0.87 6.26 14.49
C GLU B 343 2.28 5.98 13.96
N LEU B 344 3.17 6.95 14.10
CA LEU B 344 4.53 6.83 13.58
C LEU B 344 5.52 6.34 14.65
N TYR B 345 5.00 5.95 15.81
CA TYR B 345 5.83 5.57 16.94
C TYR B 345 6.74 4.38 16.64
N LYS B 346 6.29 3.48 15.77
CA LYS B 346 7.04 2.25 15.49
C LYS B 346 7.97 2.38 14.28
N TYR B 347 8.13 3.60 13.77
CA TYR B 347 8.96 3.81 12.58
C TYR B 347 10.15 4.71 12.86
N LYS B 348 11.20 4.54 12.07
CA LYS B 348 12.36 5.43 12.12
C LYS B 348 13.16 5.30 10.82
N VAL B 349 13.69 6.43 10.35
CA VAL B 349 14.44 6.45 9.10
C VAL B 349 15.93 6.19 9.33
N VAL B 350 16.53 5.41 8.44
CA VAL B 350 17.95 5.10 8.52
C VAL B 350 18.58 5.10 7.13
N GLN B 351 19.80 5.61 7.03
CA GLN B 351 20.51 5.65 5.75
C GLN B 351 21.44 4.44 5.61
N ILE B 352 21.34 3.76 4.48
CA ILE B 352 22.20 2.60 4.21
C ILE B 352 23.53 3.05 3.62
N GLU B 353 24.62 2.50 4.13
CA GLU B 353 25.95 2.85 3.67
C GLU B 353 26.60 1.70 2.90
N VAL C 1 3.00 -5.95 -34.21
CA VAL C 1 2.36 -4.67 -33.95
C VAL C 1 0.84 -4.79 -34.01
N TRP C 2 0.17 -4.21 -33.02
CA TRP C 2 -1.29 -4.22 -32.99
C TRP C 2 -1.84 -2.92 -32.42
N LYS C 3 -3.15 -2.74 -32.56
CA LYS C 3 -3.82 -1.54 -32.07
C LYS C 3 -5.27 -1.84 -31.70
N ASP C 4 -5.84 -1.02 -30.83
CA ASP C 4 -7.25 -1.17 -30.46
C ASP C 4 -8.13 -0.98 -31.68
N ALA C 5 -9.13 -1.83 -31.83
CA ALA C 5 -10.03 -1.76 -32.98
C ALA C 5 -11.27 -2.62 -32.78
N ASP C 6 -12.33 -2.30 -33.51
CA ASP C 6 -13.55 -3.08 -33.50
C ASP C 6 -13.72 -3.82 -34.81
N THR C 7 -14.25 -5.04 -34.75
CA THR C 7 -14.50 -5.82 -35.95
C THR C 7 -15.68 -6.75 -35.74
N THR C 8 -16.17 -7.32 -36.84
CA THR C 8 -17.29 -8.24 -36.77
C THR C 8 -16.85 -9.59 -36.21
N LEU C 9 -17.29 -9.89 -34.99
CA LEU C 9 -16.96 -11.15 -34.34
C LEU C 9 -17.89 -12.27 -34.80
N PHE C 10 -17.44 -13.51 -34.66
CA PHE C 10 -18.30 -14.66 -34.88
C PHE C 10 -18.32 -15.51 -33.62
N CYS C 11 -19.29 -16.40 -33.50
CA CYS C 11 -19.45 -17.18 -32.28
C CYS C 11 -19.21 -18.66 -32.51
N ALA C 12 -18.85 -19.36 -31.44
CA ALA C 12 -18.64 -20.81 -31.48
C ALA C 12 -19.28 -21.45 -30.26
N SER C 13 -19.74 -22.70 -30.42
CA SER C 13 -20.40 -23.39 -29.33
C SER C 13 -20.41 -24.90 -29.55
N ASP C 14 -20.78 -25.64 -28.50
CA ASP C 14 -20.90 -27.09 -28.58
C ASP C 14 -22.36 -27.50 -28.69
N ALA C 15 -23.16 -26.66 -29.36
CA ALA C 15 -24.58 -26.91 -29.51
C ALA C 15 -24.85 -28.20 -30.27
N LYS C 16 -25.94 -28.87 -29.91
CA LYS C 16 -26.33 -30.12 -30.57
C LYS C 16 -27.35 -29.86 -31.67
N ALA C 17 -27.13 -30.46 -32.82
CA ALA C 17 -27.99 -30.24 -33.98
C ALA C 17 -29.35 -30.92 -33.81
N HIS C 18 -29.40 -31.94 -32.97
CA HIS C 18 -30.63 -32.73 -32.81
C HIS C 18 -31.51 -32.19 -31.68
N GLU C 19 -30.93 -31.40 -30.78
CA GLU C 19 -31.69 -30.86 -29.66
C GLU C 19 -32.67 -29.77 -30.10
N THR C 20 -33.84 -29.76 -29.46
CA THR C 20 -34.87 -28.77 -29.78
C THR C 20 -34.77 -27.57 -28.87
N GLU C 21 -33.81 -27.59 -27.95
CA GLU C 21 -33.58 -26.48 -27.04
C GLU C 21 -33.23 -25.22 -27.83
N VAL C 22 -33.86 -24.10 -27.47
CA VAL C 22 -33.77 -22.88 -28.25
C VAL C 22 -32.36 -22.33 -28.41
N HIS C 23 -31.56 -22.42 -27.34
CA HIS C 23 -30.18 -21.94 -27.41
C HIS C 23 -29.35 -22.81 -28.36
N ASN C 24 -29.64 -24.10 -28.38
CA ASN C 24 -28.94 -25.04 -29.25
C ASN C 24 -29.26 -24.82 -30.72
N VAL C 25 -30.54 -24.62 -31.02
CA VAL C 25 -30.97 -24.43 -32.40
C VAL C 25 -30.43 -23.12 -32.97
N TRP C 26 -30.36 -22.09 -32.12
CA TRP C 26 -29.84 -20.79 -32.54
C TRP C 26 -28.36 -20.89 -32.88
N ALA C 27 -27.58 -21.43 -31.94
CA ALA C 27 -26.14 -21.56 -32.13
C ALA C 27 -25.79 -22.51 -33.25
N THR C 28 -26.73 -23.39 -33.59
CA THR C 28 -26.53 -24.36 -34.66
C THR C 28 -26.42 -23.69 -36.02
N HIS C 29 -27.21 -22.64 -36.23
CA HIS C 29 -27.20 -21.93 -37.51
C HIS C 29 -26.58 -20.54 -37.39
N ALA C 30 -26.08 -20.21 -36.20
CA ALA C 30 -25.51 -18.89 -35.96
C ALA C 30 -24.03 -18.98 -35.56
N CYS C 31 -23.64 -20.12 -35.03
CA CYS C 31 -22.27 -20.31 -34.56
C CYS C 31 -21.60 -21.51 -35.22
N VAL C 32 -20.29 -21.59 -35.08
CA VAL C 32 -19.52 -22.73 -35.60
C VAL C 32 -19.04 -23.60 -34.43
N PRO C 33 -18.58 -24.81 -34.75
CA PRO C 33 -18.03 -25.72 -33.72
C PRO C 33 -16.85 -25.09 -32.99
N THR C 34 -16.66 -25.45 -31.73
CA THR C 34 -15.56 -24.91 -30.93
C THR C 34 -14.23 -25.56 -31.33
N ASP C 35 -13.14 -24.86 -31.03
CA ASP C 35 -11.81 -25.38 -31.32
C ASP C 35 -11.39 -26.37 -30.26
N PRO C 36 -11.18 -27.64 -30.65
CA PRO C 36 -10.77 -28.72 -29.75
C PRO C 36 -9.47 -28.40 -29.01
N ASN C 37 -8.53 -27.77 -29.71
CA ASN C 37 -7.25 -27.38 -29.11
C ASN C 37 -7.00 -25.88 -29.23
N PRO C 38 -7.66 -25.09 -28.36
CA PRO C 38 -7.49 -23.64 -28.35
C PRO C 38 -6.10 -23.22 -27.91
N GLN C 39 -5.48 -22.31 -28.64
CA GLN C 39 -4.14 -21.85 -28.31
C GLN C 39 -4.17 -20.50 -27.61
N GLU C 40 -3.34 -20.36 -26.57
CA GLU C 40 -3.22 -19.11 -25.84
C GLU C 40 -1.75 -18.72 -25.70
N ILE C 41 -1.42 -17.50 -26.11
CA ILE C 41 -0.05 -17.02 -26.04
C ILE C 41 0.11 -15.95 -24.98
N HIS C 42 0.93 -16.22 -23.97
CA HIS C 42 1.22 -15.25 -22.93
C HIS C 42 2.28 -14.26 -23.38
N LEU C 43 1.95 -12.97 -23.34
CA LEU C 43 2.86 -11.93 -23.77
C LEU C 43 3.73 -11.44 -22.61
N GLU C 44 5.03 -11.63 -22.72
CA GLU C 44 5.96 -11.21 -21.68
C GLU C 44 6.27 -9.73 -21.77
N ASN C 45 6.27 -9.05 -20.61
CA ASN C 45 6.61 -7.64 -20.53
C ASN C 45 5.67 -6.75 -21.36
N VAL C 46 4.43 -7.20 -21.51
CA VAL C 46 3.45 -6.47 -22.30
C VAL C 46 2.35 -5.89 -21.40
N THR C 47 2.26 -4.56 -21.37
CA THR C 47 1.23 -3.89 -20.58
C THR C 47 0.18 -3.25 -21.47
N GLU C 48 -1.06 -3.72 -21.35
CA GLU C 48 -2.16 -3.22 -22.16
C GLU C 48 -3.24 -2.58 -21.30
N ASN C 49 -3.87 -1.54 -21.83
CA ASN C 49 -4.96 -0.87 -21.14
C ASN C 49 -6.32 -1.45 -21.55
N PHE C 50 -7.19 -1.67 -20.56
CA PHE C 50 -8.51 -2.22 -20.80
C PHE C 50 -9.60 -1.27 -20.32
N ASN C 51 -10.80 -1.42 -20.88
CA ASN C 51 -11.96 -0.66 -20.44
C ASN C 51 -13.24 -1.44 -20.69
N MET C 52 -13.67 -2.19 -19.68
CA MET C 52 -14.84 -3.04 -19.78
C MET C 52 -16.12 -2.26 -20.08
N TRP C 53 -16.11 -0.98 -19.75
CA TRP C 53 -17.32 -0.16 -19.86
C TRP C 53 -17.47 0.46 -21.24
N LYS C 54 -16.42 0.37 -22.05
CA LYS C 54 -16.48 0.79 -23.44
C LYS C 54 -15.85 -0.30 -24.32
N ASN C 55 -16.51 -1.46 -24.33
CA ASN C 55 -16.01 -2.61 -25.07
C ASN C 55 -17.06 -3.09 -26.07
N ASN C 56 -16.75 -2.94 -27.36
CA ASN C 56 -17.70 -3.26 -28.42
C ASN C 56 -18.11 -4.73 -28.44
N MET C 57 -17.34 -5.57 -27.76
CA MET C 57 -17.68 -6.99 -27.64
C MET C 57 -19.01 -7.14 -26.90
N VAL C 58 -19.27 -6.22 -25.98
CA VAL C 58 -20.50 -6.24 -25.20
C VAL C 58 -21.73 -5.95 -26.06
N GLU C 59 -21.60 -4.96 -26.95
CA GLU C 59 -22.70 -4.60 -27.84
C GLU C 59 -23.03 -5.71 -28.83
N GLN C 60 -22.01 -6.47 -29.21
CA GLN C 60 -22.21 -7.55 -30.18
C GLN C 60 -22.90 -8.75 -29.55
N MET C 61 -22.55 -9.06 -28.30
CA MET C 61 -23.20 -10.15 -27.58
C MET C 61 -24.65 -9.79 -27.29
N GLN C 62 -24.88 -8.51 -26.99
CA GLN C 62 -26.23 -8.00 -26.77
C GLN C 62 -27.10 -8.21 -28.00
N GLU C 63 -26.52 -7.99 -29.18
CA GLU C 63 -27.24 -8.14 -30.44
C GLU C 63 -27.56 -9.61 -30.72
N ASP C 64 -26.67 -10.50 -30.33
CA ASP C 64 -26.89 -11.94 -30.51
C ASP C 64 -28.04 -12.42 -29.63
N VAL C 65 -27.99 -12.06 -28.35
CA VAL C 65 -28.99 -12.50 -27.39
C VAL C 65 -30.38 -11.94 -27.74
N ILE C 66 -30.41 -10.71 -28.23
CA ILE C 66 -31.66 -10.12 -28.71
C ILE C 66 -32.17 -10.91 -29.91
N SER C 67 -31.24 -11.34 -30.76
CA SER C 67 -31.59 -12.14 -31.93
C SER C 67 -32.10 -13.51 -31.51
N LEU C 68 -31.48 -14.09 -30.49
CA LEU C 68 -31.85 -15.41 -30.00
C LEU C 68 -33.23 -15.40 -29.37
N TRP C 69 -33.50 -14.39 -28.55
CA TRP C 69 -34.79 -14.28 -27.86
C TRP C 69 -35.93 -13.95 -28.82
N ASP C 70 -35.59 -13.30 -29.94
CA ASP C 70 -36.60 -12.98 -30.95
C ASP C 70 -37.05 -14.22 -31.70
N GLN C 71 -36.21 -15.25 -31.72
CA GLN C 71 -36.50 -16.47 -32.45
C GLN C 71 -37.13 -17.53 -31.55
N SER C 72 -36.78 -17.49 -30.27
CA SER C 72 -37.16 -18.54 -29.33
C SER C 72 -38.35 -18.14 -28.45
N LEU C 73 -38.22 -17.02 -27.75
CA LEU C 73 -39.24 -16.60 -26.79
C LEU C 73 -40.17 -15.54 -27.38
N GLN C 74 -41.12 -15.99 -28.21
CA GLN C 74 -42.09 -15.08 -28.81
C GLN C 74 -43.40 -15.10 -28.03
N PRO C 75 -43.77 -13.95 -27.45
CA PRO C 75 -44.96 -13.82 -26.62
C PRO C 75 -46.27 -13.93 -27.41
N CYS C 76 -47.38 -14.09 -26.71
CA CYS C 76 -48.68 -14.19 -27.34
C CYS C 76 -49.15 -12.81 -27.82
N VAL C 77 -48.91 -11.80 -27.01
CA VAL C 77 -49.30 -10.43 -27.33
C VAL C 77 -48.10 -9.49 -27.21
N LYS C 78 -47.98 -8.58 -28.15
CA LYS C 78 -46.86 -7.64 -28.18
C LYS C 78 -47.30 -6.28 -28.70
N LEU C 79 -46.81 -5.21 -28.06
CA LEU C 79 -47.21 -3.86 -28.42
C LEU C 79 -46.02 -2.91 -28.49
N THR C 80 -45.90 -2.20 -29.61
CA THR C 80 -44.84 -1.21 -29.80
C THR C 80 -45.36 -0.04 -30.63
N GLY C 81 -45.78 1.01 -29.94
CA GLY C 81 -46.33 2.18 -30.60
C GLY C 81 -47.83 2.28 -30.43
N GLY C 82 -48.55 1.29 -30.95
CA GLY C 82 -49.99 1.26 -30.84
C GLY C 82 -50.63 0.20 -31.72
N SER C 83 -49.88 -0.86 -31.99
CA SER C 83 -50.35 -1.95 -32.82
C SER C 83 -50.23 -3.30 -32.11
N VAL C 84 -51.38 -3.93 -31.84
CA VAL C 84 -51.39 -5.22 -31.16
C VAL C 84 -50.96 -6.35 -32.10
N ILE C 85 -50.14 -7.25 -31.58
CA ILE C 85 -49.65 -8.38 -32.37
C ILE C 85 -49.91 -9.70 -31.66
N LYS C 86 -50.93 -10.43 -32.11
CA LYS C 86 -51.27 -11.71 -31.53
C LYS C 86 -50.70 -12.86 -32.37
N GLN C 87 -49.79 -13.63 -31.78
CA GLN C 87 -49.14 -14.72 -32.48
C GLN C 87 -49.01 -15.96 -31.58
N ALA C 88 -48.62 -17.07 -32.19
CA ALA C 88 -48.45 -18.33 -31.46
C ALA C 88 -47.36 -18.20 -30.40
N CYS C 89 -47.63 -18.80 -29.24
CA CYS C 89 -46.71 -18.70 -28.12
C CYS C 89 -46.61 -20.03 -27.37
N PRO C 90 -46.10 -21.07 -28.05
CA PRO C 90 -45.98 -22.41 -27.48
C PRO C 90 -44.85 -22.51 -26.46
N LYS C 91 -44.97 -23.46 -25.54
CA LYS C 91 -43.92 -23.70 -24.56
C LYS C 91 -42.68 -24.26 -25.24
N ILE C 92 -41.51 -23.76 -24.86
CA ILE C 92 -40.26 -24.13 -25.50
C ILE C 92 -39.29 -24.77 -24.52
N SER C 93 -38.24 -25.39 -25.06
CA SER C 93 -37.16 -25.93 -24.25
C SER C 93 -36.10 -24.86 -24.04
N PHE C 94 -35.96 -24.39 -22.80
CA PHE C 94 -35.10 -23.25 -22.51
C PHE C 94 -34.04 -23.57 -21.47
N ASP C 95 -32.78 -23.44 -21.87
CA ASP C 95 -31.65 -23.65 -20.96
C ASP C 95 -30.35 -23.20 -21.63
N PRO C 96 -29.86 -22.01 -21.25
CA PRO C 96 -28.70 -21.35 -21.85
C PRO C 96 -27.46 -22.24 -21.94
N ILE C 97 -26.70 -22.09 -23.01
CA ILE C 97 -25.44 -22.81 -23.19
C ILE C 97 -24.30 -21.83 -23.39
N PRO C 98 -23.06 -22.27 -23.08
CA PRO C 98 -21.88 -21.43 -23.23
C PRO C 98 -21.64 -21.02 -24.69
N ILE C 99 -21.45 -19.72 -24.92
CA ILE C 99 -21.17 -19.21 -26.25
C ILE C 99 -19.81 -18.52 -26.30
N HIS C 100 -18.96 -18.94 -27.24
CA HIS C 100 -17.63 -18.37 -27.40
C HIS C 100 -17.64 -17.28 -28.47
N TYR C 101 -16.94 -16.18 -28.20
CA TYR C 101 -16.81 -15.11 -29.17
C TYR C 101 -15.39 -15.02 -29.70
N CYS C 102 -15.26 -15.05 -31.03
CA CYS C 102 -13.95 -15.17 -31.66
C CYS C 102 -13.70 -14.04 -32.67
N THR C 103 -12.43 -13.80 -32.96
CA THR C 103 -12.05 -12.76 -33.91
C THR C 103 -11.67 -13.36 -35.25
N PRO C 104 -11.95 -12.63 -36.34
CA PRO C 104 -11.60 -13.06 -37.70
C PRO C 104 -10.11 -12.90 -37.97
N ALA C 105 -9.68 -13.25 -39.17
CA ALA C 105 -8.28 -13.12 -39.55
C ALA C 105 -7.84 -11.66 -39.51
N GLY C 106 -6.63 -11.41 -39.04
CA GLY C 106 -6.09 -10.07 -38.95
C GLY C 106 -6.36 -9.44 -37.60
N TYR C 107 -7.13 -10.15 -36.77
CA TYR C 107 -7.46 -9.66 -35.44
C TYR C 107 -7.17 -10.73 -34.38
N VAL C 108 -7.16 -10.30 -33.12
CA VAL C 108 -6.94 -11.23 -32.01
C VAL C 108 -7.53 -10.64 -30.73
N ILE C 109 -7.85 -11.51 -29.78
CA ILE C 109 -8.41 -11.08 -28.50
C ILE C 109 -7.34 -11.08 -27.42
N LEU C 110 -7.08 -9.92 -26.83
CA LEU C 110 -6.15 -9.82 -25.72
C LEU C 110 -6.90 -10.08 -24.41
N LYS C 111 -6.30 -10.90 -23.55
CA LYS C 111 -6.95 -11.31 -22.31
C LYS C 111 -6.12 -10.89 -21.10
N CYS C 112 -6.73 -10.11 -20.20
CA CYS C 112 -6.06 -9.68 -18.98
C CYS C 112 -6.11 -10.78 -17.93
N ASN C 113 -4.94 -11.18 -17.45
CA ASN C 113 -4.86 -12.27 -16.48
C ASN C 113 -4.50 -11.79 -15.08
N ASP C 114 -4.56 -10.48 -14.85
CA ASP C 114 -4.38 -9.94 -13.50
C ASP C 114 -5.51 -10.42 -12.60
N LYS C 115 -5.15 -11.12 -11.54
CA LYS C 115 -6.13 -11.79 -10.68
C LYS C 115 -7.06 -10.83 -9.95
N ASN C 116 -6.60 -9.60 -9.75
CA ASN C 116 -7.43 -8.60 -9.09
C ASN C 116 -7.76 -7.43 -10.02
N PHE C 117 -7.76 -7.71 -11.32
CA PHE C 117 -8.10 -6.72 -12.33
C PHE C 117 -9.55 -6.30 -12.20
N ASN C 118 -9.79 -4.99 -12.11
CA ASN C 118 -11.14 -4.49 -11.85
C ASN C 118 -11.92 -4.15 -13.12
N GLY C 119 -11.27 -4.27 -14.27
CA GLY C 119 -11.94 -4.07 -15.54
C GLY C 119 -11.47 -2.86 -16.32
N THR C 120 -10.74 -1.96 -15.66
CA THR C 120 -10.24 -0.77 -16.33
C THR C 120 -8.78 -0.50 -15.98
N GLY C 121 -8.08 0.21 -16.85
CA GLY C 121 -6.70 0.57 -16.62
C GLY C 121 -5.72 -0.41 -17.22
N PRO C 122 -4.45 -0.29 -16.84
CA PRO C 122 -3.36 -1.13 -17.37
C PRO C 122 -3.40 -2.56 -16.84
N CYS C 123 -2.90 -3.50 -17.63
CA CYS C 123 -2.84 -4.91 -17.23
C CYS C 123 -1.45 -5.48 -17.55
N LYS C 124 -0.76 -5.95 -16.53
CA LYS C 124 0.59 -6.49 -16.70
C LYS C 124 0.59 -7.91 -17.26
N ASN C 125 -0.28 -8.75 -16.71
CA ASN C 125 -0.43 -10.13 -17.17
C ASN C 125 -1.37 -10.22 -18.37
N VAL C 126 -0.83 -10.15 -19.58
CA VAL C 126 -1.66 -10.18 -20.78
C VAL C 126 -1.33 -11.35 -21.69
N SER C 127 -2.37 -11.98 -22.24
CA SER C 127 -2.21 -13.06 -23.19
C SER C 127 -3.12 -12.86 -24.41
N SER C 128 -2.80 -13.52 -25.51
CA SER C 128 -3.61 -13.43 -26.72
C SER C 128 -4.35 -14.74 -26.98
N VAL C 129 -5.63 -14.62 -27.32
CA VAL C 129 -6.46 -15.80 -27.59
C VAL C 129 -7.29 -15.58 -28.86
N GLN C 130 -7.81 -16.69 -29.40
CA GLN C 130 -8.63 -16.63 -30.60
C GLN C 130 -10.10 -16.46 -30.24
N CYS C 131 -10.49 -16.99 -29.09
CA CYS C 131 -11.88 -16.92 -28.64
C CYS C 131 -11.96 -16.71 -27.13
N THR C 132 -13.07 -16.15 -26.67
CA THR C 132 -13.32 -16.01 -25.25
C THR C 132 -13.70 -17.37 -24.66
N HIS C 133 -13.84 -17.43 -23.34
CA HIS C 133 -14.34 -18.63 -22.70
C HIS C 133 -15.84 -18.78 -22.98
N GLY C 134 -16.39 -19.92 -22.61
CA GLY C 134 -17.82 -20.18 -22.80
C GLY C 134 -18.67 -19.33 -21.89
N ILE C 135 -19.44 -18.41 -22.47
CA ILE C 135 -20.30 -17.51 -21.71
C ILE C 135 -21.78 -17.80 -21.93
N LYS C 136 -22.49 -18.12 -20.84
CA LYS C 136 -23.92 -18.34 -20.91
C LYS C 136 -24.68 -17.01 -20.94
N PRO C 137 -25.58 -16.85 -21.93
CA PRO C 137 -26.38 -15.64 -22.08
C PRO C 137 -27.52 -15.58 -21.06
N VAL C 138 -27.17 -15.54 -19.78
CA VAL C 138 -28.17 -15.51 -18.72
C VAL C 138 -28.72 -14.11 -18.49
N VAL C 139 -30.00 -13.92 -18.75
CA VAL C 139 -30.65 -12.62 -18.55
C VAL C 139 -31.27 -12.55 -17.15
N SER C 140 -30.88 -11.55 -16.39
CA SER C 140 -31.38 -11.40 -15.02
C SER C 140 -31.13 -10.01 -14.46
N THR C 141 -31.78 -9.72 -13.32
CA THR C 141 -31.56 -8.47 -12.61
C THR C 141 -31.13 -8.75 -11.18
N GLN C 142 -30.51 -7.76 -10.53
CA GLN C 142 -30.08 -7.86 -9.15
C GLN C 142 -28.94 -8.85 -8.95
N LEU C 143 -29.17 -10.10 -9.31
CA LEU C 143 -28.19 -11.16 -9.12
C LEU C 143 -27.69 -11.71 -10.44
N LEU C 144 -26.36 -11.86 -10.55
CA LEU C 144 -25.76 -12.50 -11.71
C LEU C 144 -25.66 -14.00 -11.47
N LEU C 145 -26.22 -14.78 -12.39
CA LEU C 145 -26.32 -16.22 -12.20
C LEU C 145 -25.48 -17.01 -13.21
N ASN C 146 -24.90 -18.11 -12.73
CA ASN C 146 -24.23 -19.06 -13.62
C ASN C 146 -23.06 -18.47 -14.41
N GLY C 147 -22.40 -17.49 -13.82
CA GLY C 147 -21.25 -16.85 -14.46
C GLY C 147 -19.93 -17.40 -13.94
N SER C 148 -18.86 -16.68 -14.22
CA SER C 148 -17.53 -17.06 -13.73
C SER C 148 -17.25 -16.38 -12.39
N LEU C 149 -16.33 -16.95 -11.62
CA LEU C 149 -15.97 -16.39 -10.33
C LEU C 149 -14.61 -15.70 -10.38
N ALA C 150 -14.43 -14.70 -9.52
CA ALA C 150 -13.14 -14.05 -9.38
C ALA C 150 -12.14 -15.03 -8.79
N GLU C 151 -10.89 -14.97 -9.28
CA GLU C 151 -9.89 -15.96 -8.91
C GLU C 151 -9.42 -15.83 -7.46
N GLU C 152 -9.27 -14.59 -6.99
CA GLU C 152 -8.80 -14.35 -5.63
C GLU C 152 -9.82 -13.58 -4.80
N GLU C 153 -9.52 -12.32 -4.53
CA GLU C 153 -10.39 -11.48 -3.72
C GLU C 153 -11.63 -11.05 -4.50
N ILE C 154 -12.68 -10.70 -3.77
CA ILE C 154 -13.90 -10.15 -4.38
C ILE C 154 -13.56 -8.85 -5.09
N ILE C 155 -14.11 -8.66 -6.29
CA ILE C 155 -13.79 -7.51 -7.11
C ILE C 155 -14.96 -6.56 -7.26
N ILE C 156 -14.71 -5.28 -7.05
CA ILE C 156 -15.72 -4.24 -7.25
C ILE C 156 -15.49 -3.54 -8.58
N ARG C 157 -16.49 -3.61 -9.46
CA ARG C 157 -16.36 -3.03 -10.80
C ARG C 157 -17.34 -1.88 -10.99
N SER C 158 -16.82 -0.76 -11.51
CA SER C 158 -17.64 0.40 -11.80
C SER C 158 -16.95 1.34 -12.77
N GLU C 159 -17.71 1.91 -13.70
CA GLU C 159 -17.16 2.86 -14.65
C GLU C 159 -16.71 4.12 -13.92
N ASN C 160 -17.39 4.42 -12.82
CA ASN C 160 -17.03 5.55 -11.97
C ASN C 160 -17.70 5.41 -10.61
N LEU C 161 -16.96 4.87 -9.66
CA LEU C 161 -17.50 4.55 -8.34
C LEU C 161 -17.95 5.81 -7.59
N THR C 162 -17.34 6.94 -7.90
CA THR C 162 -17.71 8.21 -7.28
C THR C 162 -19.08 8.67 -7.78
N ASN C 163 -19.45 8.24 -8.98
CA ASN C 163 -20.76 8.54 -9.54
C ASN C 163 -21.78 7.52 -9.10
N ASN C 164 -22.75 7.95 -8.29
CA ASN C 164 -23.76 7.05 -7.76
C ASN C 164 -24.73 6.56 -8.83
N ALA C 165 -24.78 7.26 -9.95
CA ALA C 165 -25.66 6.89 -11.06
C ALA C 165 -25.09 5.70 -11.83
N LYS C 166 -23.81 5.42 -11.63
CA LYS C 166 -23.14 4.32 -12.30
C LYS C 166 -23.35 3.00 -11.56
N THR C 167 -23.77 1.97 -12.28
CA THR C 167 -24.02 0.66 -11.69
C THR C 167 -22.74 0.02 -11.19
N ILE C 168 -22.84 -0.70 -10.08
CA ILE C 168 -21.70 -1.41 -9.51
C ILE C 168 -21.85 -2.91 -9.73
N ILE C 169 -20.79 -3.53 -10.25
CA ILE C 169 -20.78 -4.99 -10.42
C ILE C 169 -19.87 -5.63 -9.38
N VAL C 170 -20.48 -6.44 -8.50
CA VAL C 170 -19.71 -7.18 -7.51
C VAL C 170 -19.38 -8.57 -8.04
N HIS C 171 -18.10 -8.87 -8.17
CA HIS C 171 -17.66 -10.16 -8.67
C HIS C 171 -17.23 -11.07 -7.52
N LEU C 172 -18.06 -12.05 -7.21
CA LEU C 172 -17.81 -12.97 -6.11
C LEU C 172 -16.69 -13.94 -6.43
N ASN C 173 -16.01 -14.43 -5.39
CA ASN C 173 -14.99 -15.46 -5.58
C ASN C 173 -15.45 -16.81 -5.04
N LYS C 174 -16.68 -16.85 -4.52
CA LYS C 174 -17.29 -18.08 -4.06
C LYS C 174 -18.77 -18.08 -4.38
N SER C 175 -19.22 -19.12 -5.08
CA SER C 175 -20.60 -19.22 -5.52
C SER C 175 -21.56 -19.49 -4.36
N VAL C 176 -22.76 -18.96 -4.47
CA VAL C 176 -23.83 -19.26 -3.53
C VAL C 176 -25.06 -19.75 -4.29
N GLU C 177 -25.39 -21.02 -4.12
CA GLU C 177 -26.49 -21.62 -4.87
C GLU C 177 -27.84 -21.01 -4.50
N ILE C 178 -28.62 -20.68 -5.52
CA ILE C 178 -30.00 -20.22 -5.31
C ILE C 178 -30.95 -21.25 -5.93
N ASN C 179 -31.78 -21.84 -5.10
CA ASN C 179 -32.64 -22.95 -5.51
C ASN C 179 -34.10 -22.54 -5.61
N CYS C 180 -34.53 -22.23 -6.84
CA CYS C 180 -35.89 -21.77 -7.07
C CYS C 180 -36.77 -22.91 -7.58
N THR C 181 -38.04 -22.89 -7.20
CA THR C 181 -38.96 -23.95 -7.58
C THR C 181 -40.43 -23.53 -7.62
N ARG C 182 -41.11 -23.90 -8.68
CA ARG C 182 -42.56 -23.80 -8.74
C ARG C 182 -43.11 -25.21 -8.58
N PRO C 183 -43.48 -25.57 -7.34
CA PRO C 183 -43.89 -26.94 -6.98
C PRO C 183 -45.03 -27.48 -7.84
N SER C 184 -44.99 -28.79 -8.10
CA SER C 184 -46.03 -29.43 -8.90
C SER C 184 -47.39 -29.35 -8.20
N ASN C 185 -47.37 -29.40 -6.87
CA ASN C 185 -48.59 -29.31 -6.08
C ASN C 185 -48.36 -28.56 -4.77
N GLY C 192 -53.67 -22.93 -3.49
CA GLY C 192 -53.66 -23.20 -4.91
C GLY C 192 -53.28 -21.98 -5.73
N ASP C 193 -52.08 -22.00 -6.30
CA ASP C 193 -51.59 -20.90 -7.11
C ASP C 193 -50.46 -21.38 -8.02
N ILE C 194 -50.75 -21.49 -9.31
CA ILE C 194 -49.80 -22.01 -10.27
C ILE C 194 -48.65 -21.03 -10.52
N ARG C 195 -48.83 -19.78 -10.11
CA ARG C 195 -47.82 -18.75 -10.33
C ARG C 195 -46.99 -18.50 -9.08
N LYS C 196 -47.36 -19.17 -7.99
CA LYS C 196 -46.61 -19.03 -6.74
C LYS C 196 -45.36 -19.91 -6.75
N ALA C 197 -44.23 -19.30 -6.45
CA ALA C 197 -42.96 -20.02 -6.40
C ALA C 197 -42.07 -19.48 -5.30
N TYR C 198 -40.85 -20.00 -5.19
CA TYR C 198 -39.93 -19.56 -4.16
C TYR C 198 -38.50 -20.01 -4.45
N CYS C 199 -37.53 -19.27 -3.90
CA CYS C 199 -36.13 -19.62 -4.01
C CYS C 199 -35.54 -19.88 -2.62
N GLU C 200 -34.81 -20.98 -2.48
CA GLU C 200 -34.16 -21.31 -1.23
C GLU C 200 -32.68 -21.02 -1.28
N ILE C 201 -32.18 -20.32 -0.26
CA ILE C 201 -30.77 -19.95 -0.18
C ILE C 201 -30.20 -20.23 1.20
N ASN C 202 -29.05 -20.89 1.23
CA ASN C 202 -28.35 -21.14 2.48
C ASN C 202 -27.93 -19.85 3.14
N GLY C 203 -28.61 -19.50 4.24
CA GLY C 203 -28.36 -18.24 4.93
C GLY C 203 -26.96 -18.13 5.49
N THR C 204 -26.38 -19.26 5.87
CA THR C 204 -25.04 -19.28 6.42
C THR C 204 -24.00 -18.86 5.38
N LYS C 205 -24.11 -19.45 4.19
CA LYS C 205 -23.18 -19.15 3.11
C LYS C 205 -23.36 -17.72 2.60
N TRP C 206 -24.61 -17.30 2.43
CA TRP C 206 -24.92 -15.99 1.87
C TRP C 206 -24.46 -14.85 2.78
N ASN C 207 -24.82 -14.92 4.05
CA ASN C 207 -24.46 -13.88 5.01
C ASN C 207 -22.96 -13.76 5.18
N LYS C 208 -22.26 -14.88 5.02
CA LYS C 208 -20.80 -14.88 5.09
C LYS C 208 -20.20 -14.13 3.91
N VAL C 209 -20.71 -14.41 2.72
CA VAL C 209 -20.25 -13.75 1.50
C VAL C 209 -20.61 -12.26 1.51
N LEU C 210 -21.80 -11.95 1.97
CA LEU C 210 -22.29 -10.58 2.00
C LEU C 210 -21.45 -9.72 2.95
N LYS C 211 -20.97 -10.34 4.02
CA LYS C 211 -20.11 -9.64 4.98
C LYS C 211 -18.75 -9.36 4.35
N GLN C 212 -18.27 -10.30 3.53
CA GLN C 212 -17.02 -10.11 2.82
C GLN C 212 -17.16 -9.04 1.75
N VAL C 213 -18.35 -8.93 1.18
CA VAL C 213 -18.64 -7.88 0.21
C VAL C 213 -18.62 -6.52 0.89
N THR C 214 -19.07 -6.49 2.14
CA THR C 214 -19.07 -5.27 2.93
C THR C 214 -17.65 -4.79 3.19
N GLU C 215 -16.80 -5.70 3.64
CA GLU C 215 -15.41 -5.38 3.93
C GLU C 215 -14.68 -4.91 2.67
N LYS C 216 -15.08 -5.45 1.52
CA LYS C 216 -14.48 -5.06 0.26
C LYS C 216 -14.92 -3.66 -0.16
N LEU C 217 -16.20 -3.38 0.05
CA LEU C 217 -16.76 -2.07 -0.27
C LEU C 217 -16.15 -0.97 0.58
N LYS C 218 -15.81 -1.31 1.82
CA LYS C 218 -15.19 -0.35 2.74
C LYS C 218 -13.82 0.07 2.22
N GLU C 219 -13.14 -0.82 1.52
CA GLU C 219 -11.84 -0.52 0.94
C GLU C 219 -11.94 0.55 -0.13
N HIS C 220 -13.10 0.61 -0.79
CA HIS C 220 -13.32 1.55 -1.88
C HIS C 220 -14.01 2.83 -1.42
N PHE C 221 -14.57 2.81 -0.21
CA PHE C 221 -15.29 3.97 0.29
C PHE C 221 -14.74 4.47 1.62
N ASN C 222 -13.43 4.44 1.77
CA ASN C 222 -12.74 5.07 2.89
C ASN C 222 -13.21 4.58 4.26
N ASN C 223 -13.53 3.30 4.36
CA ASN C 223 -13.95 2.69 5.62
C ASN C 223 -15.28 3.21 6.15
N LYS C 224 -16.10 3.78 5.27
CA LYS C 224 -17.42 4.23 5.66
C LYS C 224 -18.31 3.04 5.97
N THR C 225 -19.36 3.26 6.76
CA THR C 225 -20.28 2.20 7.13
C THR C 225 -21.11 1.77 5.92
N ILE C 226 -21.09 0.47 5.65
CA ILE C 226 -21.79 -0.07 4.49
C ILE C 226 -23.16 -0.63 4.88
N ILE C 227 -24.20 -0.14 4.23
CA ILE C 227 -25.57 -0.56 4.52
C ILE C 227 -26.28 -1.06 3.27
N PHE C 228 -27.00 -2.16 3.41
CA PHE C 228 -27.79 -2.71 2.32
C PHE C 228 -29.28 -2.42 2.53
N GLN C 229 -29.97 -2.10 1.44
CA GLN C 229 -31.40 -1.82 1.50
C GLN C 229 -32.10 -2.28 0.22
N PRO C 230 -33.37 -2.68 0.34
CA PRO C 230 -34.17 -3.06 -0.83
C PRO C 230 -34.33 -1.89 -1.79
N PRO C 231 -34.66 -2.17 -3.06
CA PRO C 231 -34.87 -1.14 -4.08
C PRO C 231 -35.88 -0.08 -3.63
N SER C 232 -35.58 1.18 -3.91
CA SER C 232 -36.45 2.28 -3.48
C SER C 232 -37.75 2.31 -4.27
N GLY C 233 -37.67 1.92 -5.55
CA GLY C 233 -38.85 1.90 -6.40
C GLY C 233 -38.52 1.48 -7.82
N GLY C 234 -39.51 1.57 -8.70
CA GLY C 234 -39.33 1.20 -10.09
C GLY C 234 -40.18 0.00 -10.48
N ASP C 235 -40.01 -0.48 -11.70
CA ASP C 235 -40.76 -1.63 -12.18
C ASP C 235 -40.36 -2.91 -11.45
N LEU C 236 -41.20 -3.93 -11.57
CA LEU C 236 -40.98 -5.19 -10.86
C LEU C 236 -39.73 -5.92 -11.34
N GLU C 237 -39.36 -5.70 -12.60
CA GLU C 237 -38.17 -6.35 -13.15
C GLU C 237 -36.91 -5.87 -12.44
N ILE C 238 -37.00 -4.69 -11.81
CA ILE C 238 -35.85 -4.10 -11.15
C ILE C 238 -35.95 -4.20 -9.62
N THR C 239 -37.15 -4.01 -9.09
CA THR C 239 -37.36 -4.07 -7.65
C THR C 239 -37.23 -5.50 -7.14
N MET C 240 -37.38 -6.46 -8.03
CA MET C 240 -37.25 -7.88 -7.67
C MET C 240 -36.22 -8.59 -8.54
N HIS C 241 -35.66 -9.67 -8.02
CA HIS C 241 -34.73 -10.50 -8.77
C HIS C 241 -35.48 -11.23 -9.88
N SER C 242 -35.35 -10.74 -11.11
CA SER C 242 -36.06 -11.33 -12.23
C SER C 242 -35.13 -12.15 -13.11
N PHE C 243 -35.59 -13.33 -13.51
CA PHE C 243 -34.81 -14.23 -14.34
C PHE C 243 -35.74 -15.21 -15.05
N ASN C 244 -35.21 -15.89 -16.07
CA ASN C 244 -36.02 -16.85 -16.82
C ASN C 244 -35.63 -18.29 -16.48
N CYS C 245 -36.60 -19.06 -16.01
CA CYS C 245 -36.37 -20.45 -15.65
C CYS C 245 -37.24 -21.39 -16.48
N ARG C 246 -36.61 -22.15 -17.37
CA ARG C 246 -37.32 -23.11 -18.21
C ARG C 246 -38.34 -22.43 -19.11
N GLY C 247 -38.06 -21.18 -19.48
CA GLY C 247 -38.97 -20.43 -20.33
C GLY C 247 -39.94 -19.57 -19.54
N GLU C 248 -40.02 -19.83 -18.24
CA GLU C 248 -40.93 -19.10 -17.36
C GLU C 248 -40.21 -17.91 -16.72
N PHE C 249 -40.89 -16.76 -16.68
CA PHE C 249 -40.31 -15.56 -16.09
C PHE C 249 -40.56 -15.50 -14.59
N PHE C 250 -39.50 -15.62 -13.81
CA PHE C 250 -39.59 -15.58 -12.36
C PHE C 250 -39.29 -14.19 -11.81
N TYR C 251 -40.11 -13.76 -10.85
CA TYR C 251 -39.89 -12.51 -10.14
C TYR C 251 -39.79 -12.80 -8.64
N CYS C 252 -38.62 -12.59 -8.06
CA CYS C 252 -38.38 -12.96 -6.67
C CYS C 252 -38.04 -11.77 -5.78
N ASN C 253 -38.66 -11.75 -4.61
CA ASN C 253 -38.42 -10.72 -3.60
C ASN C 253 -37.16 -11.03 -2.81
N THR C 254 -36.17 -10.15 -2.91
CA THR C 254 -34.87 -10.39 -2.29
C THR C 254 -34.65 -9.54 -1.03
N THR C 255 -35.74 -9.16 -0.38
CA THR C 255 -35.65 -8.35 0.84
C THR C 255 -34.86 -9.07 1.94
N GLN C 256 -35.04 -10.38 2.03
CA GLN C 256 -34.37 -11.17 3.07
C GLN C 256 -32.88 -11.33 2.80
N LEU C 257 -32.48 -11.25 1.53
CA LEU C 257 -31.09 -11.44 1.17
C LEU C 257 -30.21 -10.26 1.59
N PHE C 258 -30.73 -9.05 1.41
CA PHE C 258 -29.98 -7.85 1.77
C PHE C 258 -30.43 -7.35 3.13
N ASN C 259 -30.04 -8.11 4.16
CA ASN C 259 -30.46 -7.87 5.54
C ASN C 259 -29.26 -7.50 6.40
N ASN C 260 -29.17 -6.22 6.77
CA ASN C 260 -28.01 -5.71 7.48
C ASN C 260 -27.81 -6.33 8.87
N THR C 261 -28.90 -6.83 9.46
CA THR C 261 -28.85 -7.38 10.80
C THR C 261 -28.03 -8.67 10.86
N CYS C 262 -27.94 -9.37 9.73
CA CYS C 262 -27.25 -10.65 9.69
C CYS C 262 -25.84 -10.52 9.12
N ILE C 263 -25.32 -9.30 9.07
CA ILE C 263 -23.97 -9.06 8.56
C ILE C 263 -23.01 -8.68 9.69
N ASN C 272 -28.60 -17.40 10.50
CA ASN C 272 -28.34 -18.61 9.73
C ASN C 272 -29.60 -19.43 9.50
N GLY C 273 -29.51 -20.42 8.62
CA GLY C 273 -30.66 -21.23 8.26
C GLY C 273 -31.03 -21.04 6.80
N THR C 274 -32.10 -21.71 6.37
CA THR C 274 -32.54 -21.61 4.99
C THR C 274 -33.35 -20.33 4.75
N ILE C 275 -32.94 -19.57 3.75
CA ILE C 275 -33.66 -18.36 3.37
C ILE C 275 -34.62 -18.65 2.23
N THR C 276 -35.91 -18.45 2.47
CA THR C 276 -36.93 -18.70 1.46
C THR C 276 -37.48 -17.40 0.87
N LEU C 277 -37.12 -17.13 -0.38
CA LEU C 277 -37.59 -15.94 -1.07
C LEU C 277 -38.90 -16.23 -1.81
N PRO C 278 -39.92 -15.40 -1.57
CA PRO C 278 -41.21 -15.53 -2.26
C PRO C 278 -41.12 -15.05 -3.71
N CYS C 279 -41.51 -15.90 -4.65
CA CYS C 279 -41.43 -15.56 -6.07
C CYS C 279 -42.80 -15.65 -6.74
N LYS C 280 -42.90 -15.09 -7.93
CA LYS C 280 -44.11 -15.20 -8.73
C LYS C 280 -43.77 -15.34 -10.21
N ILE C 281 -44.43 -16.27 -10.88
CA ILE C 281 -44.27 -16.42 -12.33
C ILE C 281 -45.24 -15.48 -13.04
N LYS C 282 -44.70 -14.54 -13.80
CA LYS C 282 -45.52 -13.51 -14.43
C LYS C 282 -45.60 -13.71 -15.94
N GLN C 283 -46.82 -13.58 -16.47
CA GLN C 283 -47.06 -13.73 -17.90
C GLN C 283 -46.86 -12.39 -18.62
N ILE C 284 -47.27 -11.31 -17.95
CA ILE C 284 -47.10 -9.97 -18.49
C ILE C 284 -45.75 -9.41 -18.07
N ILE C 285 -44.91 -9.11 -19.05
CA ILE C 285 -43.53 -8.72 -18.79
C ILE C 285 -43.13 -7.42 -19.47
N ASN C 286 -42.25 -6.67 -18.82
CA ASN C 286 -41.56 -5.55 -19.45
C ASN C 286 -40.25 -6.07 -20.06
N MET C 287 -40.24 -6.22 -21.38
CA MET C 287 -39.13 -6.86 -22.07
C MET C 287 -37.82 -6.08 -21.96
N TRP C 288 -36.74 -6.77 -21.62
CA TRP C 288 -35.44 -6.15 -21.41
C TRP C 288 -34.87 -5.58 -22.71
N GLN C 289 -35.39 -6.05 -23.84
CA GLN C 289 -34.94 -5.56 -25.14
C GLN C 289 -35.34 -4.09 -25.34
N GLY C 290 -36.29 -3.64 -24.54
CA GLY C 290 -36.78 -2.27 -24.63
C GLY C 290 -37.86 -2.11 -25.67
N THR C 291 -38.56 -3.20 -25.96
CA THR C 291 -39.60 -3.20 -26.99
C THR C 291 -41.00 -3.06 -26.40
N GLY C 292 -41.08 -2.82 -25.09
CA GLY C 292 -42.34 -2.58 -24.43
C GLY C 292 -42.92 -3.77 -23.69
N GLN C 293 -44.23 -3.77 -23.53
CA GLN C 293 -44.92 -4.84 -22.81
C GLN C 293 -45.14 -6.08 -23.67
N ALA C 294 -45.17 -7.24 -23.03
CA ALA C 294 -45.43 -8.52 -23.69
C ALA C 294 -46.12 -9.49 -22.74
N MET C 295 -46.88 -10.43 -23.31
CA MET C 295 -47.62 -11.40 -22.50
C MET C 295 -47.41 -12.83 -23.00
N TYR C 296 -47.21 -13.73 -22.04
CA TYR C 296 -47.00 -15.14 -22.35
C TYR C 296 -48.09 -15.96 -21.70
N ALA C 297 -48.13 -17.24 -22.00
CA ALA C 297 -49.16 -18.12 -21.44
C ALA C 297 -48.79 -18.55 -20.03
N PRO C 298 -49.75 -19.14 -19.28
CA PRO C 298 -49.55 -19.66 -17.93
C PRO C 298 -48.40 -20.66 -17.85
N PRO C 299 -47.82 -20.87 -16.66
CA PRO C 299 -46.71 -21.80 -16.43
C PRO C 299 -47.06 -23.23 -16.84
N ILE C 300 -46.06 -24.00 -17.24
CA ILE C 300 -46.26 -25.40 -17.56
C ILE C 300 -46.54 -26.17 -16.27
N ASP C 301 -47.36 -27.22 -16.38
CA ASP C 301 -47.68 -28.03 -15.21
C ASP C 301 -46.47 -28.86 -14.78
N GLY C 302 -46.49 -29.33 -13.55
CA GLY C 302 -45.38 -30.11 -13.02
C GLY C 302 -44.40 -29.26 -12.25
N LYS C 303 -43.27 -29.85 -11.88
CA LYS C 303 -42.26 -29.14 -11.10
C LYS C 303 -41.36 -28.30 -11.99
N ILE C 304 -41.36 -26.99 -11.76
CA ILE C 304 -40.47 -26.08 -12.47
C ILE C 304 -39.35 -25.64 -11.52
N ASN C 305 -38.15 -26.17 -11.76
CA ASN C 305 -37.04 -25.94 -10.85
C ASN C 305 -35.76 -25.49 -11.57
N CYS C 306 -35.06 -24.54 -10.97
CA CYS C 306 -33.78 -24.07 -11.48
C CYS C 306 -32.80 -23.81 -10.35
N VAL C 307 -31.71 -24.57 -10.32
CA VAL C 307 -30.65 -24.38 -9.33
C VAL C 307 -29.49 -23.65 -9.98
N SER C 308 -29.27 -22.41 -9.58
CA SER C 308 -28.26 -21.55 -10.22
C SER C 308 -27.16 -21.11 -9.26
N ASN C 309 -26.02 -20.76 -9.83
CA ASN C 309 -24.91 -20.19 -9.07
C ASN C 309 -24.97 -18.67 -9.01
N ILE C 310 -25.04 -18.12 -7.81
CA ILE C 310 -24.88 -16.68 -7.65
C ILE C 310 -23.40 -16.35 -7.71
N THR C 311 -22.98 -15.67 -8.77
CA THR C 311 -21.56 -15.39 -8.99
C THR C 311 -21.27 -13.89 -9.01
N GLY C 312 -22.32 -13.08 -8.96
CA GLY C 312 -22.15 -11.64 -8.98
C GLY C 312 -23.37 -10.90 -8.47
N ILE C 313 -23.18 -9.62 -8.13
CA ILE C 313 -24.27 -8.79 -7.64
C ILE C 313 -24.27 -7.43 -8.31
N LEU C 314 -25.45 -6.96 -8.72
CA LEU C 314 -25.59 -5.64 -9.31
C LEU C 314 -26.13 -4.66 -8.27
N LEU C 315 -25.34 -3.64 -7.96
CA LEU C 315 -25.70 -2.70 -6.90
C LEU C 315 -25.77 -1.26 -7.39
N THR C 316 -26.61 -0.48 -6.72
CA THR C 316 -26.70 0.95 -6.96
C THR C 316 -26.57 1.71 -5.64
N ARG C 317 -25.62 2.63 -5.57
CA ARG C 317 -25.36 3.37 -4.34
C ARG C 317 -26.23 4.62 -4.23
N ASP C 318 -26.76 4.87 -3.05
CA ASP C 318 -27.61 6.05 -2.81
C ASP C 318 -26.79 7.33 -2.85
N GLY C 319 -27.41 8.40 -3.36
CA GLY C 319 -26.78 9.70 -3.39
C GLY C 319 -27.12 10.50 -2.15
N GLY C 320 -26.46 11.63 -1.97
CA GLY C 320 -26.73 12.52 -0.86
C GLY C 320 -26.34 11.94 0.49
N ALA C 321 -25.20 11.27 0.53
CA ALA C 321 -24.71 10.66 1.77
C ALA C 321 -23.31 11.16 2.12
N ASN C 322 -22.85 12.19 1.41
CA ASN C 322 -21.50 12.73 1.61
C ASN C 322 -21.27 13.27 3.01
N ASN C 323 -22.29 13.91 3.57
CA ASN C 323 -22.17 14.52 4.89
C ASN C 323 -22.48 13.52 6.01
N THR C 324 -22.50 12.23 5.65
CA THR C 324 -22.72 11.18 6.63
C THR C 324 -21.61 10.12 6.54
N SER C 325 -21.51 9.28 7.57
CA SER C 325 -20.52 8.22 7.58
C SER C 325 -21.08 6.92 7.01
N ASN C 326 -22.23 7.03 6.34
CA ASN C 326 -22.89 5.85 5.78
C ASN C 326 -22.96 5.86 4.26
N GLU C 327 -22.85 4.67 3.68
CA GLU C 327 -23.08 4.47 2.25
C GLU C 327 -24.10 3.36 2.07
N THR C 328 -25.18 3.64 1.36
CA THR C 328 -26.27 2.68 1.20
C THR C 328 -26.28 2.06 -0.19
N PHE C 329 -26.40 0.73 -0.24
CA PHE C 329 -26.40 0.01 -1.50
C PHE C 329 -27.68 -0.79 -1.67
N ARG C 330 -28.27 -0.72 -2.86
CA ARG C 330 -29.50 -1.46 -3.16
C ARG C 330 -29.30 -2.30 -4.42
N PRO C 331 -29.98 -3.46 -4.47
CA PRO C 331 -29.92 -4.36 -5.63
C PRO C 331 -30.36 -3.62 -6.90
N GLY C 332 -29.54 -3.69 -7.94
CA GLY C 332 -29.81 -2.96 -9.17
C GLY C 332 -30.02 -3.85 -10.38
N GLY C 333 -29.79 -3.30 -11.56
CA GLY C 333 -29.97 -4.03 -12.81
C GLY C 333 -30.85 -3.28 -13.78
N GLY C 334 -31.26 -3.97 -14.84
CA GLY C 334 -32.09 -3.36 -15.87
C GLY C 334 -31.38 -3.29 -17.21
N ASN C 335 -30.10 -2.91 -17.17
CA ASN C 335 -29.29 -2.88 -18.36
C ASN C 335 -28.56 -4.20 -18.54
N ILE C 336 -29.10 -5.06 -19.39
CA ILE C 336 -28.59 -6.41 -19.57
C ILE C 336 -27.18 -6.42 -20.13
N LYS C 337 -26.77 -5.31 -20.76
CA LYS C 337 -25.41 -5.17 -21.26
C LYS C 337 -24.39 -5.33 -20.12
N ASP C 338 -24.79 -4.91 -18.92
CA ASP C 338 -23.94 -5.04 -17.76
C ASP C 338 -23.69 -6.51 -17.41
N ASN C 339 -24.66 -7.36 -17.72
CA ASN C 339 -24.50 -8.79 -17.51
C ASN C 339 -23.39 -9.36 -18.37
N TRP C 340 -23.33 -8.92 -19.64
CA TRP C 340 -22.29 -9.39 -20.54
C TRP C 340 -20.92 -8.81 -20.14
N ARG C 341 -20.93 -7.60 -19.60
CA ARG C 341 -19.70 -6.96 -19.13
C ARG C 341 -19.04 -7.75 -18.02
N SER C 342 -19.85 -8.36 -17.17
CA SER C 342 -19.35 -9.09 -16.01
C SER C 342 -18.52 -10.31 -16.42
N GLU C 343 -18.63 -10.69 -17.69
CA GLU C 343 -17.90 -11.83 -18.22
C GLU C 343 -16.87 -11.43 -19.27
N LEU C 344 -17.11 -10.28 -19.93
CA LEU C 344 -16.25 -9.83 -21.01
C LEU C 344 -15.24 -8.77 -20.58
N TYR C 345 -15.21 -8.48 -19.28
CA TYR C 345 -14.37 -7.41 -18.75
C TYR C 345 -12.88 -7.60 -19.03
N LYS C 346 -12.46 -8.85 -19.17
CA LYS C 346 -11.03 -9.15 -19.33
C LYS C 346 -10.61 -9.28 -20.78
N TYR C 347 -11.53 -9.02 -21.71
CA TYR C 347 -11.23 -9.15 -23.13
C TYR C 347 -11.31 -7.83 -23.88
N LYS C 348 -10.52 -7.71 -24.95
CA LYS C 348 -10.61 -6.59 -25.87
C LYS C 348 -10.03 -6.99 -27.22
N VAL C 349 -10.61 -6.48 -28.29
CA VAL C 349 -10.16 -6.82 -29.64
C VAL C 349 -9.10 -5.86 -30.13
N VAL C 350 -8.06 -6.42 -30.76
CA VAL C 350 -6.99 -5.61 -31.34
C VAL C 350 -6.70 -6.07 -32.76
N GLN C 351 -6.32 -5.13 -33.62
CA GLN C 351 -6.01 -5.44 -35.01
C GLN C 351 -4.51 -5.65 -35.20
N ILE C 352 -4.16 -6.76 -35.84
CA ILE C 352 -2.76 -7.07 -36.10
C ILE C 352 -2.36 -6.70 -37.52
N GLU C 353 -1.41 -5.78 -37.65
CA GLU C 353 -0.97 -5.31 -38.95
C GLU C 353 0.19 -6.15 -39.49
N VAL D 1 51.43 -26.39 4.91
CA VAL D 1 50.78 -25.77 6.06
C VAL D 1 49.27 -25.73 5.89
N TRP D 2 48.58 -25.11 6.85
CA TRP D 2 47.13 -25.02 6.80
C TRP D 2 46.63 -23.69 7.37
N LYS D 3 45.31 -23.54 7.41
CA LYS D 3 44.69 -22.34 7.94
C LYS D 3 43.20 -22.56 8.16
N ASP D 4 42.60 -21.74 9.02
CA ASP D 4 41.18 -21.84 9.31
C ASP D 4 40.35 -21.60 8.05
N ALA D 5 39.32 -22.42 7.86
CA ALA D 5 38.47 -22.31 6.69
C ALA D 5 37.17 -23.08 6.87
N ASP D 6 36.14 -22.67 6.13
CA ASP D 6 34.86 -23.37 6.15
C ASP D 6 34.60 -24.05 4.82
N THR D 7 34.14 -25.30 4.88
CA THR D 7 33.82 -26.04 3.67
C THR D 7 32.65 -26.98 3.94
N THR D 8 32.01 -27.46 2.87
CA THR D 8 30.88 -28.36 3.01
C THR D 8 31.33 -29.74 3.44
N LEU D 9 30.91 -30.16 4.63
CA LEU D 9 31.27 -31.47 5.16
C LEU D 9 30.31 -32.55 4.65
N PHE D 10 30.72 -33.80 4.77
CA PHE D 10 29.82 -34.91 4.52
C PHE D 10 29.75 -35.77 5.78
N CYS D 11 28.76 -36.63 5.86
CA CYS D 11 28.56 -37.43 7.06
C CYS D 11 28.77 -38.92 6.81
N ALA D 12 29.13 -39.64 7.86
CA ALA D 12 29.31 -41.08 7.80
C ALA D 12 28.63 -41.74 8.99
N SER D 13 28.09 -42.95 8.77
CA SER D 13 27.39 -43.65 9.84
C SER D 13 27.35 -45.15 9.57
N ASP D 14 26.99 -45.92 10.60
CA ASP D 14 26.84 -47.36 10.47
C ASP D 14 25.36 -47.73 10.34
N ALA D 15 24.60 -46.85 9.70
CA ALA D 15 23.17 -47.06 9.52
C ALA D 15 22.88 -48.30 8.70
N LYS D 16 21.75 -48.94 8.97
CA LYS D 16 21.34 -50.15 8.26
C LYS D 16 20.26 -49.83 7.24
N ALA D 17 20.48 -50.25 6.00
CA ALA D 17 19.57 -49.93 4.90
C ALA D 17 18.21 -50.61 5.05
N HIS D 18 18.18 -51.72 5.78
CA HIS D 18 16.94 -52.48 5.95
C HIS D 18 16.11 -51.94 7.11
N GLU D 19 16.71 -51.06 7.90
CA GLU D 19 16.05 -50.49 9.07
C GLU D 19 14.99 -49.47 8.68
N THR D 20 13.88 -49.47 9.41
CA THR D 20 12.80 -48.52 9.17
C THR D 20 12.91 -47.32 10.10
N GLU D 21 13.86 -47.38 11.02
CA GLU D 21 14.12 -46.29 11.95
C GLU D 21 14.56 -45.05 11.17
N VAL D 22 13.97 -43.90 11.53
CA VAL D 22 14.13 -42.68 10.73
C VAL D 22 15.57 -42.19 10.61
N HIS D 23 16.34 -42.31 11.69
CA HIS D 23 17.75 -41.89 11.65
C HIS D 23 18.54 -42.77 10.70
N ASN D 24 18.26 -44.07 10.71
CA ASN D 24 18.90 -45.02 9.80
C ASN D 24 18.52 -44.75 8.35
N VAL D 25 17.24 -44.43 8.14
CA VAL D 25 16.74 -44.13 6.80
C VAL D 25 17.41 -42.89 6.22
N TRP D 26 17.47 -41.82 7.02
CA TRP D 26 18.07 -40.57 6.59
C TRP D 26 19.55 -40.75 6.27
N ALA D 27 20.28 -41.37 7.19
CA ALA D 27 21.72 -41.57 7.04
C ALA D 27 22.03 -42.53 5.89
N THR D 28 21.05 -43.35 5.54
CA THR D 28 21.23 -44.32 4.46
C THR D 28 21.34 -43.64 3.10
N HIS D 29 20.66 -42.50 2.94
CA HIS D 29 20.66 -41.79 1.67
C HIS D 29 21.40 -40.45 1.75
N ALA D 30 21.79 -40.07 2.97
CA ALA D 30 22.44 -38.77 3.16
C ALA D 30 23.88 -38.91 3.63
N CYS D 31 24.24 -40.10 4.11
CA CYS D 31 25.58 -40.35 4.62
C CYS D 31 26.23 -41.56 3.95
N VAL D 32 27.53 -41.71 4.15
CA VAL D 32 28.25 -42.87 3.64
C VAL D 32 28.71 -43.76 4.78
N PRO D 33 29.16 -44.99 4.46
CA PRO D 33 29.69 -45.90 5.48
C PRO D 33 30.90 -45.32 6.21
N THR D 34 31.05 -45.67 7.47
CA THR D 34 32.18 -45.18 8.26
C THR D 34 33.48 -45.87 7.83
N ASP D 35 34.60 -45.19 8.06
CA ASP D 35 35.91 -45.75 7.73
C ASP D 35 36.30 -46.81 8.75
N PRO D 36 36.51 -48.05 8.27
CA PRO D 36 36.90 -49.17 9.15
C PRO D 36 38.23 -48.92 9.85
N ASN D 37 39.15 -48.26 9.16
CA ASN D 37 40.45 -47.94 9.73
C ASN D 37 40.77 -46.46 9.63
N PRO D 38 40.12 -45.64 10.45
CA PRO D 38 40.36 -44.19 10.49
C PRO D 38 41.73 -43.86 11.07
N GLN D 39 42.49 -43.00 10.41
CA GLN D 39 43.82 -42.65 10.88
C GLN D 39 43.81 -41.32 11.62
N GLU D 40 44.54 -41.27 12.73
CA GLU D 40 44.68 -40.04 13.49
C GLU D 40 46.16 -39.71 13.68
N ILE D 41 46.53 -38.48 13.36
CA ILE D 41 47.92 -38.05 13.44
C ILE D 41 48.11 -36.98 14.51
N HIS D 42 48.91 -37.30 15.53
CA HIS D 42 49.23 -36.34 16.58
C HIS D 42 50.34 -35.41 16.15
N LEU D 43 50.04 -34.11 16.10
CA LEU D 43 51.02 -33.11 15.69
C LEU D 43 51.87 -32.65 16.87
N GLU D 44 53.18 -32.78 16.75
CA GLU D 44 54.09 -32.39 17.81
C GLU D 44 54.44 -30.89 17.75
N ASN D 45 54.49 -30.27 18.92
CA ASN D 45 54.88 -28.86 19.03
C ASN D 45 53.97 -27.93 18.23
N VAL D 46 52.73 -28.37 18.02
CA VAL D 46 51.77 -27.58 17.26
C VAL D 46 50.70 -26.97 18.16
N THR D 47 50.62 -25.64 18.15
CA THR D 47 49.61 -24.93 18.92
C THR D 47 48.54 -24.34 18.00
N GLU D 48 47.29 -24.69 18.25
CA GLU D 48 46.18 -24.19 17.45
C GLU D 48 45.11 -23.54 18.33
N ASN D 49 44.56 -22.43 17.85
CA ASN D 49 43.48 -21.74 18.56
C ASN D 49 42.11 -22.30 18.16
N PHE D 50 41.27 -22.54 19.17
CA PHE D 50 39.93 -23.04 18.94
C PHE D 50 38.88 -22.06 19.45
N ASN D 51 37.65 -22.20 18.93
CA ASN D 51 36.53 -21.39 19.40
C ASN D 51 35.21 -22.09 19.11
N MET D 52 34.75 -22.88 20.07
CA MET D 52 33.55 -23.68 19.92
C MET D 52 32.31 -22.84 19.64
N TRP D 53 32.36 -21.57 20.01
CA TRP D 53 31.20 -20.69 19.90
C TRP D 53 31.14 -20.00 18.53
N LYS D 54 32.20 -20.19 17.75
CA LYS D 54 32.24 -19.71 16.37
C LYS D 54 32.76 -20.80 15.46
N ASN D 55 31.98 -21.87 15.34
CA ASN D 55 32.40 -23.05 14.59
C ASN D 55 31.34 -23.47 13.57
N ASN D 56 31.67 -23.35 12.29
CA ASN D 56 30.73 -23.63 11.22
C ASN D 56 30.26 -25.09 11.19
N MET D 57 31.02 -25.96 11.85
CA MET D 57 30.63 -27.37 11.94
C MET D 57 29.29 -27.49 12.67
N VAL D 58 29.03 -26.57 13.59
CA VAL D 58 27.80 -26.57 14.36
C VAL D 58 26.60 -26.21 13.49
N GLU D 59 26.75 -25.19 12.66
CA GLU D 59 25.69 -24.76 11.76
C GLU D 59 25.34 -25.86 10.75
N GLN D 60 26.34 -26.63 10.34
CA GLN D 60 26.11 -27.69 9.36
C GLN D 60 25.38 -28.87 9.97
N MET D 61 25.72 -29.23 11.21
CA MET D 61 25.03 -30.32 11.89
C MET D 61 23.59 -29.93 12.17
N GLN D 62 23.39 -28.66 12.53
CA GLN D 62 22.06 -28.11 12.74
C GLN D 62 21.21 -28.28 11.49
N GLU D 63 21.80 -28.00 10.33
CA GLU D 63 21.11 -28.12 9.06
C GLU D 63 20.74 -29.57 8.75
N ASP D 64 21.64 -30.49 9.12
CA ASP D 64 21.38 -31.92 8.92
C ASP D 64 20.22 -32.41 9.80
N VAL D 65 20.26 -32.07 11.08
CA VAL D 65 19.25 -32.50 12.03
C VAL D 65 17.88 -31.92 11.67
N ILE D 66 17.87 -30.68 11.20
CA ILE D 66 16.64 -30.05 10.76
C ILE D 66 16.07 -30.79 9.55
N SER D 67 16.94 -31.16 8.62
CA SER D 67 16.54 -31.91 7.45
C SER D 67 15.99 -33.29 7.82
N LEU D 68 16.65 -33.93 8.79
CA LEU D 68 16.25 -35.25 9.24
C LEU D 68 14.87 -35.23 9.87
N TRP D 69 14.64 -34.24 10.73
CA TRP D 69 13.36 -34.12 11.42
C TRP D 69 12.22 -33.73 10.46
N ASP D 70 12.53 -32.88 9.50
CA ASP D 70 11.53 -32.45 8.51
C ASP D 70 11.10 -33.61 7.62
N GLN D 71 11.94 -34.64 7.54
CA GLN D 71 11.64 -35.80 6.70
C GLN D 71 11.08 -36.95 7.52
N SER D 72 11.32 -36.91 8.84
CA SER D 72 10.95 -38.02 9.71
C SER D 72 9.71 -37.72 10.55
N LEU D 73 9.84 -36.77 11.48
CA LEU D 73 8.75 -36.43 12.37
C LEU D 73 7.86 -35.33 11.79
N GLN D 74 6.65 -35.70 11.38
CA GLN D 74 5.73 -34.74 10.79
C GLN D 74 4.48 -34.57 11.65
N PRO D 75 4.22 -33.32 12.08
CA PRO D 75 3.05 -32.99 12.91
C PRO D 75 1.73 -33.18 12.17
N CYS D 76 0.64 -33.24 12.92
CA CYS D 76 -0.70 -33.32 12.33
C CYS D 76 -1.14 -31.94 11.85
N VAL D 77 -0.72 -30.92 12.58
CA VAL D 77 -1.04 -29.54 12.26
C VAL D 77 0.16 -28.64 12.51
N LYS D 78 0.48 -27.79 11.54
CA LYS D 78 1.61 -26.89 11.67
C LYS D 78 1.29 -25.50 11.15
N LEU D 79 1.72 -24.49 11.91
CA LEU D 79 1.60 -23.11 11.46
C LEU D 79 2.93 -22.39 11.66
N THR D 80 3.43 -21.79 10.58
CA THR D 80 4.71 -21.10 10.60
C THR D 80 4.53 -19.62 10.31
N GLY D 81 3.38 -19.08 10.71
CA GLY D 81 3.10 -17.67 10.52
C GLY D 81 1.80 -17.42 9.76
N GLY D 82 0.68 -17.56 10.46
CA GLY D 82 -0.63 -17.30 9.87
C GLY D 82 -0.98 -18.25 8.74
N SER D 83 -0.29 -19.38 8.68
CA SER D 83 -0.54 -20.38 7.64
C SER D 83 -0.67 -21.78 8.22
N VAL D 84 -1.89 -22.15 8.59
CA VAL D 84 -2.16 -23.46 9.17
C VAL D 84 -2.10 -24.54 8.10
N ILE D 85 -1.61 -25.72 8.48
CA ILE D 85 -1.47 -26.84 7.56
C ILE D 85 -1.90 -28.16 8.18
N LYS D 86 -2.75 -28.89 7.47
CA LYS D 86 -3.21 -30.20 7.93
C LYS D 86 -2.63 -31.31 7.07
N GLN D 87 -1.98 -32.27 7.71
CA GLN D 87 -1.39 -33.40 6.99
C GLN D 87 -1.30 -34.64 7.87
N ALA D 88 -1.04 -35.79 7.24
CA ALA D 88 -0.95 -37.05 7.96
C ALA D 88 0.23 -37.04 8.94
N CYS D 89 0.04 -37.68 10.09
CA CYS D 89 1.05 -37.73 11.13
C CYS D 89 1.21 -39.15 11.67
N PRO D 90 1.80 -40.04 10.85
CA PRO D 90 1.97 -41.46 11.20
C PRO D 90 3.02 -41.68 12.28
N LYS D 91 2.89 -42.78 13.01
CA LYS D 91 3.87 -43.14 14.03
C LYS D 91 5.11 -43.75 13.38
N ILE D 92 6.29 -43.42 13.94
CA ILE D 92 7.54 -43.84 13.35
C ILE D 92 8.44 -44.54 14.36
N SER D 93 9.50 -45.17 13.84
CA SER D 93 10.53 -45.76 14.69
C SER D 93 11.63 -44.72 14.91
N PHE D 94 11.80 -44.32 16.18
CA PHE D 94 12.70 -43.22 16.50
C PHE D 94 13.76 -43.62 17.53
N ASP D 95 15.03 -43.51 17.14
CA ASP D 95 16.15 -43.77 18.03
C ASP D 95 17.45 -43.29 17.39
N PRO D 96 17.95 -42.13 17.83
CA PRO D 96 19.14 -41.48 17.27
C PRO D 96 20.36 -42.40 17.19
N ILE D 97 21.08 -42.32 16.07
CA ILE D 97 22.32 -43.07 15.91
C ILE D 97 23.50 -42.12 15.75
N PRO D 98 24.71 -42.59 16.09
CA PRO D 98 25.93 -41.79 15.96
C PRO D 98 26.19 -41.33 14.53
N ILE D 99 26.49 -40.06 14.36
CA ILE D 99 26.78 -39.51 13.03
C ILE D 99 28.17 -38.87 13.01
N HIS D 100 28.99 -39.28 12.05
CA HIS D 100 30.33 -38.74 11.91
C HIS D 100 30.36 -37.63 10.87
N TYR D 101 31.10 -36.56 11.15
CA TYR D 101 31.25 -35.47 10.20
C TYR D 101 32.69 -35.42 9.67
N CYS D 102 32.82 -35.45 8.36
CA CYS D 102 34.12 -35.59 7.72
C CYS D 102 34.40 -34.47 6.72
N THR D 103 35.67 -34.19 6.50
CA THR D 103 36.09 -33.16 5.57
C THR D 103 36.45 -33.74 4.21
N PRO D 104 36.19 -32.97 3.14
CA PRO D 104 36.54 -33.38 1.78
C PRO D 104 38.04 -33.28 1.51
N ALA D 105 38.44 -33.57 0.28
CA ALA D 105 39.85 -33.47 -0.10
C ALA D 105 40.33 -32.01 -0.01
N GLY D 106 41.58 -31.84 0.40
CA GLY D 106 42.16 -30.52 0.54
C GLY D 106 41.89 -29.92 1.91
N TYR D 107 41.11 -30.64 2.71
CA TYR D 107 40.78 -30.19 4.06
C TYR D 107 41.04 -31.27 5.09
N VAL D 108 41.11 -30.88 6.35
CA VAL D 108 41.31 -31.82 7.45
C VAL D 108 40.73 -31.25 8.74
N ILE D 109 40.34 -32.13 9.66
CA ILE D 109 39.79 -31.71 10.93
C ILE D 109 40.85 -31.78 12.02
N LEU D 110 41.08 -30.66 12.69
CA LEU D 110 42.01 -30.62 13.81
C LEU D 110 41.26 -30.91 15.11
N LYS D 111 41.86 -31.73 15.96
CA LYS D 111 41.21 -32.16 17.19
C LYS D 111 42.04 -31.77 18.42
N CYS D 112 41.42 -31.03 19.33
CA CYS D 112 42.09 -30.64 20.57
C CYS D 112 42.05 -31.78 21.58
N ASN D 113 43.22 -32.17 22.08
CA ASN D 113 43.32 -33.31 22.99
C ASN D 113 43.66 -32.91 24.42
N ASP D 114 43.66 -31.62 24.70
CA ASP D 114 43.86 -31.14 26.07
C ASP D 114 42.68 -31.57 26.92
N LYS D 115 42.96 -32.34 27.97
CA LYS D 115 41.91 -32.99 28.76
C LYS D 115 41.03 -32.00 29.53
N ASN D 116 41.56 -30.81 29.80
CA ASN D 116 40.78 -29.79 30.50
C ASN D 116 40.51 -28.57 29.62
N PHE D 117 40.54 -28.79 28.31
CA PHE D 117 40.24 -27.73 27.34
C PHE D 117 38.78 -27.29 27.47
N ASN D 118 38.56 -25.98 27.55
CA ASN D 118 37.22 -25.47 27.82
C ASN D 118 36.45 -25.07 26.56
N GLY D 119 37.08 -25.22 25.40
CA GLY D 119 36.40 -24.97 24.14
C GLY D 119 36.95 -23.77 23.38
N THR D 120 37.65 -22.89 24.09
CA THR D 120 38.23 -21.71 23.46
C THR D 120 39.68 -21.54 23.85
N GLY D 121 40.41 -20.75 23.06
CA GLY D 121 41.81 -20.49 23.34
C GLY D 121 42.74 -21.44 22.62
N PRO D 122 44.03 -21.40 22.98
CA PRO D 122 45.07 -22.24 22.37
C PRO D 122 45.06 -23.67 22.90
N CYS D 123 45.28 -24.63 22.00
CA CYS D 123 45.37 -26.03 22.37
C CYS D 123 46.78 -26.55 22.07
N LYS D 124 47.42 -27.12 23.08
CA LYS D 124 48.80 -27.57 22.95
C LYS D 124 48.90 -28.99 22.38
N ASN D 125 47.95 -29.84 22.75
CA ASN D 125 47.90 -31.20 22.23
C ASN D 125 46.89 -31.32 21.09
N VAL D 126 47.38 -31.17 19.86
CA VAL D 126 46.50 -31.18 18.70
C VAL D 126 46.80 -32.35 17.76
N SER D 127 45.74 -32.93 17.19
CA SER D 127 45.89 -34.01 16.22
C SER D 127 44.98 -33.78 15.02
N SER D 128 45.28 -34.45 13.92
CA SER D 128 44.48 -34.31 12.71
C SER D 128 43.67 -35.59 12.45
N VAL D 129 42.41 -35.42 12.09
CA VAL D 129 41.53 -36.55 11.79
C VAL D 129 40.70 -36.26 10.55
N GLN D 130 40.21 -37.33 9.92
CA GLN D 130 39.37 -37.19 8.73
C GLN D 130 37.91 -36.99 9.11
N CYS D 131 37.52 -37.58 10.24
CA CYS D 131 36.15 -37.50 10.71
C CYS D 131 36.10 -37.30 12.23
N THR D 132 35.00 -36.73 12.71
CA THR D 132 34.77 -36.62 14.14
C THR D 132 34.31 -37.96 14.68
N HIS D 133 34.16 -38.05 15.99
CA HIS D 133 33.60 -39.25 16.61
C HIS D 133 32.11 -39.33 16.32
N GLY D 134 31.51 -40.47 16.65
CA GLY D 134 30.08 -40.66 16.44
C GLY D 134 29.24 -39.79 17.37
N ILE D 135 28.51 -38.84 16.79
CA ILE D 135 27.70 -37.93 17.56
C ILE D 135 26.20 -38.17 17.35
N LYS D 136 25.50 -38.54 18.40
CA LYS D 136 24.05 -38.73 18.34
C LYS D 136 23.34 -37.38 18.34
N PRO D 137 22.49 -37.13 17.33
CA PRO D 137 21.73 -35.88 17.22
C PRO D 137 20.59 -35.81 18.22
N VAL D 138 20.92 -35.85 19.51
CA VAL D 138 19.90 -35.83 20.56
C VAL D 138 19.42 -34.41 20.84
N VAL D 139 18.14 -34.16 20.58
CA VAL D 139 17.54 -32.86 20.83
C VAL D 139 16.89 -32.83 22.20
N SER D 140 17.27 -31.84 23.02
CA SER D 140 16.75 -31.73 24.37
C SER D 140 17.04 -30.37 24.98
N THR D 141 16.44 -30.11 26.15
CA THR D 141 16.69 -28.90 26.91
C THR D 141 17.13 -29.24 28.32
N GLN D 142 17.74 -28.26 29.00
CA GLN D 142 18.18 -28.42 30.39
C GLN D 142 19.30 -29.45 30.55
N LEU D 143 19.02 -30.70 30.18
CA LEU D 143 20.00 -31.77 30.34
C LEU D 143 20.49 -32.29 29.00
N LEU D 144 21.81 -32.47 28.88
CA LEU D 144 22.39 -33.08 27.69
C LEU D 144 22.44 -34.60 27.87
N LEU D 145 21.87 -35.32 26.92
CA LEU D 145 21.72 -36.77 27.05
C LEU D 145 22.53 -37.55 26.02
N ASN D 146 23.07 -38.69 26.46
CA ASN D 146 23.70 -39.64 25.56
C ASN D 146 24.91 -39.06 24.80
N GLY D 147 25.61 -38.14 25.43
CA GLY D 147 26.78 -37.52 24.83
C GLY D 147 28.07 -38.11 25.35
N SER D 148 29.18 -37.43 25.06
CA SER D 148 30.49 -37.85 25.54
C SER D 148 30.76 -37.22 26.91
N LEU D 149 31.68 -37.84 27.66
CA LEU D 149 32.04 -37.33 28.98
C LEU D 149 33.41 -36.67 28.96
N ALA D 150 33.60 -35.69 29.84
CA ALA D 150 34.91 -35.07 30.02
C ALA D 150 35.88 -36.10 30.58
N GLU D 151 37.11 -36.09 30.07
CA GLU D 151 38.10 -37.11 30.42
C GLU D 151 38.57 -37.01 31.86
N GLU D 152 38.88 -35.80 32.31
CA GLU D 152 39.38 -35.59 33.67
C GLU D 152 38.34 -34.92 34.55
N GLU D 153 38.52 -33.63 34.79
CA GLU D 153 37.63 -32.88 35.67
C GLU D 153 36.43 -32.33 34.92
N ILE D 154 35.39 -31.93 35.66
CA ILE D 154 34.22 -31.31 35.08
C ILE D 154 34.62 -30.01 34.40
N ILE D 155 34.06 -29.76 33.21
CA ILE D 155 34.43 -28.59 32.43
C ILE D 155 33.29 -27.59 32.32
N ILE D 156 33.60 -26.32 32.58
CA ILE D 156 32.63 -25.25 32.42
C ILE D 156 32.88 -24.51 31.11
N ARG D 157 31.87 -24.51 30.24
CA ARG D 157 32.01 -23.88 28.93
C ARG D 157 31.06 -22.70 28.78
N SER D 158 31.58 -21.61 28.22
CA SER D 158 30.79 -20.41 28.00
C SER D 158 31.53 -19.43 27.09
N GLU D 159 30.80 -18.82 26.16
CA GLU D 159 31.36 -17.81 25.29
C GLU D 159 31.85 -16.61 26.11
N ASN D 160 31.21 -16.42 27.26
CA ASN D 160 31.56 -15.33 28.17
C ASN D 160 30.97 -15.58 29.55
N LEU D 161 31.80 -16.04 30.48
CA LEU D 161 31.36 -16.39 31.82
C LEU D 161 30.79 -15.18 32.56
N THR D 162 31.31 -13.99 32.24
CA THR D 162 30.89 -12.76 32.91
C THR D 162 29.55 -12.27 32.37
N ASN D 163 29.21 -12.68 31.16
CA ASN D 163 27.93 -12.32 30.56
C ASN D 163 26.85 -13.33 30.93
N ASN D 164 25.94 -12.92 31.81
CA ASN D 164 24.89 -13.81 32.29
C ASN D 164 23.91 -14.23 31.20
N ALA D 165 23.87 -13.45 30.12
CA ALA D 165 22.98 -13.74 29.01
C ALA D 165 23.50 -14.92 28.18
N LYS D 166 24.77 -15.26 28.36
CA LYS D 166 25.38 -16.35 27.63
C LYS D 166 25.14 -17.69 28.31
N THR D 167 24.69 -18.68 27.54
CA THR D 167 24.41 -20.01 28.07
C THR D 167 25.68 -20.69 28.58
N ILE D 168 25.55 -21.43 29.67
CA ILE D 168 26.67 -22.18 30.23
C ILE D 168 26.50 -23.68 29.99
N ILE D 169 27.53 -24.30 29.43
CA ILE D 169 27.52 -25.74 29.20
C ILE D 169 28.40 -26.44 30.23
N VAL D 170 27.77 -27.28 31.06
CA VAL D 170 28.51 -28.08 32.03
C VAL D 170 28.80 -29.46 31.45
N HIS D 171 30.09 -29.79 31.35
CA HIS D 171 30.50 -31.08 30.81
C HIS D 171 30.91 -32.02 31.93
N LEU D 172 30.06 -33.00 32.23
CA LEU D 172 30.31 -33.95 33.31
C LEU D 172 31.41 -34.93 32.95
N ASN D 173 32.06 -35.50 33.96
CA ASN D 173 33.05 -36.55 33.75
C ASN D 173 32.55 -37.89 34.24
N LYS D 174 31.30 -37.93 34.68
CA LYS D 174 30.66 -39.17 35.10
C LYS D 174 29.18 -39.13 34.77
N SER D 175 28.70 -40.16 34.07
CA SER D 175 27.31 -40.21 33.63
C SER D 175 26.35 -40.47 34.79
N VAL D 176 25.16 -39.89 34.69
CA VAL D 176 24.08 -40.18 35.62
C VAL D 176 22.85 -40.62 34.84
N GLU D 177 22.48 -41.88 34.98
CA GLU D 177 21.37 -42.44 34.21
C GLU D 177 20.03 -41.82 34.61
N ILE D 178 19.26 -41.43 33.60
CA ILE D 178 17.89 -40.96 33.81
C ILE D 178 16.93 -41.92 33.12
N ASN D 179 16.07 -42.54 33.92
CA ASN D 179 15.19 -43.61 33.43
C ASN D 179 13.74 -43.14 33.33
N CYS D 180 13.33 -42.76 32.12
CA CYS D 180 11.99 -42.25 31.89
C CYS D 180 11.08 -43.32 31.31
N THR D 181 9.80 -43.29 31.72
CA THR D 181 8.86 -44.32 31.29
C THR D 181 7.42 -43.83 31.23
N ARG D 182 6.74 -44.17 30.14
CA ARG D 182 5.29 -44.02 30.05
C ARG D 182 4.68 -45.41 30.13
N PRO D 183 4.29 -45.82 31.35
CA PRO D 183 3.81 -47.18 31.63
C PRO D 183 2.64 -47.61 30.75
N SER D 184 2.55 -48.89 30.46
CA SER D 184 1.47 -49.43 29.65
C SER D 184 0.12 -49.19 30.32
N ASN D 185 0.05 -49.53 31.61
CA ASN D 185 -1.14 -49.28 32.41
C ASN D 185 -0.80 -49.08 33.88
N GLY D 192 -7.05 -42.96 34.32
CA GLY D 192 -6.29 -43.34 33.14
C GLY D 192 -5.74 -42.15 32.39
N ASP D 193 -4.43 -42.12 32.20
CA ASP D 193 -3.78 -41.01 31.51
C ASP D 193 -2.62 -41.52 30.66
N ILE D 194 -2.83 -41.51 29.35
CA ILE D 194 -1.83 -42.02 28.41
C ILE D 194 -0.68 -41.04 28.21
N ARG D 195 -0.79 -39.86 28.80
CA ARG D 195 0.24 -38.84 28.66
C ARG D 195 1.03 -38.64 29.93
N LYS D 196 0.62 -39.33 31.00
CA LYS D 196 1.33 -39.25 32.27
C LYS D 196 2.57 -40.13 32.26
N ALA D 197 3.72 -39.53 32.52
CA ALA D 197 4.98 -40.26 32.54
C ALA D 197 5.86 -39.81 33.71
N TYR D 198 7.06 -40.36 33.80
CA TYR D 198 7.98 -40.02 34.87
C TYR D 198 9.40 -40.50 34.60
N CYS D 199 10.37 -39.83 35.21
CA CYS D 199 11.77 -40.22 35.10
C CYS D 199 12.34 -40.55 36.48
N GLU D 200 13.07 -41.65 36.57
CA GLU D 200 13.69 -42.05 37.83
C GLU D 200 15.19 -41.80 37.79
N ILE D 201 15.71 -41.20 38.86
CA ILE D 201 17.13 -40.88 38.95
C ILE D 201 17.69 -41.24 40.32
N ASN D 202 18.85 -41.89 40.32
CA ASN D 202 19.54 -42.21 41.57
C ASN D 202 19.98 -40.93 42.27
N GLY D 203 19.28 -40.59 43.35
CA GLY D 203 19.54 -39.36 44.07
C GLY D 203 20.94 -39.25 44.64
N THR D 204 21.52 -40.40 44.99
CA THR D 204 22.86 -40.43 45.55
C THR D 204 23.90 -40.04 44.51
N LYS D 205 23.76 -40.58 43.31
CA LYS D 205 24.68 -40.27 42.22
C LYS D 205 24.55 -38.83 41.76
N TRP D 206 23.30 -38.37 41.63
CA TRP D 206 23.04 -37.02 41.13
C TRP D 206 23.53 -35.95 42.10
N ASN D 207 23.18 -36.09 43.36
CA ASN D 207 23.57 -35.11 44.37
C ASN D 207 25.08 -35.00 44.51
N LYS D 208 25.78 -36.11 44.32
CA LYS D 208 27.24 -36.12 44.38
C LYS D 208 27.83 -35.36 43.19
N VAL D 209 27.25 -35.58 42.01
CA VAL D 209 27.71 -34.90 40.80
C VAL D 209 27.41 -33.41 40.86
N LEU D 210 26.23 -33.06 41.36
CA LEU D 210 25.80 -31.67 41.44
C LEU D 210 26.67 -30.90 42.43
N LYS D 211 27.13 -31.58 43.48
CA LYS D 211 28.01 -30.96 44.45
C LYS D 211 29.38 -30.66 43.82
N GLN D 212 29.85 -31.58 42.99
CA GLN D 212 31.11 -31.39 42.28
C GLN D 212 30.99 -30.24 41.27
N VAL D 213 29.81 -30.11 40.68
CA VAL D 213 29.54 -29.02 39.75
C VAL D 213 29.59 -27.68 40.48
N THR D 214 29.11 -27.68 41.72
CA THR D 214 29.15 -26.48 42.55
C THR D 214 30.58 -26.06 42.84
N GLU D 215 31.41 -27.02 43.21
CA GLU D 215 32.81 -26.76 43.51
C GLU D 215 33.57 -26.24 42.30
N LYS D 216 33.15 -26.68 41.11
CA LYS D 216 33.79 -26.26 39.88
C LYS D 216 33.39 -24.83 39.52
N LEU D 217 32.12 -24.52 39.74
CA LEU D 217 31.60 -23.18 39.48
C LEU D 217 32.25 -22.15 40.40
N LYS D 218 32.56 -22.57 41.62
CA LYS D 218 33.23 -21.69 42.58
C LYS D 218 34.60 -21.26 42.07
N GLU D 219 35.28 -22.17 41.38
CA GLU D 219 36.61 -21.88 40.82
C GLU D 219 36.51 -20.78 39.77
N HIS D 220 35.37 -20.69 39.11
CA HIS D 220 35.17 -19.72 38.03
C HIS D 220 34.53 -18.43 38.51
N PHE D 221 33.94 -18.45 39.71
CA PHE D 221 33.23 -17.29 40.22
C PHE D 221 33.78 -16.81 41.57
N ASN D 222 35.09 -16.91 41.73
CA ASN D 222 35.79 -16.32 42.87
C ASN D 222 35.27 -16.81 44.23
N ASN D 223 34.92 -18.09 44.31
CA ASN D 223 34.47 -18.70 45.56
C ASN D 223 33.15 -18.14 46.08
N LYS D 224 32.36 -17.53 45.22
CA LYS D 224 31.04 -17.08 45.61
C LYS D 224 30.13 -18.28 45.86
N THR D 225 29.12 -18.08 46.69
CA THR D 225 28.19 -19.16 47.03
C THR D 225 27.37 -19.55 45.81
N ILE D 226 27.40 -20.84 45.48
CA ILE D 226 26.69 -21.35 44.31
C ILE D 226 25.32 -21.90 44.69
N ILE D 227 24.28 -21.37 44.06
CA ILE D 227 22.91 -21.77 44.34
C ILE D 227 22.16 -22.19 43.08
N PHE D 228 21.43 -23.30 43.17
CA PHE D 228 20.63 -23.77 42.06
C PHE D 228 19.15 -23.48 42.29
N GLN D 229 18.45 -23.12 41.22
CA GLN D 229 17.02 -22.83 41.30
C GLN D 229 16.30 -23.20 40.01
N PRO D 230 15.03 -23.61 40.12
CA PRO D 230 14.21 -23.88 38.94
C PRO D 230 14.05 -22.65 38.07
N PRO D 231 13.79 -22.84 36.77
CA PRO D 231 13.60 -21.73 35.83
C PRO D 231 12.56 -20.72 36.32
N SER D 232 12.91 -19.44 36.27
CA SER D 232 12.05 -18.39 36.78
C SER D 232 10.82 -18.21 35.91
N GLY D 233 10.94 -18.50 34.62
CA GLY D 233 9.85 -18.36 33.68
C GLY D 233 10.20 -18.79 32.28
N GLY D 234 9.34 -18.47 31.32
CA GLY D 234 9.57 -18.83 29.94
C GLY D 234 8.61 -19.90 29.46
N ASP D 235 8.85 -20.43 28.27
CA ASP D 235 8.00 -21.45 27.69
C ASP D 235 8.26 -22.82 28.33
N LEU D 236 7.36 -23.77 28.08
CA LEU D 236 7.44 -25.09 28.68
C LEU D 236 8.70 -25.85 28.28
N GLU D 237 9.12 -25.69 27.04
CA GLU D 237 10.29 -26.41 26.53
C GLU D 237 11.57 -26.02 27.27
N ILE D 238 11.54 -24.88 27.94
CA ILE D 238 12.70 -24.39 28.67
C ILE D 238 12.54 -24.55 30.17
N THR D 239 11.33 -24.34 30.68
CA THR D 239 11.07 -24.45 32.10
C THR D 239 11.16 -25.90 32.58
N MET D 240 11.08 -26.84 31.63
CA MET D 240 11.18 -28.24 31.97
C MET D 240 12.16 -28.98 31.05
N HIS D 241 12.63 -30.13 31.51
CA HIS D 241 13.51 -30.98 30.73
C HIS D 241 12.73 -31.63 29.58
N SER D 242 12.87 -31.07 28.38
CA SER D 242 12.16 -31.57 27.22
C SER D 242 13.07 -32.40 26.31
N PHE D 243 12.58 -33.55 25.89
CA PHE D 243 13.33 -34.44 25.01
C PHE D 243 12.38 -35.36 24.27
N ASN D 244 12.88 -35.98 23.20
CA ASN D 244 12.06 -36.89 22.40
C ASN D 244 12.41 -38.34 22.67
N CYS D 245 11.43 -39.10 23.15
CA CYS D 245 11.63 -40.51 23.46
C CYS D 245 10.80 -41.38 22.53
N ARG D 246 11.46 -42.02 21.56
CA ARG D 246 10.79 -42.90 20.62
C ARG D 246 9.76 -42.17 19.77
N GLY D 247 10.02 -40.90 19.47
CA GLY D 247 9.10 -40.11 18.67
C GLY D 247 8.13 -39.31 19.51
N GLU D 248 8.07 -39.62 20.80
CA GLU D 248 7.17 -38.93 21.72
C GLU D 248 7.90 -37.80 22.44
N PHE D 249 7.25 -36.65 22.53
CA PHE D 249 7.84 -35.49 23.20
C PHE D 249 7.58 -35.51 24.70
N PHE D 250 8.64 -35.72 25.47
CA PHE D 250 8.55 -35.75 26.93
C PHE D 250 8.86 -34.39 27.54
N TYR D 251 8.02 -33.97 28.49
CA TYR D 251 8.25 -32.76 29.26
C TYR D 251 8.30 -33.08 30.74
N CYS D 252 9.49 -32.97 31.33
CA CYS D 252 9.70 -33.39 32.71
C CYS D 252 10.05 -32.25 33.66
N ASN D 253 9.42 -32.26 34.83
CA ASN D 253 9.70 -31.28 35.87
C ASN D 253 10.96 -31.66 36.65
N THR D 254 11.96 -30.78 36.59
CA THR D 254 13.25 -31.07 37.22
C THR D 254 13.50 -30.26 38.48
N THR D 255 12.41 -29.86 39.16
CA THR D 255 12.53 -29.08 40.39
C THR D 255 13.29 -29.84 41.47
N GLN D 256 13.13 -31.16 41.49
CA GLN D 256 13.75 -31.99 42.51
C GLN D 256 15.25 -32.18 42.25
N LEU D 257 15.67 -32.01 41.00
CA LEU D 257 17.07 -32.22 40.64
C LEU D 257 17.94 -31.04 41.06
N PHE D 258 17.41 -29.83 40.92
CA PHE D 258 18.16 -28.63 41.27
C PHE D 258 17.73 -28.14 42.66
N ASN D 259 18.11 -28.90 43.67
CA ASN D 259 17.71 -28.69 45.04
C ASN D 259 18.95 -28.56 45.94
N ASN D 260 19.25 -27.33 46.35
CA ASN D 260 20.46 -27.05 47.13
C ASN D 260 20.45 -27.63 48.54
N THR D 261 19.34 -28.25 48.93
CA THR D 261 19.23 -28.85 50.24
C THR D 261 20.04 -30.14 50.33
N CYS D 262 20.04 -30.91 49.25
CA CYS D 262 20.75 -32.18 49.21
C CYS D 262 22.12 -32.05 48.54
N ILE D 263 22.81 -30.95 48.80
CA ILE D 263 24.15 -30.74 48.25
C ILE D 263 25.17 -30.55 49.37
N ASN D 272 18.96 -39.35 49.58
CA ASN D 272 19.84 -40.34 49.00
C ASN D 272 19.10 -41.50 48.37
N GLY D 273 17.81 -41.32 48.13
CA GLY D 273 16.98 -42.34 47.52
C GLY D 273 16.68 -42.07 46.07
N THR D 274 15.71 -42.78 45.51
CA THR D 274 15.33 -42.62 44.11
C THR D 274 14.51 -41.35 43.90
N ILE D 275 14.91 -40.55 42.91
CA ILE D 275 14.18 -39.34 42.57
C ILE D 275 13.24 -39.57 41.40
N THR D 276 11.95 -39.32 41.61
CA THR D 276 10.96 -39.52 40.57
C THR D 276 10.43 -38.19 40.06
N LEU D 277 10.81 -37.85 38.83
CA LEU D 277 10.36 -36.61 38.20
C LEU D 277 9.06 -36.83 37.43
N PRO D 278 8.06 -35.98 37.66
CA PRO D 278 6.78 -36.06 36.94
C PRO D 278 6.92 -35.52 35.52
N CYS D 279 6.46 -36.30 34.54
CA CYS D 279 6.58 -35.91 33.14
C CYS D 279 5.22 -35.95 32.43
N LYS D 280 5.16 -35.31 31.27
CA LYS D 280 3.96 -35.32 30.44
C LYS D 280 4.33 -35.42 28.97
N ILE D 281 3.64 -36.29 28.24
CA ILE D 281 3.81 -36.39 26.79
C ILE D 281 2.94 -35.36 26.10
N LYS D 282 3.56 -34.37 25.48
CA LYS D 282 2.84 -33.29 24.83
C LYS D 282 2.75 -33.47 23.33
N GLN D 283 1.58 -33.15 22.77
CA GLN D 283 1.38 -33.21 21.33
C GLN D 283 1.60 -31.85 20.69
N ILE D 284 1.08 -30.81 21.35
CA ILE D 284 1.29 -29.44 20.91
C ILE D 284 2.64 -28.94 21.40
N ILE D 285 3.54 -28.65 20.45
CA ILE D 285 4.91 -28.31 20.79
C ILE D 285 5.40 -27.05 20.09
N ASN D 286 6.28 -26.31 20.75
CA ASN D 286 7.02 -25.23 20.10
C ASN D 286 8.24 -25.81 19.40
N MET D 287 8.22 -25.81 18.07
CA MET D 287 9.27 -26.45 17.27
C MET D 287 10.63 -25.82 17.50
N TRP D 288 11.61 -26.66 17.86
CA TRP D 288 12.96 -26.18 18.09
C TRP D 288 13.60 -25.65 16.83
N GLN D 289 13.06 -26.05 15.68
CA GLN D 289 13.56 -25.57 14.39
C GLN D 289 13.22 -24.10 14.19
N GLY D 290 12.25 -23.61 14.94
CA GLY D 290 11.82 -22.23 14.84
C GLY D 290 10.72 -22.06 13.81
N THR D 291 9.92 -23.10 13.61
CA THR D 291 8.86 -23.08 12.63
C THR D 291 7.51 -22.75 13.28
N GLY D 292 7.55 -22.33 14.54
CA GLY D 292 6.35 -22.03 15.28
C GLY D 292 5.91 -23.23 16.10
N GLN D 293 4.67 -23.21 16.57
CA GLN D 293 4.13 -24.34 17.32
C GLN D 293 3.38 -25.30 16.40
N ALA D 294 3.38 -26.57 16.77
CA ALA D 294 2.72 -27.61 15.98
C ALA D 294 2.11 -28.67 16.87
N MET D 295 1.21 -29.46 16.31
CA MET D 295 0.56 -30.54 17.05
C MET D 295 0.94 -31.90 16.46
N TYR D 296 1.63 -32.72 17.25
CA TYR D 296 1.99 -34.06 16.83
C TYR D 296 0.94 -35.07 17.30
N ALA D 297 1.03 -36.29 16.78
CA ALA D 297 0.05 -37.32 17.09
C ALA D 297 0.17 -37.81 18.54
N PRO D 298 -0.91 -38.38 19.08
CA PRO D 298 -0.97 -38.91 20.44
C PRO D 298 -0.05 -40.12 20.63
N PRO D 299 0.33 -40.42 21.88
CA PRO D 299 1.28 -41.47 22.22
C PRO D 299 0.87 -42.85 21.72
N ILE D 300 1.85 -43.71 21.46
CA ILE D 300 1.59 -45.09 21.08
C ILE D 300 1.21 -45.90 22.31
N ASP D 301 0.57 -47.05 22.09
CA ASP D 301 0.19 -47.93 23.18
C ASP D 301 1.39 -48.73 23.70
N GLY D 302 1.26 -49.28 24.89
CA GLY D 302 2.33 -50.06 25.49
C GLY D 302 3.27 -49.22 26.32
N LYS D 303 4.38 -49.81 26.74
CA LYS D 303 5.36 -49.11 27.55
C LYS D 303 6.32 -48.29 26.71
N ILE D 304 6.40 -47.00 26.99
CA ILE D 304 7.35 -46.12 26.32
C ILE D 304 8.49 -45.78 27.27
N ASN D 305 9.67 -46.31 27.00
CA ASN D 305 10.80 -46.17 27.91
C ASN D 305 12.08 -45.71 27.23
N CYS D 306 12.81 -44.84 27.91
CA CYS D 306 14.11 -44.38 27.43
C CYS D 306 15.08 -44.19 28.59
N VAL D 307 16.11 -45.03 28.62
CA VAL D 307 17.16 -44.91 29.62
C VAL D 307 18.35 -44.17 29.03
N SER D 308 18.56 -42.94 29.50
CA SER D 308 19.58 -42.07 28.90
C SER D 308 20.71 -41.73 29.87
N ASN D 309 21.86 -41.42 29.31
CA ASN D 309 23.00 -40.90 30.08
C ASN D 309 22.96 -39.39 30.18
N ILE D 310 22.90 -38.87 31.41
CA ILE D 310 23.09 -37.44 31.61
C ILE D 310 24.59 -37.15 31.57
N THR D 311 25.03 -36.44 30.55
CA THR D 311 26.45 -36.19 30.34
C THR D 311 26.79 -34.70 30.36
N GLY D 312 25.76 -33.87 30.40
CA GLY D 312 25.96 -32.43 30.40
C GLY D 312 24.76 -31.67 30.94
N ILE D 313 25.00 -30.42 31.33
CA ILE D 313 23.94 -29.57 31.86
C ILE D 313 23.98 -28.18 31.21
N LEU D 314 22.82 -27.68 30.83
CA LEU D 314 22.70 -26.33 30.29
C LEU D 314 22.20 -25.37 31.36
N LEU D 315 23.02 -24.38 31.71
CA LEU D 315 22.68 -23.47 32.79
C LEU D 315 22.63 -22.01 32.35
N THR D 316 21.78 -21.24 33.03
CA THR D 316 21.73 -19.80 32.82
C THR D 316 21.87 -19.10 34.17
N ARG D 317 22.86 -18.21 34.27
CA ARG D 317 23.16 -17.54 35.53
C ARG D 317 22.29 -16.30 35.73
N ASP D 318 21.81 -16.11 36.96
CA ASP D 318 21.00 -14.95 37.31
C ASP D 318 21.83 -13.66 37.24
N GLY D 319 21.23 -12.62 36.68
CA GLY D 319 21.87 -11.32 36.62
C GLY D 319 21.55 -10.49 37.84
N GLY D 320 22.27 -9.40 38.03
CA GLY D 320 22.02 -8.49 39.14
C GLY D 320 22.37 -9.08 40.50
N ALA D 321 23.48 -9.80 40.57
CA ALA D 321 23.92 -10.40 41.83
C ALA D 321 25.34 -9.97 42.18
N ASN D 322 25.82 -8.92 41.52
CA ASN D 322 27.18 -8.45 41.73
C ASN D 322 27.44 -7.94 43.14
N ASN D 323 26.40 -7.39 43.77
CA ASN D 323 26.53 -6.84 45.11
C ASN D 323 26.20 -7.85 46.20
N THR D 324 26.19 -9.13 45.82
CA THR D 324 25.96 -10.20 46.78
C THR D 324 27.03 -11.28 46.65
N SER D 325 27.13 -12.14 47.66
CA SER D 325 28.11 -13.22 47.64
C SER D 325 27.53 -14.48 47.02
N ASN D 326 26.36 -14.35 46.40
CA ASN D 326 25.68 -15.49 45.79
C ASN D 326 25.65 -15.42 44.27
N GLU D 327 25.69 -16.60 43.65
CA GLU D 327 25.45 -16.72 42.22
C GLU D 327 24.40 -17.80 41.98
N THR D 328 23.31 -17.43 41.31
CA THR D 328 22.21 -18.36 41.10
C THR D 328 22.19 -18.92 39.70
N PHE D 329 22.08 -20.24 39.61
CA PHE D 329 22.06 -20.93 38.31
C PHE D 329 20.77 -21.70 38.13
N ARG D 330 20.19 -21.60 36.93
CA ARG D 330 18.96 -22.31 36.62
C ARG D 330 19.12 -23.11 35.32
N PRO D 331 18.49 -24.30 35.26
CA PRO D 331 18.55 -25.11 34.05
C PRO D 331 17.94 -24.38 32.86
N GLY D 332 18.64 -24.37 31.73
CA GLY D 332 18.19 -23.62 30.57
C GLY D 332 18.23 -24.39 29.28
N GLY D 333 18.58 -23.70 28.19
CA GLY D 333 18.59 -24.30 26.86
C GLY D 333 17.75 -23.49 25.90
N GLY D 334 17.24 -24.16 24.87
CA GLY D 334 16.43 -23.50 23.87
C GLY D 334 17.12 -23.44 22.52
N ASN D 335 18.43 -23.18 22.55
CA ASN D 335 19.22 -23.16 21.33
C ASN D 335 19.89 -24.51 21.10
N ILE D 336 19.29 -25.31 20.23
CA ILE D 336 19.76 -26.68 19.98
C ILE D 336 21.19 -26.70 19.43
N LYS D 337 21.62 -25.59 18.85
CA LYS D 337 22.99 -25.48 18.36
C LYS D 337 23.99 -25.70 19.48
N ASP D 338 23.62 -25.31 20.69
CA ASP D 338 24.48 -25.50 21.85
C ASP D 338 24.64 -26.98 22.17
N ASN D 339 23.63 -27.77 21.84
CA ASN D 339 23.72 -29.23 22.01
C ASN D 339 24.83 -29.80 21.14
N TRP D 340 24.91 -29.34 19.89
CA TRP D 340 25.92 -29.82 18.97
C TRP D 340 27.31 -29.31 19.38
N ARG D 341 27.34 -28.12 19.97
CA ARG D 341 28.59 -27.54 20.45
C ARG D 341 29.22 -28.37 21.55
N SER D 342 28.38 -28.99 22.37
CA SER D 342 28.86 -29.75 23.52
C SER D 342 29.66 -30.98 23.07
N GLU D 343 29.57 -31.30 21.79
CA GLU D 343 30.27 -32.45 21.22
C GLU D 343 31.30 -32.03 20.18
N LEU D 344 31.05 -30.91 19.50
CA LEU D 344 31.92 -30.46 18.43
C LEU D 344 32.96 -29.43 18.91
N TYR D 345 32.98 -29.19 20.21
CA TYR D 345 33.83 -28.13 20.78
C TYR D 345 35.32 -28.35 20.51
N LYS D 346 35.73 -29.60 20.35
CA LYS D 346 37.15 -29.92 20.22
C LYS D 346 37.60 -30.02 18.76
N TYR D 347 36.71 -29.73 17.83
CA TYR D 347 37.03 -29.85 16.41
C TYR D 347 36.99 -28.50 15.69
N LYS D 348 37.81 -28.38 14.65
CA LYS D 348 37.75 -27.23 13.75
C LYS D 348 38.32 -27.62 12.39
N VAL D 349 37.72 -27.09 11.33
CA VAL D 349 38.14 -27.42 9.98
C VAL D 349 39.24 -26.47 9.49
N VAL D 350 40.25 -27.04 8.84
CA VAL D 350 41.32 -26.24 8.25
C VAL D 350 41.60 -26.68 6.83
N GLN D 351 42.07 -25.75 6.00
CA GLN D 351 42.39 -26.06 4.62
C GLN D 351 43.89 -26.30 4.45
N ILE D 352 44.24 -27.38 3.76
CA ILE D 352 45.64 -27.75 3.54
C ILE D 352 46.19 -27.09 2.29
N GLU D 353 47.39 -26.52 2.41
CA GLU D 353 48.05 -25.89 1.28
C GLU D 353 48.88 -26.89 0.48
C1 NAG E . -5.55 40.99 -35.97
C2 NAG E . -6.98 40.98 -35.42
C3 NAG E . -7.95 40.49 -36.48
C4 NAG E . -7.79 41.30 -37.76
C5 NAG E . -6.33 41.31 -38.21
C6 NAG E . -6.08 42.20 -39.41
C7 NAG E . -6.78 40.62 -33.00
C8 NAG E . -6.92 39.64 -31.88
N2 NAG E . -7.07 40.17 -34.23
O3 NAG E . -9.28 40.60 -35.99
O4 NAG E . -8.60 40.74 -38.79
O5 NAG E . -5.50 41.80 -37.15
O6 NAG E . -6.09 43.57 -39.04
O7 NAG E . -6.40 41.78 -32.81
C1 NAG F . 10.13 48.00 -42.02
C2 NAG F . 10.23 49.48 -41.66
C3 NAG F . 11.70 49.90 -41.57
C4 NAG F . 12.46 48.99 -40.62
C5 NAG F . 12.26 47.53 -41.03
C6 NAG F . 12.89 46.54 -40.08
C7 NAG F . 8.57 51.18 -42.29
C8 NAG F . 7.95 51.95 -43.41
N2 NAG F . 9.53 50.31 -42.62
O3 NAG F . 11.78 51.25 -41.10
O4 NAG F . 13.85 49.29 -40.64
O5 NAG F . 10.86 47.22 -41.08
O6 NAG F . 12.12 46.41 -38.90
O7 NAG F . 8.24 51.34 -41.11
C1 NAG G . 16.60 34.22 -18.06
C2 NAG G . 16.55 32.94 -17.22
C3 NAG G . 17.41 33.07 -15.97
C4 NAG G . 18.83 33.49 -16.36
C5 NAG G . 18.79 34.76 -17.20
C6 NAG G . 20.15 35.15 -17.72
C7 NAG G . 14.63 31.40 -17.09
C8 NAG G . 13.21 31.23 -16.66
N2 NAG G . 15.18 32.61 -16.87
O3 NAG G . 17.44 31.85 -15.27
O4 NAG G . 19.61 33.72 -15.19
O5 NAG G . 17.96 34.54 -18.36
O6 NAG G . 20.65 34.20 -18.64
O7 NAG G . 15.26 30.50 -17.64
C1 NAG H . -14.91 32.98 -33.00
C2 NAG H . -15.51 32.32 -34.23
C3 NAG H . -17.01 32.62 -34.32
C4 NAG H . -17.70 32.24 -33.01
C5 NAG H . -17.00 32.92 -31.84
C6 NAG H . -17.56 32.51 -30.49
C7 NAG H . -14.46 31.91 -36.41
C8 NAG H . -13.78 32.53 -37.60
N2 NAG H . -14.85 32.75 -35.45
O3 NAG H . -17.59 31.89 -35.39
O4 NAG H . -19.06 32.66 -33.04
O5 NAG H . -15.61 32.57 -31.83
O6 NAG H . -17.70 31.10 -30.40
O7 NAG H . -14.64 30.70 -36.33
C1 NAG I . 3.78 50.44 -24.54
C2 NAG I . 4.39 51.84 -24.59
C3 NAG I . 3.47 52.84 -23.89
C4 NAG I . 2.06 52.76 -24.48
C5 NAG I . 1.56 51.32 -24.43
C6 NAG I . 0.21 51.14 -25.08
C7 NAG I . 6.82 52.24 -24.64
C8 NAG I . 8.09 52.19 -23.86
N2 NAG I . 5.71 51.85 -23.99
O3 NAG I . 4.00 54.15 -24.06
O4 NAG I . 1.18 53.59 -23.74
O5 NAG I . 2.48 50.46 -25.12
O6 NAG I . -0.32 49.85 -24.82
O7 NAG I . 6.78 52.62 -25.81
C1 NAG J . 17.05 38.96 -5.97
C2 NAG J . 18.18 39.98 -6.13
C3 NAG J . 19.32 39.65 -5.16
C4 NAG J . 18.79 39.54 -3.74
C5 NAG J . 17.65 38.52 -3.69
C6 NAG J . 17.00 38.42 -2.33
C7 NAG J . 18.41 41.01 -8.34
C8 NAG J . 18.99 40.89 -9.71
N2 NAG J . 18.67 40.02 -7.49
O3 NAG J . 20.30 40.68 -5.22
O4 NAG J . 19.84 39.11 -2.86
O5 NAG J . 16.62 38.91 -4.61
O6 NAG J . 16.47 37.11 -2.11
O7 NAG J . 17.71 41.97 -8.02
C1 NAG K . 10.73 50.13 -7.99
C2 NAG K . 11.74 50.09 -6.84
C3 NAG K . 12.05 51.51 -6.34
C4 NAG K . 12.47 52.39 -7.50
C5 NAG K . 11.41 52.36 -8.59
C6 NAG K . 11.79 53.15 -9.82
C7 NAG K . 12.05 48.60 -4.90
C8 NAG K . 11.38 47.81 -3.83
N2 NAG K . 11.24 49.27 -5.74
O3 NAG K . 13.08 51.45 -5.37
O4 NAG K . 12.64 53.74 -7.05
O5 NAG K . 11.21 51.00 -9.02
O6 NAG K . 10.75 53.15 -10.78
O7 NAG K . 13.27 48.64 -5.01
C1 NAG L . -2.85 31.83 -4.29
C2 NAG L . -3.82 30.65 -4.39
C3 NAG L . -5.26 31.14 -4.22
C4 NAG L . -5.40 31.96 -2.94
C5 NAG L . -4.36 33.07 -2.92
C6 NAG L . -4.36 33.85 -1.62
C7 NAG L . -3.29 28.66 -5.74
C8 NAG L . -3.18 28.11 -7.12
N2 NAG L . -3.67 29.95 -5.65
O3 NAG L . -6.14 30.02 -4.17
O4 NAG L . -6.70 32.52 -2.85
O5 NAG L . -3.04 32.51 -3.05
O6 NAG L . -3.24 33.51 -0.80
O7 NAG L . -3.04 28.00 -4.73
C1 NAG M . 16.23 42.01 -19.33
C2 NAG M . 17.53 41.33 -19.78
C3 NAG M . 18.72 42.24 -19.49
C4 NAG M . 18.50 43.62 -20.11
C5 NAG M . 17.17 44.19 -19.65
C6 NAG M . 16.83 45.50 -20.31
C7 NAG M . 17.45 38.88 -19.72
C8 NAG M . 16.98 38.97 -21.14
N2 NAG M . 17.70 40.05 -19.12
O3 NAG M . 19.90 41.66 -20.02
O4 NAG M . 19.55 44.50 -19.73
O5 NAG M . 16.11 43.28 -19.96
O6 NAG M . 15.59 46.02 -19.84
O7 NAG M . 17.61 37.80 -19.15
C15 3ZM N . 4.55 22.25 -16.97
C17 3ZM N . 6.34 24.02 -16.99
C20 3ZM N . 5.47 21.54 -16.18
C22 3ZM N . 2.05 22.59 -17.88
C28 3ZM N . -6.34 17.95 -17.14
C01 3ZM N . -1.87 17.30 -19.95
N02 3ZM N . -2.11 16.08 -20.42
C03 3ZM N . -1.67 15.91 -21.81
C04 3ZM N . -1.81 14.62 -22.62
C05 3ZM N . -1.09 17.06 -22.32
S06 3ZM N . -1.10 18.33 -21.14
C07 3ZM N . -0.48 17.49 -23.63
O08 3ZM N . 0.92 17.64 -23.49
C09 3ZM N . -2.11 18.04 -18.57
N10 3ZM N . -1.17 19.26 -18.37
C11 3ZM N . 0.25 19.22 -18.15
C12 3ZM N . 1.17 20.46 -17.96
N13 3ZM N . 2.53 20.46 -17.48
C14 3ZM N . 3.10 21.79 -17.42
C16 3ZM N . 5.06 23.52 -17.36
C18 3ZM N . 7.18 23.25 -16.21
C19 3ZM N . 6.76 22.00 -15.79
CL21 3ZM N . 8.80 23.86 -15.74
C23 3ZM N . 0.89 21.79 -18.20
O24 3ZM N . 0.75 18.09 -18.13
C25 3ZM N . -3.67 18.52 -18.39
N26 3ZM N . -3.98 18.78 -16.94
C27 3ZM N . -5.42 19.06 -16.66
C29 3ZM N . -6.10 17.69 -18.60
C30 3ZM N . -4.63 17.45 -18.93
H171 3ZM N . 6.66 25.04 -17.35
H201 3ZM N . 5.18 20.53 -15.81
H221 3ZM N . 2.05 23.66 -17.99
H282 3ZM N . -7.40 18.19 -16.93
H281 3ZM N . -6.16 17.01 -16.54
H043 3ZM N . -2.34 13.75 -22.20
H042 3ZM N . -0.84 14.17 -22.95
H041 3ZM N . -2.31 14.74 -23.60
H072 3ZM N . -0.71 16.79 -24.45
H071 3ZM N . -0.89 18.47 -23.99
H081 3ZM N . 1.32 17.13 -24.21
H091 3ZM N . -1.90 17.35 -17.73
H101 3ZM N . -1.56 20.18 -18.39
H131 3ZM N . 3.00 19.62 -17.23
H161 3ZM N . 4.44 24.18 -17.98
H191 3ZM N . 7.46 21.40 -15.15
H231 3ZM N . -0.05 22.18 -18.58
H251 3ZM N . -3.83 19.47 -18.97
H261 3ZM N . -3.44 19.58 -16.60
H272 3ZM N . -5.55 19.18 -15.56
H271 3ZM N . -5.78 20.04 -17.05
H291 3ZM N . -6.70 16.80 -18.93
H292 3ZM N . -6.52 18.51 -19.21
H301 3ZM N . -4.34 16.46 -18.56
H302 3ZM N . -4.50 17.40 -20.03
N1 EPE O . 17.00 18.72 -36.33
C2 EPE O . 17.46 20.12 -36.36
C3 EPE O . 16.52 20.98 -35.53
N4 EPE O . 15.16 20.83 -35.97
C5 EPE O . 14.67 19.47 -36.15
C6 EPE O . 15.65 18.63 -36.94
C7 EPE O . 14.57 21.90 -36.76
C8 EPE O . 13.06 22.05 -36.57
O8 EPE O . 12.39 20.97 -37.18
C9 EPE O . 17.93 17.88 -37.10
C10 EPE O . 18.99 17.34 -36.15
S EPE O . 20.00 16.04 -36.92
O1S EPE O . 21.28 16.60 -37.32
O2S EPE O . 20.21 14.96 -35.95
O3S EPE O . 19.30 15.53 -38.09
C1 NAG P . 9.20 2.34 27.82
C2 NAG P . 9.21 2.84 29.26
C3 NAG P . 10.62 3.27 29.66
C4 NAG P . 11.61 2.13 29.40
C5 NAG P . 11.48 1.65 27.96
C6 NAG P . 12.34 0.43 27.67
C7 NAG P . 6.97 3.77 29.67
C8 NAG P . 6.15 5.01 29.82
N2 NAG P . 8.27 3.94 29.43
O3 NAG P . 10.63 3.61 31.04
O4 NAG P . 12.93 2.57 29.65
O5 NAG P . 10.13 1.26 27.68
O6 NAG P . 11.74 -0.76 28.14
O7 NAG P . 6.48 2.64 29.75
C1 NAG Q . 7.76 -10.13 14.54
C2 NAG Q . 7.00 -11.37 15.03
C3 NAG Q . 6.28 -12.05 13.86
C4 NAG Q . 5.41 -11.03 13.12
C5 NAG Q . 6.24 -9.82 12.72
C6 NAG Q . 5.42 -8.73 12.08
C7 NAG Q . 7.62 -12.87 16.86
C8 NAG Q . 8.66 -13.82 17.39
N2 NAG Q . 7.90 -12.31 15.68
O3 NAG Q . 5.49 -13.12 14.35
O4 NAG Q . 4.85 -11.64 11.96
O5 NAG Q . 6.85 -9.25 13.87
O6 NAG Q . 4.54 -8.12 13.02
O7 NAG Q . 6.57 -12.65 17.46
C1 NAG R . -13.50 8.39 10.38
C2 NAG R . -13.98 9.82 10.21
C3 NAG R . -15.45 9.86 9.82
C4 NAG R . -15.68 9.00 8.58
C5 NAG R . -15.16 7.59 8.83
C6 NAG R . -15.24 6.71 7.59
C7 NAG R . -13.17 11.80 11.42
C8 NAG R . -13.02 12.46 12.75
N2 NAG R . -13.76 10.60 11.41
O3 NAG R . -15.87 11.19 9.57
O4 NAG R . -17.07 8.93 8.26
O5 NAG R . -13.77 7.65 9.19
O6 NAG R . -14.44 7.23 6.55
O7 NAG R . -12.78 12.33 10.38
C1 NAG S . 11.50 12.92 34.17
C2 NAG S . 13.00 13.17 34.16
C3 NAG S . 13.54 13.24 35.58
C4 NAG S . 12.75 14.25 36.40
C5 NAG S . 11.26 13.94 36.32
C6 NAG S . 10.40 14.98 37.02
C7 NAG S . 14.57 12.43 32.41
C8 NAG S . 15.20 11.26 31.74
N2 NAG S . 13.70 12.15 33.40
O3 NAG S . 14.91 13.60 35.56
O4 NAG S . 13.16 14.21 37.77
O5 NAG S . 10.85 13.92 34.94
O6 NAG S . 10.47 16.23 36.36
O7 NAG S . 14.83 13.59 32.10
C1 NAG T . -6.83 -4.98 25.94
C2 NAG T . -7.35 -6.41 25.97
C3 NAG T . -7.99 -6.70 27.33
C4 NAG T . -7.01 -6.38 28.45
C5 NAG T . -6.51 -4.95 28.31
C6 NAG T . -5.45 -4.59 29.32
C7 NAG T . -8.00 -7.38 23.81
C8 NAG T . -9.10 -7.52 22.80
N2 NAG T . -8.30 -6.66 24.89
O3 NAG T . -8.36 -8.08 27.38
O4 NAG T . -7.66 -6.53 29.71
O5 NAG T . -5.92 -4.76 27.01
O6 NAG T . -4.42 -3.81 28.74
O7 NAG T . -6.89 -7.89 23.65
C1 NAG U . -25.72 7.77 14.70
C2 NAG U . -26.10 6.52 13.91
C3 NAG U . -27.30 6.82 13.00
C4 NAG U . -28.44 7.40 13.81
C5 NAG U . -27.95 8.62 14.59
C6 NAG U . -29.02 9.20 15.49
C7 NAG U . -24.38 4.86 13.35
C8 NAG U . -23.24 4.52 12.44
N2 NAG U . -24.98 6.03 13.12
O3 NAG U . -27.72 5.61 12.37
O4 NAG U . -29.51 7.80 12.94
O5 NAG U . -26.85 8.25 15.42
O6 NAG U . -28.51 10.30 16.24
O7 NAG U . -24.75 4.11 14.25
C1 NAG V . -23.93 -1.51 24.08
C2 NAG V . -25.42 -1.77 23.76
C3 NAG V . -25.85 -3.15 24.27
C4 NAG V . -24.90 -4.23 23.75
C5 NAG V . -23.48 -3.88 24.14
C6 NAG V . -22.47 -4.87 23.62
C7 NAG V . -26.40 0.48 23.80
C8 NAG V . -27.31 1.42 24.53
N2 NAG V . -26.26 -0.74 24.34
O3 NAG V . -27.16 -3.43 23.82
O4 NAG V . -25.25 -5.49 24.32
O5 NAG V . -23.14 -2.60 23.59
O6 NAG V . -21.27 -4.88 24.41
O7 NAG V . -25.83 0.81 22.76
C1 NAG W . -19.51 20.36 30.33
C2 NAG W . -19.29 21.85 30.59
C3 NAG W . -19.18 22.12 32.08
C4 NAG W . -20.37 21.54 32.82
C5 NAG W . -20.54 20.06 32.47
C6 NAG W . -21.78 19.45 33.08
C7 NAG W . -18.15 23.32 29.00
C8 NAG W . -16.83 23.69 28.37
N2 NAG W . -18.11 22.32 29.88
O3 NAG W . -19.09 23.52 32.30
O4 NAG W . -20.20 21.68 34.22
O5 NAG W . -20.66 19.91 31.05
O6 NAG W . -22.89 19.55 32.20
O7 NAG W . -19.19 23.91 28.71
C1 NAG X . -13.89 0.99 13.11
C2 NAG X . -13.79 1.18 11.60
C3 NAG X . -14.63 0.14 10.87
C4 NAG X . -14.25 -1.26 11.34
C5 NAG X . -14.34 -1.34 12.85
C6 NAG X . -13.88 -2.67 13.40
C7 NAG X . -13.43 3.35 10.49
C8 NAG X . -12.09 2.81 10.08
N2 NAG X . -14.20 2.53 11.22
O3 NAG X . -14.41 0.26 9.47
O4 NAG X . -15.14 -2.22 10.77
O5 NAG X . -13.51 -0.34 13.45
O6 NAG X . -13.91 -2.69 14.83
O7 NAG X . -13.80 4.48 10.18
C15 3ZM Y . -7.67 22.77 17.34
C17 3ZM Y . -8.56 20.62 16.37
C20 3ZM Y . -8.61 23.36 16.46
C22 3ZM Y . -6.09 23.02 19.50
C28 3ZM Y . -2.28 30.38 24.58
C01 3ZM Y . -1.46 28.20 19.91
N02 3ZM Y . -0.62 29.16 19.55
C03 3ZM Y . 0.46 28.68 18.70
C04 3ZM Y . 1.59 29.54 18.13
C05 3ZM Y . 0.36 27.32 18.45
S06 3ZM Y . -1.02 26.64 19.23
C07 3ZM Y . 1.14 26.28 17.66
O08 3ZM Y . 0.27 25.53 16.84
C09 3ZM Y . -2.79 28.12 20.79
N10 3ZM Y . -3.55 26.78 20.59
C11 3ZM Y . -4.50 26.49 19.55
C12 3ZM Y . -5.25 25.16 19.33
N13 3ZM Y . -6.13 24.84 18.24
C14 3ZM Y . -6.67 23.52 18.32
C16 3ZM Y . -7.69 21.35 17.24
C18 3ZM Y . -9.45 21.29 15.56
C19 3ZM Y . -9.49 22.68 15.59
CL21 3ZM Y . -10.55 20.39 14.46
C23 3ZM Y . -5.24 24.01 20.11
O24 3ZM Y . -4.71 27.42 18.76
C25 3ZM Y . -2.50 28.36 22.39
N26 3ZM Y . -3.68 29.00 23.03
C27 3ZM Y . -3.46 29.45 24.44
C29 3ZM Y . -1.04 29.74 24.01
C30 3ZM Y . -1.26 29.25 22.59
H171 3ZM Y . -8.51 19.50 16.36
H201 3ZM Y . -8.68 24.47 16.47
H221 3ZM Y . -6.24 22.03 19.94
H282 3ZM Y . -2.13 30.68 25.65
H281 3ZM Y . -2.48 31.36 24.07
H043 3ZM Y . 1.67 30.61 18.41
H042 3ZM Y . 1.62 29.60 17.02
H041 3ZM Y . 2.62 29.18 18.32
H072 3ZM Y . 1.96 26.74 17.06
H071 3ZM Y . 1.68 25.56 18.32
H081 3ZM Y . 0.77 25.31 16.05
H091 3ZM Y . -3.49 28.91 20.48
H101 3ZM Y . -3.37 26.03 21.22
H131 3ZM Y . -6.32 25.50 17.52
H161 3ZM Y . -7.01 20.75 17.86
H191 3ZM Y . -10.22 23.21 14.91
H231 3ZM Y . -4.68 23.87 21.02
H251 3ZM Y . -2.31 27.36 22.87
H261 3ZM Y . -4.48 28.35 23.04
H272 3ZM Y . -4.38 29.99 24.80
H271 3ZM Y . -3.37 28.61 25.19
H291 3ZM Y . -0.73 28.88 24.66
H292 3ZM Y . -0.18 30.43 24.07
H301 3ZM Y . -1.30 30.12 21.91
H302 3ZM Y . -0.37 28.67 22.26
N1 EPE Z . 6.05 16.68 -0.43
C2 EPE Z . 5.82 15.23 -0.36
C3 EPE Z . 5.26 14.87 1.00
N4 EPE Z . 6.10 15.38 2.07
C5 EPE Z . 6.58 16.75 1.97
C6 EPE Z . 7.08 17.07 0.56
C7 EPE Z . 6.72 14.45 2.98
C8 EPE Z . 7.23 15.11 4.26
O8 EPE Z . 8.45 15.79 4.02
C9 EPE Z . 6.54 17.05 -1.77
C10 EPE Z . 5.35 17.36 -2.66
S EPE Z . 5.85 18.25 -4.17
O1S EPE Z . 5.27 17.59 -5.34
O2S EPE Z . 5.37 19.62 -4.10
O3S EPE Z . 7.30 18.23 -4.28
C1 NAG AA . -9.71 0.24 -11.28
C2 NAG AA . -10.20 1.43 -10.45
C3 NAG AA . -9.66 2.72 -11.04
C4 NAG AA . -8.14 2.65 -11.19
C5 NAG AA . -7.74 1.39 -11.95
C6 NAG AA . -6.24 1.18 -12.02
C7 NAG AA . -12.34 0.83 -9.41
C8 NAG AA . -13.82 0.98 -9.49
N2 NAG AA . -11.64 1.46 -10.38
O3 NAG AA . -10.01 3.82 -10.20
O4 NAG AA . -7.65 3.79 -11.88
O5 NAG AA . -8.29 0.23 -11.32
O6 NAG AA . -5.66 1.19 -10.72
O7 NAG AA . -11.79 0.18 -8.53
C1 NAG BA . 0.67 -12.83 -13.13
C2 NAG BA . 0.65 -11.98 -11.86
C3 NAG BA . 1.51 -12.61 -10.77
C4 NAG BA . 1.09 -14.05 -10.54
C5 NAG BA . 1.13 -14.82 -11.86
C6 NAG BA . 0.61 -16.24 -11.73
C7 NAG BA . 0.31 -9.55 -11.99
C8 NAG BA . 0.94 -8.22 -12.33
N2 NAG BA . 1.09 -10.62 -12.15
O3 NAG BA . 1.37 -11.87 -9.57
O4 NAG BA . 1.97 -14.68 -9.61
O5 NAG BA . 0.28 -14.17 -12.82
O6 NAG BA . -0.75 -16.34 -12.10
O7 NAG BA . -0.85 -9.64 -11.61
C1 NAG CA . -27.77 -22.47 -14.27
C2 NAG CA . -29.22 -22.35 -14.74
C3 NAG CA . -30.03 -23.56 -14.27
C4 NAG CA . -29.34 -24.85 -14.69
C5 NAG CA . -27.90 -24.86 -14.17
C6 NAG CA . -27.12 -26.08 -14.61
C7 NAG CA . -30.41 -20.23 -15.07
C8 NAG CA . -31.00 -19.02 -14.41
N2 NAG CA . -29.83 -21.13 -14.27
O3 NAG CA . -31.34 -23.51 -14.83
O4 NAG CA . -30.03 -25.98 -14.15
O5 NAG CA . -27.21 -23.71 -14.69
O6 NAG CA . -26.68 -25.95 -15.97
O7 NAG CA . -30.46 -20.40 -16.29
C1 NAG DA . -17.16 10.44 -11.44
C2 NAG DA . -16.36 11.46 -12.25
C3 NAG DA . -15.96 12.62 -11.34
C4 NAG DA . -17.17 13.19 -10.63
C5 NAG DA . -17.95 12.08 -9.93
C6 NAG DA . -19.25 12.55 -9.31
C7 NAG DA . -14.94 10.90 -14.17
C8 NAG DA . -13.68 10.23 -14.63
N2 NAG DA . -15.19 10.86 -12.85
O3 NAG DA . -15.33 13.63 -12.12
O4 NAG DA . -16.76 14.15 -9.66
O5 NAG DA . -18.29 11.05 -10.87
O6 NAG DA . -20.32 12.49 -10.24
O7 NAG DA . -15.69 11.48 -14.95
C1 NAG EA . -12.70 -13.90 -1.44
C2 NAG EA . -11.94 -14.93 -0.60
C3 NAG EA . -11.86 -14.48 0.86
C4 NAG EA . -11.29 -13.07 0.95
C5 NAG EA . -12.12 -12.13 0.07
C6 NAG EA . -11.56 -10.73 0.04
C7 NAG EA . -12.01 -17.26 -1.36
C8 NAG EA . -12.77 -18.55 -1.35
N2 NAG EA . -12.55 -16.24 -0.69
O3 NAG EA . -11.04 -15.38 1.59
O4 NAG EA . -11.33 -12.61 2.29
O5 NAG EA . -12.11 -12.61 -1.27
O6 NAG EA . -12.28 -9.91 -0.88
O7 NAG EA . -10.93 -17.15 -1.94
C1 NAG FA . -34.24 -27.44 -4.11
C2 NAG FA . -33.39 -28.69 -3.91
C3 NAG FA . -34.25 -29.94 -4.07
C4 NAG FA . -35.46 -29.87 -3.15
C5 NAG FA . -36.22 -28.57 -3.40
C6 NAG FA . -37.39 -28.38 -2.45
C7 NAG FA . -31.00 -28.56 -4.45
C8 NAG FA . -29.97 -28.62 -5.56
N2 NAG FA . -32.28 -28.72 -4.84
O3 NAG FA . -33.47 -31.09 -3.75
O4 NAG FA . -36.33 -30.98 -3.42
O5 NAG FA . -35.35 -27.46 -3.21
O6 NAG FA . -37.60 -27.01 -2.18
O7 NAG FA . -30.69 -28.37 -3.29
C1 NAG GA . -25.02 -24.13 4.57
C2 NAG GA . -25.24 -25.64 4.73
C3 NAG GA . -24.33 -26.21 5.82
C4 NAG GA . -22.89 -25.79 5.58
C5 NAG GA . -22.80 -24.28 5.46
C6 NAG GA . -21.40 -23.78 5.17
C7 NAG GA . -27.29 -27.01 4.58
C8 NAG GA . -28.72 -27.12 5.01
N2 NAG GA . -26.64 -25.93 5.03
O3 NAG GA . -24.44 -27.63 5.82
O4 NAG GA . -22.06 -26.23 6.66
O5 NAG GA . -23.63 -23.86 4.38
O6 NAG GA . -21.24 -22.42 5.56
O7 NAG GA . -26.75 -27.85 3.87
C1 NAG HA . -9.39 1.46 7.10
C2 NAG HA . -8.31 2.12 6.24
C3 NAG HA . -7.01 1.32 6.31
C4 NAG HA . -6.60 1.08 7.76
C5 NAG HA . -7.75 0.44 8.51
C6 NAG HA . -7.46 0.26 9.99
C7 NAG HA . -9.51 3.25 4.42
C8 NAG HA . -9.87 3.21 2.96
N2 NAG HA . -8.75 2.24 4.86
O3 NAG HA . -5.98 2.04 5.63
O4 NAG HA . -5.46 0.23 7.81
O5 NAG HA . -8.91 1.28 8.43
O6 NAG HA . -7.44 -1.11 10.35
O7 NAG HA . -9.90 4.15 5.16
C1 NAG IA . -40.78 -7.78 -0.45
C2 NAG IA . -41.63 -6.63 -1.00
C3 NAG IA . -41.74 -5.50 0.03
C4 NAG IA . -42.21 -6.05 1.37
C5 NAG IA . -41.32 -7.20 1.81
C6 NAG IA . -41.80 -7.87 3.09
C7 NAG IA . -41.82 -5.92 -3.34
C8 NAG IA . -41.09 -5.39 -4.54
N2 NAG IA . -41.08 -6.12 -2.25
O3 NAG IA . -42.63 -4.50 -0.44
O4 NAG IA . -42.18 -5.03 2.35
O5 NAG IA . -41.32 -8.21 0.79
O6 NAG IA . -42.45 -9.11 2.81
O7 NAG IA . -43.03 -6.13 -3.36
C1 NAG JA . -33.25 -9.91 9.13
C2 NAG JA . -34.78 -9.86 9.00
C3 NAG JA . -35.42 -9.96 10.39
C4 NAG JA . -34.89 -11.17 11.14
C5 NAG JA . -33.37 -11.14 11.18
C6 NAG JA . -32.77 -12.36 11.82
C7 NAG JA . -35.79 -8.67 7.12
C8 NAG JA . -35.99 -10.02 6.49
N2 NAG JA . -35.22 -8.66 8.33
O3 NAG JA . -36.84 -10.05 10.25
O4 NAG JA . -35.40 -11.18 12.47
O5 NAG JA . -32.85 -11.07 9.84
O6 NAG JA . -33.74 -13.13 12.53
O7 NAG JA . -36.16 -7.65 6.56
C1 NAG KA . -21.47 -23.73 -9.63
C2 NAG KA . -21.08 -24.45 -10.93
C3 NAG KA . -20.40 -25.78 -10.62
C4 NAG KA . -19.23 -25.57 -9.69
C5 NAG KA . -19.70 -24.82 -8.43
C6 NAG KA . -18.56 -24.48 -7.49
C7 NAG KA . -22.49 -23.95 -12.88
C8 NAG KA . -21.48 -22.91 -13.22
N2 NAG KA . -22.26 -24.65 -11.77
O3 NAG KA . -19.95 -26.37 -11.84
O4 NAG KA . -18.67 -26.81 -9.30
O5 NAG KA . -20.31 -23.59 -8.81
O6 NAG KA . -18.41 -23.07 -7.35
O7 NAG KA . -23.49 -24.14 -13.58
C15 3ZM LA . -36.18 -8.32 -17.61
C17 3ZM LA . -35.09 -10.42 -16.78
C20 3ZM LA . -37.10 -9.21 -18.19
C22 3ZM LA . -35.46 -5.83 -16.95
C28 3ZM LA . -39.40 2.61 -18.44
C01 3ZM LA . -36.18 -0.38 -21.32
N02 3ZM LA . -36.01 0.73 -22.03
C03 3ZM LA . -34.84 0.64 -22.91
C04 3ZM LA . -34.38 1.75 -23.86
C05 3ZM LA . -34.19 -0.56 -22.81
S06 3ZM LA . -34.96 -1.59 -21.65
C07 3ZM LA . -32.97 -1.21 -23.43
O08 3ZM LA . -33.33 -1.89 -24.62
C09 3ZM LA . -37.22 -0.89 -20.22
N10 3ZM LA . -36.67 -2.09 -19.45
C11 3ZM LA . -37.32 -3.34 -19.17
C12 3ZM LA . -36.69 -4.52 -18.40
N13 3ZM LA . -36.95 -5.91 -18.60
C14 3ZM LA . -36.19 -6.75 -17.71
C16 3ZM LA . -35.16 -9.01 -16.89
C18 3ZM LA . -36.04 -11.21 -17.37
C19 3ZM LA . -37.07 -10.62 -18.09
CL21 3ZM LA . -35.97 -12.99 -17.24
C23 3ZM LA . -35.76 -4.48 -17.36
O24 3ZM LA . -38.48 -3.46 -19.61
C25 3ZM LA . -37.70 0.25 -19.13
N26 3ZM LA . -39.17 0.15 -18.90
C27 3ZM LA . -39.72 1.19 -17.98
C29 3ZM LA . -37.91 2.76 -18.67
C30 3ZM LA . -37.38 1.67 -19.59
H171 3ZM LA . -34.24 -10.89 -16.18
H201 3ZM LA . -37.94 -8.78 -18.77
H221 3ZM LA . -34.77 -6.04 -16.16
H282 3ZM LA . -39.77 3.36 -17.70
H281 3ZM LA . -39.97 2.87 -19.36
H043 3ZM LA . -34.90 2.74 -23.87
H042 3ZM LA . -34.40 1.49 -24.94
H041 3ZM LA . -33.32 2.06 -23.77
H072 3ZM LA . -32.16 -0.49 -23.63
H071 3ZM LA . -32.48 -1.96 -22.76
H081 3ZM LA . -33.71 -1.22 -25.21
H091 3ZM LA . -38.14 -1.25 -20.72
H101 3ZM LA . -35.74 -2.03 -19.08
H131 3ZM LA . -37.58 -6.23 -19.29
H161 3ZM LA . -34.36 -8.43 -16.39
H191 3ZM LA . -37.83 -11.29 -18.57
H231 3ZM LA . -35.33 -3.59 -16.93
H251 3ZM LA . -37.16 0.05 -18.16
H261 3ZM LA . -39.41 -0.76 -18.50
H272 3ZM LA . -39.27 1.05 -16.96
H271 3ZM LA . -40.82 1.11 -17.77
H291 3ZM LA . -37.70 3.77 -19.11
H292 3ZM LA . -37.36 2.78 -17.71
H301 3ZM LA . -37.74 1.84 -20.62
H302 3ZM LA . -36.27 1.77 -19.67
N1 EPE MA . -24.07 -13.83 -36.11
C2 EPE MA . -22.95 -14.57 -35.50
C3 EPE MA . -22.72 -14.10 -34.07
N4 EPE MA . -22.42 -12.68 -34.05
C5 EPE MA . -22.60 -12.00 -35.32
C6 EPE MA . -23.94 -12.36 -35.94
C7 EPE MA . -21.47 -12.18 -33.08
C8 EPE MA . -21.77 -10.75 -32.62
O8 EPE MA . -21.47 -9.83 -33.66
C9 EPE MA . -24.13 -14.15 -37.55
C10 EPE MA . -24.94 -15.43 -37.76
S EPE MA . -25.48 -15.64 -39.48
O1S EPE MA . -25.12 -16.98 -39.93
O2S EPE MA . -26.91 -15.45 -39.55
O3S EPE MA . -24.81 -14.66 -40.32
C1 NAG NA . 38.75 -20.80 28.63
C2 NAG NA . 38.34 -19.65 29.55
C3 NAG NA . 38.91 -18.34 29.04
C4 NAG NA . 40.41 -18.46 28.84
C5 NAG NA . 40.73 -19.66 27.96
C6 NAG NA . 42.22 -19.91 27.81
C7 NAG NA . 36.21 -20.32 30.56
C8 NAG NA . 34.71 -20.11 30.56
N2 NAG NA . 36.90 -19.57 29.68
O3 NAG NA . 38.62 -17.30 29.97
O4 NAG NA . 40.91 -17.27 28.21
O5 NAG NA . 40.17 -20.85 28.53
O6 NAG NA . 42.79 -20.38 29.02
O7 NAG NA . 36.75 -21.10 31.33
C1 NAG OA . 49.36 -33.23 26.50
C2 NAG OA . 49.21 -32.37 27.76
C3 NAG OA . 50.24 -32.79 28.81
C4 NAG OA . 50.15 -34.29 29.06
C5 NAG OA . 50.28 -35.05 27.75
C6 NAG OA . 50.11 -36.55 27.90
C7 NAG OA . 48.33 -30.09 27.51
C8 NAG OA . 48.66 -28.67 27.16
N2 NAG OA . 49.35 -30.96 27.44
O3 NAG OA . 49.99 -32.08 30.02
O4 NAG OA . 51.19 -34.69 29.94
O5 NAG OA . 49.26 -34.61 26.84
O6 NAG OA . 48.92 -37.00 27.28
O7 NAG OA . 47.20 -30.44 27.84
C1 NAG PA . 20.09 -42.92 24.72
C2 NAG PA . 18.64 -42.73 24.26
C3 NAG PA . 17.80 -43.95 24.65
C4 NAG PA . 18.44 -45.23 24.14
C5 NAG PA . 19.87 -45.31 24.65
C6 NAG PA . 20.62 -46.52 24.13
C7 NAG PA . 17.46 -40.59 24.06
C8 NAG PA . 16.92 -39.40 24.79
N2 NAG PA . 18.06 -41.52 24.81
O3 NAG PA . 16.49 -43.82 24.11
O4 NAG PA . 17.71 -46.36 24.60
O5 NAG PA . 20.61 -44.16 24.22
O6 NAG PA . 21.19 -46.27 22.85
O7 NAG PA . 17.36 -40.70 22.84
C1 NAG QA . 31.70 -10.41 28.67
C2 NAG QA . 32.47 -9.42 27.81
C3 NAG QA . 32.82 -8.17 28.61
C4 NAG QA . 31.57 -7.58 29.27
C5 NAG QA . 30.86 -8.66 30.08
C6 NAG QA . 29.55 -8.19 30.67
C7 NAG QA . 34.00 -9.96 25.97
C8 NAG QA . 35.28 -10.64 25.59
N2 NAG QA . 33.67 -10.02 27.27
O3 NAG QA . 33.41 -7.20 27.75
O4 NAG QA . 31.92 -6.50 30.12
O5 NAG QA . 30.55 -9.77 29.22
O6 NAG QA . 28.46 -8.46 29.81
O7 NAG QA . 33.31 -9.37 25.15
C1 NAG RA . 35.35 -35.20 37.96
C2 NAG RA . 36.09 -36.28 38.77
C3 NAG RA . 36.15 -35.89 40.24
C4 NAG RA . 36.72 -34.48 40.40
C5 NAG RA . 35.95 -33.50 39.54
C6 NAG RA . 36.52 -32.11 39.56
C7 NAG RA . 36.04 -38.61 38.00
C8 NAG RA . 35.24 -39.88 37.93
N2 NAG RA . 35.45 -37.57 38.61
O3 NAG RA . 36.95 -36.82 40.95
O4 NAG RA . 36.66 -34.08 41.76
O5 NAG RA . 35.97 -33.94 38.17
O6 NAG RA . 35.76 -31.22 38.76
O7 NAG RA . 37.17 -38.53 37.53
C1 NAG SA . 13.53 -48.16 34.48
C2 NAG SA . 14.36 -49.43 34.67
C3 NAG SA . 13.50 -50.66 34.37
C4 NAG SA . 12.23 -50.64 35.21
C5 NAG SA . 11.50 -49.31 34.98
C6 NAG SA . 10.28 -49.17 35.86
C7 NAG SA . 16.78 -49.32 34.31
C8 NAG SA . 17.89 -49.32 33.28
N2 NAG SA . 15.55 -49.42 33.82
O3 NAG SA . 14.26 -51.83 34.67
O4 NAG SA . 11.39 -51.71 34.83
O5 NAG SA . 12.37 -48.22 35.31
O6 NAG SA . 10.14 -47.84 36.35
O7 NAG SA . 17.01 -49.24 35.51
C1 NAG TA . 22.66 -45.38 43.62
C2 NAG TA . 22.53 -46.90 43.70
C3 NAG TA . 23.39 -47.46 44.82
C4 NAG TA . 24.82 -46.96 44.70
C5 NAG TA . 24.84 -45.44 44.61
C6 NAG TA . 26.22 -44.87 44.39
C7 NAG TA . 20.61 -48.40 43.36
C8 NAG TA . 19.16 -48.65 43.66
N2 NAG TA . 21.13 -47.29 43.88
O3 NAG TA . 23.37 -48.88 44.77
O4 NAG TA . 25.60 -47.38 45.82
O5 NAG TA . 24.03 -45.02 43.51
O6 NAG TA . 26.25 -43.47 44.65
O7 NAG TA . 21.27 -49.18 42.67
C1 NAG UA . 39.03 -19.96 46.94
C2 NAG UA . 40.16 -19.16 46.29
C3 NAG UA . 41.44 -20.01 46.19
C4 NAG UA . 41.78 -20.61 47.54
C5 NAG UA . 40.57 -21.36 48.11
C6 NAG UA . 40.81 -21.91 49.49
C7 NAG UA . 39.43 -19.40 43.93
C8 NAG UA . 39.47 -20.89 44.15
N2 NAG UA . 39.78 -18.65 44.99
O3 NAG UA . 42.51 -19.21 45.72
O4 NAG UA . 42.88 -21.52 47.41
O5 NAG UA . 39.46 -20.47 48.20
O6 NAG UA . 41.04 -20.86 50.44
O7 NAG UA . 39.12 -18.91 42.86
C1 NAG VA . 7.43 -28.44 39.17
C2 NAG VA . 6.60 -27.24 38.70
C3 NAG VA . 6.57 -26.16 39.78
C4 NAG VA . 6.10 -26.75 41.11
C5 NAG VA . 6.95 -27.95 41.48
C6 NAG VA . 6.49 -28.66 42.74
C7 NAG VA . 6.36 -26.40 36.41
C8 NAG VA . 7.07 -25.86 35.21
N2 NAG VA . 7.13 -26.71 37.46
O3 NAG VA . 5.70 -25.12 39.38
O4 NAG VA . 6.20 -25.77 42.13
O5 NAG VA . 6.90 -28.92 40.42
O6 NAG VA . 5.72 -29.81 42.42
O7 NAG VA . 5.14 -26.56 36.43
C1 NAG WA . 14.82 -30.65 48.63
C2 NAG WA . 13.30 -30.48 48.58
C3 NAG WA . 12.70 -30.64 49.97
C4 NAG WA . 13.15 -31.95 50.59
C5 NAG WA . 14.68 -32.03 50.58
C6 NAG WA . 15.20 -33.35 51.09
C7 NAG WA . 12.09 -29.05 46.98
C8 NAG WA . 11.52 -30.33 46.42
N2 NAG WA . 12.94 -29.19 48.01
O3 NAG WA . 11.28 -30.62 49.87
O4 NAG WA . 12.69 -32.05 51.93
O5 NAG WA . 15.14 -31.90 49.23
O6 NAG WA . 14.17 -34.15 51.67
O7 NAG WA . 11.80 -27.95 46.53
C1 NAG XA . 26.34 -44.52 29.49
C2 NAG XA . 26.66 -45.29 28.21
C3 NAG XA . 27.29 -46.63 28.54
C4 NAG XA . 28.49 -46.44 29.46
C5 NAG XA . 28.08 -45.63 30.69
C6 NAG XA . 29.25 -45.30 31.59
C7 NAG XA . 25.16 -44.69 26.35
C8 NAG XA . 26.14 -43.60 26.04
N2 NAG XA . 25.46 -45.46 27.40
O3 NAG XA . 27.69 -47.28 27.34
O4 NAG XA . 28.99 -47.71 29.88
O5 NAG XA . 27.52 -44.38 30.28
O6 NAG XA . 29.41 -43.89 31.74
O7 NAG XA . 24.15 -44.86 25.68
C15 3ZM YA . 12.19 -28.02 22.09
C17 3ZM YA . 13.27 -30.23 22.62
C20 3ZM YA . 11.04 -28.80 21.91
C22 3ZM YA . 13.21 -25.59 22.55
C28 3ZM YA . 10.40 -16.66 21.81
C01 3ZM YA . 12.37 -20.16 18.31
N02 3ZM YA . 12.25 -19.34 17.26
C03 3ZM YA . 13.31 -19.53 16.28
C04 3ZM YA . 13.44 -18.74 14.98
C05 3ZM YA . 14.21 -20.52 16.65
S06 3ZM YA . 13.77 -21.21 18.17
C07 3ZM YA . 15.46 -21.14 16.07
O08 3ZM YA . 15.28 -22.53 15.88
C09 3ZM YA . 11.57 -20.42 19.65
N10 3ZM YA . 12.04 -21.70 20.38
C11 3ZM YA . 11.43 -22.99 20.41
C12 3ZM YA . 11.99 -24.21 21.17
N13 3ZM YA . 11.57 -25.59 21.05
C14 3ZM YA . 12.31 -26.46 21.90
C16 3ZM YA . 13.32 -28.81 22.45
C18 3ZM YA . 12.09 -30.91 22.44
C19 3ZM YA . 10.95 -30.21 22.08
CL21 3ZM YA . 12.01 -32.69 22.64
C23 3ZM YA . 13.00 -24.23 22.11
O24 3ZM YA . 10.37 -23.11 19.76
C25 3ZM YA . 11.65 -19.16 20.70
N26 3ZM YA . 10.48 -19.17 21.64
C27 3ZM YA . 10.42 -17.99 22.56
C29 3ZM YA . 11.58 -16.58 20.87
C30 3ZM YA . 11.68 -17.81 19.96
H171 3ZM YA . 14.21 -30.78 22.91
H201 3ZM YA . 10.10 -28.28 21.62
H221 3ZM YA . 13.95 -25.84 23.29
H282 3ZM YA . 9.44 -16.53 21.28
H281 3ZM YA . 10.41 -15.82 22.54
H043 3ZM YA . 12.75 -17.91 14.75
H042 3ZM YA . 13.37 -19.35 14.05
H041 3ZM YA . 14.43 -18.26 14.81
H072 3ZM YA . 15.76 -20.67 15.11
H071 3ZM YA . 16.36 -20.99 16.72
H081 3ZM YA . 14.41 -22.74 16.26
H091 3ZM YA . 10.49 -20.57 19.42
H101 3ZM YA . 12.88 -21.64 20.92
H131 3ZM YA . 10.85 -25.86 20.43
H161 3ZM YA . 14.29 -28.33 22.61
H191 3ZM YA . 10.00 -30.79 21.92
H231 3ZM YA . 13.56 -23.37 22.45
H251 3ZM YA . 12.60 -19.26 21.30
H261 3ZM YA . 10.50 -20.01 22.23
H272 3ZM YA . 9.49 -18.07 23.17
H271 3ZM YA . 11.22 -17.98 23.33
H291 3ZM YA . 11.49 -15.67 20.24
H292 3ZM YA . 12.51 -16.42 21.44
H301 3ZM YA . 10.88 -17.77 19.19
H302 3ZM YA . 12.62 -17.76 19.39
N1 EPE ZA . 24.70 -33.33 2.73
C2 EPE ZA . 24.82 -34.46 3.64
C3 EPE ZA . 25.85 -34.13 4.71
N4 EPE ZA . 25.74 -32.78 5.25
C5 EPE ZA . 25.25 -31.71 4.40
C6 EPE ZA . 24.16 -32.18 3.44
C7 EPE ZA . 26.66 -32.42 6.32
C8 EPE ZA . 26.43 -31.01 6.85
O8 EPE ZA . 27.03 -30.06 6.01
C9 EPE ZA . 23.93 -33.64 1.52
C10 EPE ZA . 23.46 -35.09 1.53
S EPE ZA . 22.72 -35.55 -0.06
O1S EPE ZA . 23.24 -36.84 -0.49
O2S EPE ZA . 21.27 -35.64 0.10
O3S EPE ZA . 23.04 -34.53 -1.05
#